data_6DTQ
#
_entry.id   6DTQ
#
_cell.length_a   82.370
_cell.length_b   124.034
_cell.length_c   174.847
_cell.angle_alpha   90.000
_cell.angle_beta   90.000
_cell.angle_gamma   90.000
#
_symmetry.space_group_name_H-M   'P 21 21 21'
#
loop_
_entity.id
_entity.type
_entity.pdbx_description
1 polymer 'maltose-binding protein MalE3'
2 branched alpha-D-glucopyranose-(1-4)-alpha-D-glucopyranose
3 non-polymer 'MAGNESIUM ION'
4 water water
#
_entity_poly.entity_id   1
_entity_poly.type   'polypeptide(L)'
_entity_poly.pdbx_seq_one_letter_code
;MAVKITMTSGGVGKELEVLKKQLEMFHQQYPDIEVEIIPMPDSSTERHDLYVTYFAAGETDPDVLMLDVIWPAEFAPFLE
DLTADKDYFELGEFLPGTVMSVTVNGRIVAVPWFTDAGLLYYRKDLLEKYGYDHAPRTWDELVEMAKKISQAEGIHGFVW
QGARYEGLVCDFLEYLWSFGGDVLDESGKVVIDSPEAVAALQFMVDLIYKHKVTPEGVTTYMEEDARRIFQNGEAVFMRN
WPYAWSLVNSDESPIKGKVGVAPLPMGPGGRRAATLGGWVLGINKFSSPEEKEAAKKLIKFLTSYDQQLYKAINAGQNPT
RKAVYKDPKLKEAAPFMVELLGVFINALPRPRVANYTEVSDVIQRYVHAALTRQTTSEDAIKNIAKELKFLLGQHHHHHH
;
_entity_poly.pdbx_strand_id   A,B,C,D
#
loop_
_chem_comp.id
_chem_comp.type
_chem_comp.name
_chem_comp.formula
GLC D-saccharide, alpha linking alpha-D-glucopyranose 'C6 H12 O6'
MG non-polymer 'MAGNESIUM ION' 'Mg 2'
#
# COMPACT_ATOMS: atom_id res chain seq x y z
N ALA A 2 29.29 -9.67 50.45
CA ALA A 2 28.89 -10.00 51.81
C ALA A 2 27.45 -9.59 52.08
N VAL A 3 26.99 -8.57 51.36
CA VAL A 3 25.61 -8.09 51.44
C VAL A 3 24.96 -8.31 50.08
N LYS A 4 23.80 -8.97 50.09
CA LYS A 4 23.08 -9.35 48.88
C LYS A 4 21.83 -8.49 48.69
N ILE A 5 21.72 -7.89 47.51
CA ILE A 5 20.55 -7.11 47.14
C ILE A 5 20.08 -7.56 45.76
N THR A 6 18.82 -7.26 45.46
CA THR A 6 18.21 -7.58 44.18
C THR A 6 17.74 -6.31 43.49
N MET A 7 17.68 -6.35 42.16
CA MET A 7 17.30 -5.20 41.35
C MET A 7 16.46 -5.66 40.16
N THR A 8 15.36 -4.98 39.90
CA THR A 8 14.56 -5.26 38.72
C THR A 8 15.12 -4.54 37.50
N SER A 9 14.96 -5.17 36.34
CA SER A 9 15.41 -4.59 35.09
C SER A 9 14.54 -5.09 33.95
N GLY A 10 14.29 -4.22 32.98
CA GLY A 10 13.65 -4.64 31.75
C GLY A 10 14.65 -5.27 30.80
N GLY A 11 14.12 -5.81 29.71
CA GLY A 11 14.95 -6.44 28.70
C GLY A 11 14.72 -5.86 27.32
N VAL A 12 14.30 -4.59 27.26
CA VAL A 12 14.01 -3.94 26.00
C VAL A 12 15.32 -3.46 25.37
N GLY A 13 15.54 -3.80 24.12
CA GLY A 13 16.76 -3.40 23.45
C GLY A 13 17.97 -4.06 24.08
N LYS A 14 19.00 -3.27 24.35
CA LYS A 14 20.25 -3.76 24.92
C LYS A 14 20.40 -3.40 26.40
N GLU A 15 19.33 -2.92 27.06
CA GLU A 15 19.48 -2.37 28.39
C GLU A 15 19.89 -3.43 29.41
N LEU A 16 19.40 -4.66 29.26
CA LEU A 16 19.78 -5.72 30.19
C LEU A 16 21.23 -6.13 29.99
N GLU A 17 21.64 -6.26 28.73
CA GLU A 17 23.03 -6.59 28.43
C GLU A 17 23.98 -5.53 28.98
N VAL A 18 23.60 -4.25 28.85
CA VAL A 18 24.45 -3.16 29.33
C VAL A 18 24.49 -3.14 30.85
N LEU A 19 23.36 -3.41 31.50
CA LEU A 19 23.32 -3.39 32.95
C LEU A 19 24.23 -4.46 33.56
N LYS A 20 24.29 -5.64 32.94
CA LYS A 20 25.16 -6.70 33.44
C LYS A 20 26.62 -6.25 33.43
N LYS A 21 27.01 -5.55 32.37
CA LYS A 21 28.35 -4.99 32.27
C LYS A 21 28.56 -3.89 33.30
N GLN A 22 27.53 -3.06 33.55
CA GLN A 22 27.64 -2.04 34.58
C GLN A 22 27.77 -2.67 35.97
N LEU A 23 27.06 -3.77 36.20
CA LEU A 23 27.17 -4.45 37.49
C LEU A 23 28.55 -5.07 37.67
N GLU A 24 29.18 -5.52 36.59
CA GLU A 24 30.54 -6.03 36.68
C GLU A 24 31.51 -4.95 37.10
N MET A 25 31.35 -3.74 36.53
CA MET A 25 32.15 -2.60 36.96
C MET A 25 31.84 -2.22 38.40
N PHE A 26 30.57 -2.32 38.79
CA PHE A 26 30.18 -2.01 40.16
C PHE A 26 30.89 -2.92 41.16
N HIS A 27 31.01 -4.21 40.83
CA HIS A 27 31.61 -5.15 41.77
C HIS A 27 33.11 -4.91 41.93
N GLN A 28 33.77 -4.36 40.91
CA GLN A 28 35.17 -3.99 41.05
C GLN A 28 35.35 -2.90 42.09
N GLN A 29 34.35 -2.04 42.26
N GLN A 29 34.36 -2.03 42.25
CA GLN A 29 34.41 -0.94 43.21
CA GLN A 29 34.45 -0.95 43.23
C GLN A 29 33.83 -1.31 44.56
C GLN A 29 33.85 -1.34 44.58
N TYR A 30 32.84 -2.21 44.59
CA TYR A 30 32.21 -2.68 45.83
C TYR A 30 32.16 -4.19 45.84
N PRO A 31 33.26 -4.87 46.20
CA PRO A 31 33.22 -6.33 46.26
C PRO A 31 32.41 -6.84 47.44
N ASP A 32 32.09 -5.98 48.40
CA ASP A 32 31.29 -6.35 49.56
C ASP A 32 29.79 -6.36 49.28
N ILE A 33 29.38 -6.10 48.03
CA ILE A 33 27.97 -6.06 47.66
C ILE A 33 27.79 -6.93 46.42
N GLU A 34 26.77 -7.80 46.46
CA GLU A 34 26.41 -8.63 45.33
C GLU A 34 24.98 -8.34 44.92
N VAL A 35 24.76 -8.21 43.61
CA VAL A 35 23.48 -7.79 43.05
C VAL A 35 22.95 -8.89 42.14
N GLU A 36 21.68 -9.26 42.34
CA GLU A 36 20.96 -10.18 41.48
C GLU A 36 19.92 -9.42 40.68
N ILE A 37 19.84 -9.71 39.39
CA ILE A 37 18.89 -9.05 38.50
C ILE A 37 17.60 -9.87 38.45
N ILE A 38 16.46 -9.19 38.59
CA ILE A 38 15.15 -9.77 38.40
C ILE A 38 14.57 -9.19 37.11
N PRO A 39 14.47 -9.96 36.03
CA PRO A 39 13.99 -9.40 34.78
C PRO A 39 12.48 -9.14 34.80
N MET A 40 12.05 -8.18 34.00
N MET A 40 12.05 -8.18 34.00
CA MET A 40 10.68 -7.70 33.98
CA MET A 40 10.68 -7.69 33.97
C MET A 40 10.08 -7.83 32.58
C MET A 40 10.09 -7.85 32.58
N PRO A 41 8.76 -7.87 32.46
CA PRO A 41 8.14 -7.86 31.14
C PRO A 41 8.34 -6.51 30.44
N ASP A 42 8.21 -6.55 29.11
CA ASP A 42 8.42 -5.34 28.32
C ASP A 42 7.37 -4.27 28.63
N SER A 43 6.14 -4.67 28.93
CA SER A 43 5.04 -3.72 29.07
C SER A 43 5.14 -3.01 30.42
N SER A 44 5.11 -1.67 30.38
CA SER A 44 5.08 -0.89 31.62
C SER A 44 3.82 -1.14 32.43
N THR A 45 2.68 -1.27 31.76
CA THR A 45 1.43 -1.56 32.47
C THR A 45 1.54 -2.88 33.21
N GLU A 46 2.12 -3.89 32.58
CA GLU A 46 2.26 -5.19 33.23
C GLU A 46 3.27 -5.13 34.37
N ARG A 47 4.35 -4.37 34.18
CA ARG A 47 5.33 -4.17 35.26
C ARG A 47 4.66 -3.56 36.48
N HIS A 48 3.79 -2.57 36.27
CA HIS A 48 3.10 -1.92 37.36
C HIS A 48 2.36 -2.92 38.23
N ASP A 49 1.66 -3.87 37.60
CA ASP A 49 0.90 -4.85 38.37
C ASP A 49 1.81 -5.76 39.18
N LEU A 50 2.99 -6.09 38.63
CA LEU A 50 3.97 -6.87 39.38
C LEU A 50 4.42 -6.15 40.64
N TYR A 51 4.67 -4.85 40.55
CA TYR A 51 5.11 -4.08 41.71
C TYR A 51 4.03 -4.02 42.78
N VAL A 52 2.76 -3.93 42.36
CA VAL A 52 1.66 -3.88 43.32
C VAL A 52 1.64 -5.13 44.19
N THR A 53 1.86 -6.30 43.58
CA THR A 53 1.88 -7.54 44.35
C THR A 53 3.11 -7.62 45.24
N TYR A 54 4.23 -7.05 44.81
CA TYR A 54 5.41 -6.97 45.68
C TYR A 54 5.10 -6.18 46.94
N PHE A 55 4.52 -4.98 46.79
CA PHE A 55 4.27 -4.12 47.94
C PHE A 55 3.13 -4.67 48.80
N ALA A 56 2.11 -5.26 48.17
CA ALA A 56 0.99 -5.80 48.93
C ALA A 56 1.44 -6.91 49.87
N ALA A 57 2.37 -7.76 49.41
CA ALA A 57 2.86 -8.86 50.24
C ALA A 57 3.93 -8.42 51.24
N GLY A 58 4.42 -7.19 51.15
CA GLY A 58 5.46 -6.75 52.06
C GLY A 58 6.79 -7.44 51.82
N GLU A 59 7.11 -7.73 50.56
CA GLU A 59 8.27 -8.55 50.24
C GLU A 59 9.54 -7.73 50.47
N THR A 60 10.59 -8.40 50.97
CA THR A 60 11.89 -7.76 51.16
C THR A 60 12.74 -7.84 49.89
N ASP A 61 12.15 -8.31 48.79
CA ASP A 61 12.76 -8.30 47.48
C ASP A 61 11.69 -7.88 46.48
N PRO A 62 12.06 -7.12 45.44
CA PRO A 62 13.39 -6.58 45.14
C PRO A 62 13.76 -5.37 45.98
N ASP A 63 15.06 -5.09 46.09
CA ASP A 63 15.54 -3.97 46.87
C ASP A 63 15.60 -2.67 46.06
N VAL A 64 16.14 -2.74 44.84
CA VAL A 64 16.20 -1.59 43.95
C VAL A 64 15.13 -1.75 42.88
N LEU A 65 14.28 -0.72 42.75
CA LEU A 65 13.12 -0.77 41.86
C LEU A 65 13.37 0.14 40.66
N MET A 66 13.31 -0.43 39.47
CA MET A 66 13.30 0.36 38.24
C MET A 66 11.87 0.83 37.99
N LEU A 67 11.62 2.11 38.21
CA LEU A 67 10.27 2.65 38.23
C LEU A 67 10.04 3.56 37.03
N ASP A 68 8.85 3.44 36.44
CA ASP A 68 8.46 4.34 35.37
C ASP A 68 8.17 5.72 35.96
N VAL A 69 8.49 6.77 35.19
CA VAL A 69 8.35 8.14 35.68
C VAL A 69 6.90 8.48 36.05
N ILE A 70 5.94 7.65 35.63
CA ILE A 70 4.53 7.89 35.93
C ILE A 70 4.09 7.33 37.28
N TRP A 71 4.94 6.56 37.96
CA TRP A 71 4.56 5.84 39.17
C TRP A 71 4.90 6.52 40.51
N PRO A 72 5.88 7.44 40.61
CA PRO A 72 6.27 7.96 41.94
C PRO A 72 5.11 8.42 42.82
N ALA A 73 4.10 9.08 42.24
CA ALA A 73 2.97 9.55 43.05
C ALA A 73 2.20 8.38 43.66
N GLU A 74 2.06 7.28 42.91
CA GLU A 74 1.31 6.14 43.41
C GLU A 74 2.11 5.32 44.41
N PHE A 75 3.40 5.10 44.13
CA PHE A 75 4.21 4.17 44.92
C PHE A 75 4.98 4.85 46.04
N ALA A 76 4.78 6.15 46.27
CA ALA A 76 5.53 6.83 47.31
C ALA A 76 5.37 6.21 48.70
N PRO A 77 4.20 5.74 49.12
CA PRO A 77 4.12 5.07 50.44
C PRO A 77 5.07 3.89 50.60
N PHE A 78 5.47 3.25 49.52
CA PHE A 78 6.26 2.02 49.59
C PHE A 78 7.73 2.24 49.26
N LEU A 79 8.16 3.49 49.09
CA LEU A 79 9.53 3.79 48.71
C LEU A 79 10.27 4.47 49.84
N GLU A 80 11.56 4.19 49.94
CA GLU A 80 12.42 4.82 50.95
C GLU A 80 12.55 6.30 50.67
N ASP A 81 12.36 7.11 51.71
CA ASP A 81 12.51 8.55 51.58
C ASP A 81 13.98 8.91 51.41
N LEU A 82 14.32 9.56 50.31
CA LEU A 82 15.71 9.90 49.98
C LEU A 82 16.00 11.38 50.10
N THR A 83 15.09 12.16 50.68
CA THR A 83 15.27 13.62 50.73
C THR A 83 16.56 14.00 51.44
N ALA A 84 16.89 13.30 52.53
CA ALA A 84 18.13 13.61 53.26
C ALA A 84 19.38 13.25 52.46
N ASP A 85 19.25 12.40 51.43
CA ASP A 85 20.37 12.00 50.60
C ASP A 85 20.47 12.82 49.32
N LYS A 86 19.86 14.02 49.31
CA LYS A 86 19.85 14.86 48.12
C LYS A 86 21.27 15.18 47.66
N ASP A 87 22.12 15.62 48.59
CA ASP A 87 23.50 15.94 48.24
C ASP A 87 24.35 14.70 47.99
N TYR A 88 24.00 13.58 48.65
CA TYR A 88 24.72 12.34 48.43
C TYR A 88 24.61 11.88 46.97
N PHE A 89 23.41 11.99 46.41
CA PHE A 89 23.18 11.63 45.01
C PHE A 89 23.48 12.76 44.04
N GLU A 90 23.87 13.94 44.55
CA GLU A 90 24.25 15.09 43.73
C GLU A 90 23.12 15.48 42.77
N LEU A 91 21.90 15.53 43.32
CA LEU A 91 20.72 15.84 42.51
C LEU A 91 20.79 17.24 41.90
N GLY A 92 21.59 18.14 42.48
CA GLY A 92 21.78 19.44 41.88
C GLY A 92 22.42 19.40 40.51
N GLU A 93 23.09 18.30 40.17
CA GLU A 93 23.73 18.10 38.88
C GLU A 93 22.79 17.51 37.84
N PHE A 94 21.56 17.19 38.20
CA PHE A 94 20.61 16.55 37.30
C PHE A 94 19.74 17.60 36.61
N LEU A 95 19.19 17.21 35.46
CA LEU A 95 18.19 18.00 34.79
C LEU A 95 17.05 18.31 35.76
N PRO A 96 16.75 19.59 36.02
CA PRO A 96 15.75 19.90 37.05
C PRO A 96 14.40 19.26 36.83
N GLY A 97 13.99 19.08 35.57
CA GLY A 97 12.70 18.45 35.31
C GLY A 97 12.63 17.01 35.80
N THR A 98 13.74 16.28 35.68
CA THR A 98 13.76 14.90 36.15
C THR A 98 13.72 14.82 37.67
N VAL A 99 14.31 15.79 38.36
CA VAL A 99 14.23 15.82 39.82
C VAL A 99 12.81 16.13 40.27
N MET A 100 12.13 17.02 39.54
CA MET A 100 10.73 17.30 39.84
C MET A 100 9.87 16.05 39.71
N SER A 101 10.22 15.17 38.77
CA SER A 101 9.41 13.98 38.54
C SER A 101 9.50 12.99 39.71
N VAL A 102 10.58 13.02 40.47
CA VAL A 102 10.76 12.11 41.60
C VAL A 102 10.44 12.79 42.93
N THR A 103 9.92 14.00 42.90
CA THR A 103 9.54 14.73 44.11
C THR A 103 8.03 14.59 44.31
N VAL A 104 7.64 13.97 45.42
CA VAL A 104 6.23 13.76 45.74
C VAL A 104 5.97 14.39 47.10
N ASN A 105 5.15 15.44 47.11
CA ASN A 105 4.82 16.17 48.33
C ASN A 105 6.08 16.65 49.06
N GLY A 106 6.99 17.24 48.28
CA GLY A 106 8.23 17.74 48.82
C GLY A 106 9.25 16.70 49.22
N ARG A 107 8.95 15.41 49.04
CA ARG A 107 9.85 14.33 49.39
C ARG A 107 10.42 13.70 48.13
N ILE A 108 11.71 13.39 48.16
CA ILE A 108 12.39 12.74 47.04
C ILE A 108 12.30 11.23 47.25
N VAL A 109 11.60 10.53 46.36
CA VAL A 109 11.32 9.11 46.51
C VAL A 109 12.09 8.25 45.53
N ALA A 110 12.93 8.84 44.68
CA ALA A 110 13.70 8.08 43.71
C ALA A 110 14.79 8.99 43.14
N VAL A 111 15.70 8.36 42.39
CA VAL A 111 16.79 9.06 41.71
C VAL A 111 16.59 8.86 40.22
N PRO A 112 16.58 9.93 39.42
CA PRO A 112 16.38 9.76 37.97
C PRO A 112 17.54 8.99 37.34
N TRP A 113 17.21 8.00 36.52
CA TRP A 113 18.21 7.17 35.85
C TRP A 113 18.43 7.60 34.41
N PHE A 114 17.39 7.55 33.58
CA PHE A 114 17.47 8.10 32.23
C PHE A 114 16.12 8.70 31.86
N THR A 115 16.17 9.69 30.98
CA THR A 115 14.98 10.41 30.52
C THR A 115 14.62 10.01 29.10
N ASP A 116 13.40 10.34 28.70
CA ASP A 116 12.86 9.85 27.44
C ASP A 116 11.95 10.91 26.81
N ALA A 117 11.85 10.85 25.48
CA ALA A 117 10.89 11.64 24.74
C ALA A 117 10.67 10.97 23.38
N GLY A 118 9.45 11.11 22.86
CA GLY A 118 9.15 10.54 21.56
C GLY A 118 9.92 11.25 20.45
N LEU A 119 10.38 10.46 19.49
CA LEU A 119 11.15 10.98 18.37
C LEU A 119 10.67 10.33 17.09
N LEU A 120 10.99 10.97 15.97
CA LEU A 120 10.66 10.46 14.65
C LEU A 120 11.91 9.87 14.01
N TYR A 121 11.88 8.58 13.72
CA TYR A 121 12.90 7.92 12.92
C TYR A 121 12.41 7.86 11.48
N TYR A 122 13.32 8.11 10.54
CA TYR A 122 12.95 8.08 9.12
C TYR A 122 14.10 7.52 8.30
N ARG A 123 13.75 6.92 7.17
CA ARG A 123 14.73 6.39 6.23
C ARG A 123 15.25 7.54 5.38
N LYS A 124 16.39 8.09 5.79
CA LYS A 124 16.96 9.26 5.11
C LYS A 124 17.29 8.97 3.65
N ASP A 125 17.69 7.74 3.33
CA ASP A 125 17.99 7.39 1.96
C ASP A 125 16.74 7.41 1.09
N LEU A 126 15.62 6.91 1.61
CA LEU A 126 14.39 6.88 0.81
C LEU A 126 13.82 8.28 0.59
N LEU A 127 13.94 9.16 1.59
CA LEU A 127 13.44 10.53 1.43
C LEU A 127 14.18 11.26 0.32
N GLU A 128 15.51 11.15 0.29
CA GLU A 128 16.27 11.79 -0.78
C GLU A 128 15.98 11.15 -2.13
N LYS A 129 15.82 9.83 -2.16
CA LYS A 129 15.57 9.15 -3.42
C LYS A 129 14.27 9.62 -4.07
N TYR A 130 13.30 10.06 -3.27
CA TYR A 130 12.01 10.50 -3.77
C TYR A 130 11.84 12.01 -3.70
N GLY A 131 12.95 12.76 -3.65
CA GLY A 131 12.90 14.19 -3.79
C GLY A 131 12.60 14.99 -2.55
N TYR A 132 12.84 14.44 -1.36
CA TYR A 132 12.62 15.15 -0.11
C TYR A 132 13.97 15.37 0.57
N ASP A 133 14.30 16.63 0.83
CA ASP A 133 15.57 16.98 1.44
C ASP A 133 15.46 17.24 2.94
N HIS A 134 14.31 16.93 3.54
CA HIS A 134 14.07 17.28 4.93
C HIS A 134 13.07 16.31 5.54
N ALA A 135 13.14 16.17 6.86
CA ALA A 135 12.13 15.41 7.59
C ALA A 135 10.79 16.14 7.56
N PRO A 136 9.68 15.41 7.59
CA PRO A 136 8.37 16.07 7.56
C PRO A 136 8.18 16.99 8.75
N ARG A 137 7.66 18.19 8.48
CA ARG A 137 7.46 19.21 9.50
C ARG A 137 6.04 19.24 10.03
N THR A 138 5.07 18.71 9.29
CA THR A 138 3.70 18.59 9.75
C THR A 138 3.24 17.15 9.59
N TRP A 139 2.16 16.79 10.30
CA TRP A 139 1.63 15.44 10.19
C TRP A 139 1.14 15.16 8.78
N ASP A 140 0.58 16.18 8.11
CA ASP A 140 0.09 15.99 6.76
C ASP A 140 1.24 15.73 5.79
N GLU A 141 2.38 16.41 5.99
CA GLU A 141 3.53 16.14 5.14
C GLU A 141 4.08 14.74 5.36
N LEU A 142 4.01 14.22 6.59
CA LEU A 142 4.43 12.85 6.86
C LEU A 142 3.55 11.86 6.09
N VAL A 143 2.24 12.06 6.12
CA VAL A 143 1.33 11.18 5.40
C VAL A 143 1.63 11.20 3.90
N GLU A 144 1.86 12.39 3.35
CA GLU A 144 2.13 12.50 1.92
C GLU A 144 3.43 11.80 1.56
N MET A 145 4.49 12.01 2.36
CA MET A 145 5.73 11.29 2.13
C MET A 145 5.54 9.79 2.30
N ALA A 146 4.80 9.39 3.34
CA ALA A 146 4.63 7.97 3.61
C ALA A 146 3.84 7.28 2.49
N LYS A 147 2.79 7.95 1.98
CA LYS A 147 2.00 7.35 0.90
C LYS A 147 2.85 7.10 -0.33
N LYS A 148 3.58 8.12 -0.78
CA LYS A 148 4.29 8.03 -2.05
C LYS A 148 5.42 7.00 -1.99
N ILE A 149 6.21 7.03 -0.92
CA ILE A 149 7.37 6.15 -0.83
C ILE A 149 6.94 4.70 -0.58
N SER A 150 5.88 4.49 0.21
CA SER A 150 5.53 3.13 0.60
C SER A 150 5.01 2.30 -0.56
N GLN A 151 4.20 2.91 -1.45
CA GLN A 151 3.69 2.15 -2.58
C GLN A 151 4.74 1.97 -3.67
N ALA A 152 5.66 2.94 -3.80
CA ALA A 152 6.76 2.76 -4.75
C ALA A 152 7.72 1.67 -4.30
N GLU A 153 7.99 1.59 -3.00
CA GLU A 153 8.97 0.63 -2.47
C GLU A 153 8.34 -0.68 -2.01
N GLY A 154 7.04 -0.70 -1.75
CA GLY A 154 6.41 -1.93 -1.30
C GLY A 154 6.61 -2.23 0.18
N ILE A 155 6.78 -1.19 1.00
CA ILE A 155 6.95 -1.37 2.43
C ILE A 155 5.87 -0.59 3.17
N HIS A 156 5.88 -0.66 4.50
CA HIS A 156 4.94 0.12 5.29
C HIS A 156 5.39 1.57 5.36
N GLY A 157 4.42 2.46 5.55
CA GLY A 157 4.71 3.88 5.63
C GLY A 157 5.16 4.35 6.99
N PHE A 158 4.48 3.91 8.05
CA PHE A 158 4.62 4.53 9.36
C PHE A 158 4.21 3.53 10.41
N VAL A 159 5.15 3.15 11.28
CA VAL A 159 4.88 2.21 12.37
C VAL A 159 5.07 2.91 13.71
N TRP A 160 4.26 2.51 14.69
CA TRP A 160 4.30 3.09 16.02
C TRP A 160 3.72 2.07 17.00
N GLN A 161 3.38 2.52 18.21
CA GLN A 161 2.94 1.65 19.29
C GLN A 161 1.43 1.78 19.44
N GLY A 162 0.70 0.76 19.01
CA GLY A 162 -0.75 0.80 19.06
C GLY A 162 -1.39 -0.29 19.88
N ALA A 163 -0.59 -1.13 20.51
CA ALA A 163 -1.14 -2.17 21.38
C ALA A 163 -1.82 -1.53 22.60
N ARG A 164 -2.71 -2.30 23.21
N ARG A 164 -2.71 -2.30 23.21
CA ARG A 164 -3.48 -1.83 24.36
CA ARG A 164 -3.48 -1.84 24.37
C ARG A 164 -2.60 -1.93 25.60
C ARG A 164 -2.60 -1.94 25.61
N TYR A 165 -1.81 -0.90 25.83
CA TYR A 165 -0.91 -0.81 26.99
C TYR A 165 -0.49 0.65 27.12
N GLU A 166 0.43 0.92 28.06
CA GLU A 166 0.83 2.29 28.34
C GLU A 166 1.43 2.98 27.13
N GLY A 167 2.14 2.23 26.28
CA GLY A 167 2.77 2.83 25.12
C GLY A 167 1.79 3.50 24.18
N LEU A 168 0.58 2.96 24.07
CA LEU A 168 -0.46 3.59 23.25
C LEU A 168 -0.81 4.98 23.77
N VAL A 169 -0.91 5.13 25.09
CA VAL A 169 -1.23 6.43 25.67
C VAL A 169 -0.16 7.45 25.32
N CYS A 170 1.11 7.05 25.37
CA CYS A 170 2.18 7.97 25.02
C CYS A 170 2.08 8.43 23.57
N ASP A 171 1.76 7.50 22.66
CA ASP A 171 1.57 7.88 21.27
C ASP A 171 0.36 8.78 21.11
N PHE A 172 -0.76 8.44 21.76
CA PHE A 172 -1.99 9.20 21.60
C PHE A 172 -1.83 10.63 22.06
N LEU A 173 -1.13 10.84 23.18
CA LEU A 173 -0.99 12.19 23.72
C LEU A 173 -0.18 13.09 22.79
N GLU A 174 0.75 12.53 22.03
CA GLU A 174 1.52 13.34 21.09
C GLU A 174 0.64 13.86 19.96
N TYR A 175 -0.34 13.06 19.52
CA TYR A 175 -1.32 13.57 18.56
C TYR A 175 -2.27 14.56 19.21
N LEU A 176 -2.79 14.22 20.39
CA LEU A 176 -3.71 15.12 21.10
C LEU A 176 -3.08 16.49 21.31
N TRP A 177 -1.85 16.53 21.81
CA TRP A 177 -1.22 17.81 22.13
C TRP A 177 -0.89 18.61 20.86
N SER A 178 -0.39 17.94 19.82
CA SER A 178 -0.05 18.64 18.60
C SER A 178 -1.29 19.11 17.84
N PHE A 179 -2.45 18.52 18.12
CA PHE A 179 -3.71 18.95 17.51
C PHE A 179 -4.41 20.04 18.33
N GLY A 180 -3.84 20.45 19.46
CA GLY A 180 -4.39 21.52 20.25
C GLY A 180 -5.28 21.12 21.42
N GLY A 181 -5.37 19.82 21.72
CA GLY A 181 -6.16 19.34 22.82
C GLY A 181 -5.32 19.07 24.06
N ASP A 182 -6.00 18.61 25.12
CA ASP A 182 -5.35 18.25 26.36
C ASP A 182 -6.30 17.38 27.17
N VAL A 183 -5.74 16.72 28.18
CA VAL A 183 -6.52 15.84 29.06
C VAL A 183 -7.07 16.65 30.23
N LEU A 184 -6.17 17.29 30.96
CA LEU A 184 -6.53 18.14 32.08
C LEU A 184 -6.00 19.54 31.85
N ASP A 185 -6.73 20.53 32.35
CA ASP A 185 -6.21 21.88 32.32
C ASP A 185 -5.28 22.08 33.52
N GLU A 186 -4.89 23.33 33.77
CA GLU A 186 -3.91 23.57 34.81
C GLU A 186 -4.49 23.31 36.19
N SER A 187 -5.81 23.36 36.32
CA SER A 187 -6.48 22.89 37.52
C SER A 187 -6.74 21.41 37.36
N GLY A 188 -7.74 20.86 38.02
CA GLY A 188 -8.01 19.44 37.90
C GLY A 188 -8.97 19.02 36.81
N LYS A 189 -9.58 19.98 36.11
CA LYS A 189 -10.75 19.71 35.30
C LYS A 189 -10.40 18.95 34.02
N VAL A 190 -11.19 17.92 33.72
CA VAL A 190 -11.07 17.19 32.47
C VAL A 190 -11.56 18.07 31.32
N VAL A 191 -10.74 18.18 30.28
CA VAL A 191 -11.06 19.03 29.13
C VAL A 191 -10.89 18.23 27.84
N ILE A 192 -10.78 16.90 27.96
CA ILE A 192 -10.50 16.08 26.79
C ILE A 192 -11.69 15.98 25.83
N ASP A 193 -12.88 16.38 26.26
CA ASP A 193 -14.05 16.36 25.38
C ASP A 193 -14.05 17.64 24.56
N SER A 194 -13.36 17.60 23.43
CA SER A 194 -13.18 18.77 22.58
C SER A 194 -13.12 18.32 21.13
N PRO A 195 -13.38 19.23 20.18
CA PRO A 195 -13.21 18.85 18.76
C PRO A 195 -11.79 18.52 18.40
N GLU A 196 -10.80 19.17 19.05
CA GLU A 196 -9.40 18.86 18.76
C GLU A 196 -9.07 17.43 19.14
N ALA A 197 -9.60 16.94 20.26
CA ALA A 197 -9.33 15.57 20.69
C ALA A 197 -9.94 14.56 19.73
N VAL A 198 -11.16 14.82 19.26
CA VAL A 198 -11.80 13.94 18.28
C VAL A 198 -10.98 13.92 17.00
N ALA A 199 -10.49 15.08 16.58
CA ALA A 199 -9.69 15.16 15.36
C ALA A 199 -8.38 14.41 15.51
N ALA A 200 -7.75 14.49 16.68
CA ALA A 200 -6.49 13.78 16.90
C ALA A 200 -6.68 12.27 16.83
N LEU A 201 -7.72 11.77 17.51
CA LEU A 201 -7.99 10.33 17.50
C LEU A 201 -8.42 9.86 16.11
N GLN A 202 -9.21 10.67 15.40
CA GLN A 202 -9.62 10.30 14.05
C GLN A 202 -8.41 10.22 13.12
N PHE A 203 -7.44 11.12 13.30
CA PHE A 203 -6.23 11.08 12.48
C PHE A 203 -5.49 9.77 12.68
N MET A 204 -5.40 9.29 13.93
CA MET A 204 -4.76 8.00 14.18
C MET A 204 -5.52 6.88 13.47
N VAL A 205 -6.85 6.91 13.53
CA VAL A 205 -7.64 5.91 12.82
C VAL A 205 -7.43 6.03 11.31
N ASP A 206 -7.37 7.26 10.81
CA ASP A 206 -7.21 7.47 9.37
C ASP A 206 -5.87 6.97 8.85
N LEU A 207 -4.84 6.99 9.69
CA LEU A 207 -3.53 6.47 9.27
C LEU A 207 -3.63 5.01 8.84
N ILE A 208 -4.54 4.25 9.42
CA ILE A 208 -4.68 2.83 9.11
C ILE A 208 -5.63 2.61 7.95
N TYR A 209 -6.83 3.18 8.03
CA TYR A 209 -7.93 2.77 7.15
C TYR A 209 -8.15 3.70 5.96
N LYS A 210 -7.90 5.00 6.10
CA LYS A 210 -8.05 5.90 4.96
C LYS A 210 -6.72 6.08 4.23
N HIS A 211 -5.71 6.62 4.92
CA HIS A 211 -4.43 6.87 4.26
C HIS A 211 -3.66 5.58 4.03
N LYS A 212 -3.90 4.54 4.84
CA LYS A 212 -3.29 3.23 4.65
C LYS A 212 -1.76 3.28 4.67
N VAL A 213 -1.20 4.19 5.48
CA VAL A 213 0.24 4.24 5.67
C VAL A 213 0.71 3.43 6.87
N THR A 214 -0.22 2.97 7.71
CA THR A 214 0.10 2.18 8.89
C THR A 214 -0.66 0.87 8.85
N PRO A 215 0.01 -0.27 8.99
CA PRO A 215 -0.71 -1.55 8.97
C PRO A 215 -1.65 -1.68 10.16
N GLU A 216 -2.79 -2.34 9.92
CA GLU A 216 -3.73 -2.59 11.01
C GLU A 216 -3.12 -3.41 12.13
N GLY A 217 -2.06 -4.17 11.85
CA GLY A 217 -1.36 -4.89 12.90
C GLY A 217 -0.74 -4.00 13.95
N VAL A 218 -0.74 -2.68 13.73
CA VAL A 218 -0.17 -1.75 14.70
C VAL A 218 -0.91 -1.83 16.02
N THR A 219 -2.16 -2.26 16.00
CA THR A 219 -2.95 -2.41 17.22
C THR A 219 -2.43 -3.51 18.13
N THR A 220 -1.35 -4.20 17.74
CA THR A 220 -0.67 -5.16 18.60
C THR A 220 0.79 -4.82 18.85
N TYR A 221 1.27 -3.68 18.37
CA TYR A 221 2.68 -3.33 18.43
C TYR A 221 3.04 -2.65 19.74
N MET A 222 4.18 -3.04 20.31
CA MET A 222 4.84 -2.28 21.35
C MET A 222 6.13 -1.70 20.78
N GLU A 223 6.99 -1.20 21.66
CA GLU A 223 8.22 -0.53 21.21
C GLU A 223 9.05 -1.43 20.30
N GLU A 224 9.27 -2.69 20.71
CA GLU A 224 10.17 -3.57 19.97
C GLU A 224 9.57 -4.09 18.68
N ASP A 225 8.24 -4.23 18.62
CA ASP A 225 7.62 -4.66 17.36
C ASP A 225 7.83 -3.63 16.27
N ALA A 226 7.56 -2.36 16.56
CA ALA A 226 7.82 -1.29 15.60
C ALA A 226 9.29 -1.21 15.26
N ARG A 227 10.17 -1.46 16.23
CA ARG A 227 11.61 -1.34 16.00
C ARG A 227 12.11 -2.37 14.99
N ARG A 228 11.63 -3.62 15.08
CA ARG A 228 12.14 -4.65 14.19
C ARG A 228 11.70 -4.41 12.75
N ILE A 229 10.46 -3.98 12.57
CA ILE A 229 9.95 -3.72 11.23
C ILE A 229 10.75 -2.60 10.57
N PHE A 230 11.00 -1.52 11.32
CA PHE A 230 11.83 -0.44 10.82
C PHE A 230 13.26 -0.91 10.57
N GLN A 231 13.82 -1.67 11.52
CA GLN A 231 15.21 -2.10 11.40
C GLN A 231 15.43 -3.01 10.20
N ASN A 232 14.43 -3.82 9.85
CA ASN A 232 14.55 -4.73 8.72
C ASN A 232 14.17 -4.07 7.40
N GLY A 233 14.13 -2.74 7.35
CA GLY A 233 13.92 -2.02 6.10
C GLY A 233 12.49 -2.05 5.59
N GLU A 234 11.52 -2.24 6.48
CA GLU A 234 10.14 -2.47 6.09
C GLU A 234 9.22 -1.31 6.48
N ALA A 235 9.78 -0.16 6.84
CA ALA A 235 8.97 1.00 7.21
C ALA A 235 9.74 2.26 6.88
N VAL A 236 9.03 3.26 6.36
CA VAL A 236 9.66 4.54 6.04
C VAL A 236 9.87 5.37 7.30
N PHE A 237 8.84 5.44 8.15
CA PHE A 237 8.88 6.23 9.36
C PHE A 237 8.61 5.35 10.57
N MET A 238 9.11 5.78 11.72
CA MET A 238 8.80 5.12 12.99
C MET A 238 8.83 6.16 14.10
N ARG A 239 7.80 6.14 14.94
CA ARG A 239 7.82 6.86 16.21
C ARG A 239 8.30 5.91 17.29
N ASN A 240 9.34 6.32 18.02
CA ASN A 240 9.88 5.50 19.09
C ASN A 240 10.76 6.37 19.98
N TRP A 241 11.25 5.75 21.05
CA TRP A 241 12.12 6.41 22.02
C TRP A 241 13.57 6.36 21.54
N PRO A 242 14.46 7.14 22.18
CA PRO A 242 15.87 7.15 21.73
C PRO A 242 16.57 5.80 21.72
N TYR A 243 16.13 4.83 22.54
CA TYR A 243 16.87 3.57 22.66
C TYR A 243 17.03 2.87 21.32
N ALA A 244 16.04 2.99 20.43
CA ALA A 244 16.06 2.25 19.17
C ALA A 244 17.27 2.62 18.34
N TRP A 245 17.83 3.81 18.54
CA TRP A 245 19.01 4.23 17.79
C TRP A 245 20.19 3.28 18.01
N SER A 246 20.34 2.78 19.24
CA SER A 246 21.47 1.91 19.56
C SER A 246 21.41 0.58 18.83
N LEU A 247 20.26 0.21 18.26
CA LEU A 247 20.12 -1.02 17.50
C LEU A 247 19.97 -0.80 16.00
N VAL A 248 19.16 0.17 15.57
CA VAL A 248 18.96 0.38 14.15
C VAL A 248 20.17 0.98 13.46
N ASN A 249 21.14 1.52 14.22
CA ASN A 249 22.35 2.08 13.64
C ASN A 249 23.59 1.30 14.04
N SER A 250 23.42 0.07 14.54
CA SER A 250 24.55 -0.79 14.87
C SER A 250 24.99 -1.56 13.62
N ASP A 251 26.13 -2.24 13.75
CA ASP A 251 26.67 -3.01 12.63
C ASP A 251 25.80 -4.19 12.24
N GLU A 252 24.84 -4.58 13.09
CA GLU A 252 23.94 -5.69 12.80
C GLU A 252 22.69 -5.26 12.05
N SER A 253 22.50 -3.96 11.82
CA SER A 253 21.29 -3.45 11.21
C SER A 253 21.45 -3.34 9.70
N PRO A 254 20.47 -3.81 8.93
CA PRO A 254 20.55 -3.63 7.46
C PRO A 254 20.46 -2.17 7.02
N ILE A 255 19.97 -1.28 7.87
CA ILE A 255 19.77 0.12 7.51
C ILE A 255 20.74 1.04 8.23
N LYS A 256 21.85 0.50 8.74
CA LYS A 256 22.85 1.34 9.40
C LYS A 256 23.34 2.43 8.45
N GLY A 257 23.45 3.65 8.97
CA GLY A 257 23.86 4.77 8.15
C GLY A 257 22.77 5.37 7.28
N LYS A 258 21.57 4.80 7.28
CA LYS A 258 20.46 5.30 6.50
C LYS A 258 19.35 5.87 7.37
N VAL A 259 19.61 6.06 8.67
CA VAL A 259 18.58 6.44 9.63
C VAL A 259 18.78 7.89 10.03
N GLY A 260 17.71 8.67 9.95
CA GLY A 260 17.71 10.02 10.47
C GLY A 260 16.78 10.12 11.66
N VAL A 261 17.03 11.08 12.56
CA VAL A 261 16.20 11.30 13.74
C VAL A 261 15.81 12.77 13.76
N ALA A 262 14.52 13.03 14.02
CA ALA A 262 13.99 14.38 13.99
C ALA A 262 12.90 14.49 15.04
N PRO A 263 12.53 15.71 15.43
CA PRO A 263 11.34 15.86 16.29
C PRO A 263 10.09 15.39 15.57
N LEU A 264 9.08 15.03 16.37
CA LEU A 264 7.80 14.66 15.79
C LEU A 264 7.19 15.86 15.07
N PRO A 265 6.39 15.62 14.03
CA PRO A 265 5.87 16.73 13.24
C PRO A 265 4.87 17.58 14.01
N MET A 266 4.67 18.79 13.51
CA MET A 266 3.66 19.69 14.06
C MET A 266 2.27 19.27 13.59
N GLY A 267 1.26 19.67 14.37
CA GLY A 267 -0.11 19.38 14.05
C GLY A 267 -0.94 20.63 13.85
N PRO A 268 -2.24 20.45 13.60
CA PRO A 268 -3.11 21.61 13.40
C PRO A 268 -3.16 22.56 14.58
N GLY A 269 -2.72 22.12 15.77
CA GLY A 269 -2.63 23.02 16.91
C GLY A 269 -1.51 24.03 16.85
N GLY A 270 -0.74 24.06 15.76
CA GLY A 270 0.36 24.98 15.60
C GLY A 270 1.61 24.66 16.39
N ARG A 271 1.72 23.46 16.94
CA ARG A 271 2.86 23.09 17.77
C ARG A 271 3.12 21.60 17.61
N ARG A 272 4.36 21.21 17.86
CA ARG A 272 4.71 19.80 17.98
C ARG A 272 4.86 19.43 19.44
N ALA A 273 4.76 18.13 19.72
CA ALA A 273 4.79 17.67 21.10
C ALA A 273 5.41 16.28 21.16
N ALA A 274 6.03 15.99 22.31
CA ALA A 274 6.59 14.69 22.60
C ALA A 274 6.25 14.32 24.03
N THR A 275 5.86 13.07 24.24
CA THR A 275 5.48 12.61 25.57
C THR A 275 6.74 12.40 26.41
N LEU A 276 6.74 12.97 27.61
CA LEU A 276 7.85 12.77 28.52
C LEU A 276 7.85 11.34 29.06
N GLY A 277 8.99 10.67 28.95
CA GLY A 277 9.14 9.36 29.53
C GLY A 277 10.36 9.29 30.43
N GLY A 278 10.80 8.09 30.77
CA GLY A 278 11.97 7.89 31.59
C GLY A 278 11.72 6.89 32.69
N TRP A 279 12.83 6.43 33.27
CA TRP A 279 12.78 5.46 34.36
C TRP A 279 13.69 5.92 35.48
N VAL A 280 13.28 5.68 36.71
CA VAL A 280 13.97 6.14 37.90
C VAL A 280 14.19 4.96 38.83
N LEU A 281 15.13 5.13 39.76
CA LEU A 281 15.55 4.08 40.66
C LEU A 281 15.10 4.42 42.08
N GLY A 282 14.27 3.53 42.66
CA GLY A 282 13.81 3.69 44.02
C GLY A 282 14.23 2.49 44.87
N ILE A 283 14.07 2.63 46.18
CA ILE A 283 14.48 1.63 47.15
C ILE A 283 13.24 1.10 47.86
N ASN A 284 13.12 -0.23 47.92
CA ASN A 284 12.03 -0.87 48.64
C ASN A 284 12.03 -0.45 50.10
N LYS A 285 10.89 0.02 50.58
CA LYS A 285 10.77 0.46 51.96
C LYS A 285 10.86 -0.71 52.94
N PHE A 286 10.43 -1.89 52.53
CA PHE A 286 10.39 -3.06 53.39
C PHE A 286 11.73 -3.79 53.48
N SER A 287 12.75 -3.34 52.76
CA SER A 287 14.05 -3.99 52.84
C SER A 287 14.73 -3.66 54.17
N SER A 288 15.69 -4.51 54.54
CA SER A 288 16.43 -4.29 55.78
C SER A 288 17.33 -3.07 55.64
N PRO A 289 17.67 -2.42 56.76
CA PRO A 289 18.53 -1.23 56.68
C PRO A 289 19.88 -1.50 56.05
N GLU A 290 20.46 -2.69 56.25
N GLU A 290 20.46 -2.69 56.24
CA GLU A 290 21.70 -3.04 55.60
CA GLU A 290 21.73 -3.00 55.58
C GLU A 290 21.53 -3.13 54.09
C GLU A 290 21.55 -3.18 54.08
N GLU A 291 20.38 -3.65 53.65
CA GLU A 291 20.10 -3.74 52.22
C GLU A 291 19.88 -2.36 51.62
N LYS A 292 19.20 -1.48 52.37
CA LYS A 292 18.97 -0.13 51.89
C LYS A 292 20.27 0.64 51.72
N GLU A 293 21.21 0.47 52.66
CA GLU A 293 22.50 1.11 52.55
C GLU A 293 23.25 0.63 51.31
N ALA A 294 23.22 -0.68 51.05
CA ALA A 294 23.84 -1.22 49.84
C ALA A 294 23.12 -0.72 48.58
N ALA A 295 21.80 -0.62 48.64
CA ALA A 295 21.04 -0.12 47.50
C ALA A 295 21.42 1.31 47.16
N LYS A 296 21.65 2.14 48.18
CA LYS A 296 22.03 3.53 47.93
C LYS A 296 23.36 3.62 47.19
N LYS A 297 24.31 2.73 47.51
CA LYS A 297 25.59 2.75 46.83
C LYS A 297 25.45 2.30 45.38
N LEU A 298 24.59 1.32 45.12
CA LEU A 298 24.36 0.88 43.74
C LEU A 298 23.71 1.99 42.92
N ILE A 299 22.70 2.65 43.48
CA ILE A 299 22.01 3.71 42.75
C ILE A 299 22.95 4.87 42.45
N LYS A 300 23.77 5.26 43.44
CA LYS A 300 24.74 6.32 43.19
C LYS A 300 25.72 5.94 42.09
N PHE A 301 26.19 4.69 42.10
CA PHE A 301 27.12 4.24 41.07
C PHE A 301 26.47 4.27 39.69
N LEU A 302 25.25 3.75 39.58
CA LEU A 302 24.60 3.65 38.29
C LEU A 302 24.24 5.03 37.72
N THR A 303 23.97 6.00 38.59
CA THR A 303 23.61 7.34 38.15
C THR A 303 24.80 8.30 38.15
N SER A 304 26.02 7.78 38.28
CA SER A 304 27.20 8.62 38.19
C SER A 304 27.44 9.05 36.74
N TYR A 305 28.35 10.03 36.59
CA TYR A 305 28.63 10.57 35.26
C TYR A 305 29.10 9.49 34.30
N ASP A 306 30.12 8.72 34.69
CA ASP A 306 30.71 7.75 33.78
C ASP A 306 29.73 6.65 33.41
N GLN A 307 28.89 6.23 34.36
CA GLN A 307 27.94 5.16 34.08
C GLN A 307 26.80 5.64 33.22
N GLN A 308 26.34 6.88 33.44
CA GLN A 308 25.31 7.44 32.57
C GLN A 308 25.80 7.57 31.14
N LEU A 309 27.07 7.98 30.97
CA LEU A 309 27.65 8.04 29.63
C LEU A 309 27.75 6.67 29.00
N TYR A 310 28.16 5.66 29.78
CA TYR A 310 28.26 4.30 29.26
C TYR A 310 26.88 3.80 28.81
N LYS A 311 25.86 4.04 29.62
CA LYS A 311 24.51 3.57 29.28
C LYS A 311 23.97 4.31 28.05
N ALA A 312 24.27 5.61 27.92
CA ALA A 312 23.79 6.37 26.78
C ALA A 312 24.44 5.89 25.48
N ILE A 313 25.76 5.69 25.50
CA ILE A 313 26.47 5.31 24.29
C ILE A 313 26.06 3.90 23.85
N ASN A 314 25.89 2.98 24.80
CA ASN A 314 25.72 1.57 24.48
C ASN A 314 24.26 1.12 24.44
N ALA A 315 23.37 1.77 25.17
CA ALA A 315 21.95 1.39 25.16
C ALA A 315 21.05 2.48 24.57
N GLY A 316 21.60 3.64 24.25
CA GLY A 316 20.80 4.69 23.63
C GLY A 316 19.77 5.33 24.53
N GLN A 317 20.05 5.46 25.82
CA GLN A 317 19.11 6.00 26.78
C GLN A 317 19.67 7.28 27.38
N ASN A 318 18.84 8.33 27.39
CA ASN A 318 19.35 9.69 27.61
C ASN A 318 19.80 9.91 29.04
N PRO A 319 20.97 10.50 29.26
CA PRO A 319 21.42 10.81 30.63
C PRO A 319 20.51 11.81 31.32
N THR A 320 20.48 11.73 32.65
CA THR A 320 19.79 12.72 33.47
C THR A 320 20.72 13.77 34.06
N ARG A 321 22.04 13.55 34.03
CA ARG A 321 22.99 14.55 34.46
C ARG A 321 23.22 15.56 33.35
N LYS A 322 23.20 16.85 33.70
CA LYS A 322 23.34 17.91 32.71
C LYS A 322 24.69 17.83 32.00
N ALA A 323 25.77 17.61 32.76
CA ALA A 323 27.12 17.74 32.20
C ALA A 323 27.45 16.67 31.17
N VAL A 324 26.75 15.53 31.17
CA VAL A 324 27.08 14.47 30.21
C VAL A 324 26.81 14.94 28.79
N TYR A 325 25.90 15.91 28.63
CA TYR A 325 25.58 16.40 27.29
C TYR A 325 26.70 17.27 26.70
N LYS A 326 27.70 17.63 27.49
CA LYS A 326 28.87 18.32 26.97
C LYS A 326 29.97 17.37 26.54
N ASP A 327 29.81 16.08 26.80
CA ASP A 327 30.87 15.12 26.49
C ASP A 327 30.91 14.84 25.00
N PRO A 328 32.07 15.00 24.35
CA PRO A 328 32.14 14.73 22.91
C PRO A 328 31.87 13.27 22.56
N LYS A 329 32.12 12.35 23.49
CA LYS A 329 31.85 10.94 23.21
C LYS A 329 30.36 10.71 22.99
N LEU A 330 29.52 11.45 23.71
CA LEU A 330 28.07 11.32 23.57
C LEU A 330 27.62 11.81 22.20
N LYS A 331 28.09 12.98 21.78
CA LYS A 331 27.72 13.51 20.47
C LYS A 331 28.20 12.61 19.35
N GLU A 332 29.31 11.90 19.57
CA GLU A 332 29.82 10.98 18.57
C GLU A 332 28.92 9.76 18.42
N ALA A 333 28.46 9.19 19.53
CA ALA A 333 27.67 7.98 19.49
C ALA A 333 26.22 8.23 19.08
N ALA A 334 25.60 9.26 19.66
CA ALA A 334 24.20 9.57 19.41
C ALA A 334 24.04 11.08 19.31
N PRO A 335 24.32 11.65 18.13
CA PRO A 335 24.28 13.12 17.98
C PRO A 335 22.93 13.74 18.32
N PHE A 336 21.82 13.03 18.05
CA PHE A 336 20.50 13.61 18.30
C PHE A 336 20.26 13.85 19.78
N MET A 337 20.93 13.09 20.66
CA MET A 337 20.77 13.32 22.09
C MET A 337 21.23 14.71 22.50
N VAL A 338 22.22 15.25 21.80
CA VAL A 338 22.72 16.59 22.08
C VAL A 338 21.97 17.63 21.26
N GLU A 339 21.83 17.39 19.96
CA GLU A 339 21.22 18.37 19.07
C GLU A 339 19.74 18.57 19.35
N LEU A 340 19.03 17.52 19.78
CA LEU A 340 17.61 17.60 20.08
C LEU A 340 17.34 17.68 21.57
N LEU A 341 18.27 18.25 22.34
CA LEU A 341 18.07 18.40 23.79
C LEU A 341 16.82 19.21 24.10
N GLY A 342 16.48 20.17 23.23
CA GLY A 342 15.26 20.94 23.44
C GLY A 342 14.01 20.09 23.46
N VAL A 343 14.00 18.98 22.71
CA VAL A 343 12.87 18.07 22.75
C VAL A 343 12.69 17.49 24.14
N PHE A 344 13.79 17.08 24.77
CA PHE A 344 13.70 16.37 26.05
C PHE A 344 13.32 17.30 27.20
N ILE A 345 13.84 18.53 27.21
CA ILE A 345 13.46 19.43 28.29
C ILE A 345 12.03 19.92 28.12
N ASN A 346 11.51 19.95 26.90
CA ASN A 346 10.16 20.41 26.62
C ASN A 346 9.14 19.29 26.56
N ALA A 347 9.56 18.04 26.72
CA ALA A 347 8.63 16.92 26.66
C ALA A 347 7.52 17.07 27.70
N LEU A 348 6.26 16.79 27.27
CA LEU A 348 5.11 17.03 28.12
C LEU A 348 4.79 15.79 28.96
N PRO A 349 4.51 16.00 30.25
CA PRO A 349 4.26 14.86 31.14
C PRO A 349 2.82 14.39 31.09
N ARG A 350 2.66 13.08 31.33
CA ARG A 350 1.36 12.53 31.62
C ARG A 350 0.84 13.07 32.95
N PRO A 351 -0.47 13.11 33.15
CA PRO A 351 -1.02 13.69 34.39
C PRO A 351 -0.45 13.01 35.62
N ARG A 352 0.05 13.82 36.56
CA ARG A 352 0.68 13.33 37.77
C ARG A 352 -0.38 13.21 38.85
N VAL A 353 -1.03 12.05 38.91
CA VAL A 353 -2.01 11.79 39.97
C VAL A 353 -1.67 10.43 40.56
N ALA A 354 -2.05 10.24 41.83
CA ALA A 354 -1.74 9.00 42.51
C ALA A 354 -2.41 7.79 41.86
N ASN A 355 -3.45 8.02 41.05
CA ASN A 355 -4.17 6.96 40.35
C ASN A 355 -4.02 7.06 38.84
N TYR A 356 -2.82 7.44 38.36
CA TYR A 356 -2.65 7.60 36.92
C TYR A 356 -2.91 6.30 36.16
N THR A 357 -2.49 5.17 36.71
CA THR A 357 -2.66 3.91 36.00
C THR A 357 -4.12 3.61 35.72
N GLU A 358 -5.04 4.07 36.58
CA GLU A 358 -6.45 3.93 36.29
C GLU A 358 -6.89 4.92 35.22
N VAL A 359 -6.36 6.15 35.25
CA VAL A 359 -6.62 7.10 34.18
C VAL A 359 -6.13 6.56 32.86
N SER A 360 -4.92 5.99 32.86
CA SER A 360 -4.36 5.41 31.64
C SER A 360 -5.21 4.26 31.13
N ASP A 361 -5.73 3.44 32.05
CA ASP A 361 -6.55 2.30 31.64
C ASP A 361 -7.79 2.74 30.88
N VAL A 362 -8.41 3.84 31.31
CA VAL A 362 -9.59 4.35 30.61
C VAL A 362 -9.21 4.81 29.21
N ILE A 363 -8.09 5.53 29.10
CA ILE A 363 -7.63 5.99 27.79
C ILE A 363 -7.28 4.81 26.89
N GLN A 364 -6.65 3.78 27.46
CA GLN A 364 -6.25 2.60 26.68
C GLN A 364 -7.47 1.93 26.05
N ARG A 365 -8.54 1.72 26.81
CA ARG A 365 -9.67 0.94 26.32
C ARG A 365 -10.32 1.62 25.11
N TYR A 366 -10.63 2.91 25.24
CA TYR A 366 -11.42 3.58 24.22
C TYR A 366 -10.58 4.00 23.01
N VAL A 367 -9.32 4.38 23.23
CA VAL A 367 -8.44 4.67 22.08
C VAL A 367 -8.20 3.40 21.26
N HIS A 368 -7.90 2.29 21.95
CA HIS A 368 -7.68 1.03 21.24
C HIS A 368 -8.96 0.56 20.56
N ALA A 369 -10.11 0.79 21.20
CA ALA A 369 -11.39 0.43 20.57
C ALA A 369 -11.60 1.21 19.28
N ALA A 370 -11.23 2.50 19.28
CA ALA A 370 -11.34 3.30 18.06
C ALA A 370 -10.39 2.82 16.98
N LEU A 371 -9.19 2.39 17.37
CA LEU A 371 -8.21 1.93 16.39
C LEU A 371 -8.63 0.63 15.73
N THR A 372 -9.42 -0.20 16.42
CA THR A 372 -9.93 -1.44 15.87
C THR A 372 -11.35 -1.30 15.32
N ARG A 373 -11.86 -0.07 15.25
CA ARG A 373 -13.18 0.25 14.69
C ARG A 373 -14.32 -0.37 15.49
N GLN A 374 -14.10 -0.68 16.77
CA GLN A 374 -15.22 -1.11 17.61
C GLN A 374 -16.09 0.06 18.04
N THR A 375 -15.60 1.28 17.89
CA THR A 375 -16.38 2.48 18.19
C THR A 375 -15.82 3.62 17.36
N THR A 376 -16.54 4.75 17.38
CA THR A 376 -16.12 5.92 16.64
C THR A 376 -15.26 6.84 17.51
N SER A 377 -14.58 7.77 16.85
CA SER A 377 -13.73 8.71 17.57
C SER A 377 -14.54 9.59 18.52
N GLU A 378 -15.75 9.97 18.11
CA GLU A 378 -16.58 10.79 18.98
C GLU A 378 -17.02 10.02 20.22
N ASP A 379 -17.48 8.78 20.05
CA ASP A 379 -17.91 7.99 21.20
C ASP A 379 -16.73 7.66 22.11
N ALA A 380 -15.55 7.39 21.54
CA ALA A 380 -14.37 7.10 22.34
C ALA A 380 -14.00 8.28 23.22
N ILE A 381 -13.87 9.47 22.61
CA ILE A 381 -13.54 10.66 23.38
C ILE A 381 -14.64 10.96 24.41
N LYS A 382 -15.90 10.79 24.00
CA LYS A 382 -17.01 11.07 24.90
C LYS A 382 -17.00 10.14 26.11
N ASN A 383 -16.67 8.86 25.89
CA ASN A 383 -16.63 7.92 27.00
C ASN A 383 -15.40 8.13 27.88
N ILE A 384 -14.27 8.55 27.29
CA ILE A 384 -13.09 8.85 28.09
C ILE A 384 -13.37 9.98 29.07
N ALA A 385 -13.96 11.07 28.56
CA ALA A 385 -14.26 12.21 29.42
C ALA A 385 -15.18 11.81 30.57
N LYS A 386 -16.27 11.11 30.24
CA LYS A 386 -17.22 10.68 31.26
C LYS A 386 -16.54 9.89 32.38
N GLU A 387 -15.82 8.84 32.03
CA GLU A 387 -15.22 7.98 33.05
C GLU A 387 -14.04 8.67 33.74
N LEU A 388 -13.37 9.60 33.07
CA LEU A 388 -12.29 10.33 33.73
C LEU A 388 -12.83 11.28 34.79
N LYS A 389 -14.00 11.89 34.54
CA LYS A 389 -14.60 12.78 35.52
C LYS A 389 -15.00 12.03 36.79
N PHE A 390 -15.35 10.75 36.67
CA PHE A 390 -15.64 9.96 37.87
C PHE A 390 -14.37 9.70 38.67
N LEU A 391 -13.26 9.42 37.97
CA LEU A 391 -12.00 9.17 38.65
C LEU A 391 -11.48 10.42 39.36
N LEU A 392 -11.71 11.60 38.77
CA LEU A 392 -11.16 12.84 39.31
C LEU A 392 -12.25 13.73 39.89
N ALA B 2 -54.52 18.23 -18.07
CA ALA B 2 -54.79 18.97 -16.84
C ALA B 2 -53.74 18.67 -15.78
N VAL B 3 -53.15 17.49 -15.84
CA VAL B 3 -52.09 17.10 -14.92
C VAL B 3 -50.81 16.91 -15.71
N LYS B 4 -49.76 17.64 -15.32
CA LYS B 4 -48.47 17.59 -15.99
C LYS B 4 -47.47 16.88 -15.08
N ILE B 5 -46.78 15.88 -15.62
CA ILE B 5 -45.75 15.18 -14.89
C ILE B 5 -44.49 15.20 -15.73
N THR B 6 -43.36 14.95 -15.08
CA THR B 6 -42.06 14.93 -15.73
C THR B 6 -41.44 13.55 -15.59
N MET B 7 -40.60 13.20 -16.56
CA MET B 7 -39.95 11.90 -16.61
C MET B 7 -38.52 12.07 -17.12
N THR B 8 -37.58 11.41 -16.46
CA THR B 8 -36.21 11.43 -16.92
C THR B 8 -36.01 10.38 -18.02
N SER B 9 -35.11 10.70 -18.94
CA SER B 9 -34.77 9.78 -20.02
C SER B 9 -33.34 10.03 -20.45
N GLY B 10 -32.65 8.96 -20.80
CA GLY B 10 -31.37 9.08 -21.46
C GLY B 10 -31.53 9.37 -22.93
N GLY B 11 -30.40 9.66 -23.58
CA GLY B 11 -30.41 9.92 -25.01
C GLY B 11 -29.46 9.01 -25.75
N VAL B 12 -29.23 7.83 -25.20
CA VAL B 12 -28.31 6.86 -25.80
C VAL B 12 -29.03 6.11 -26.91
N GLY B 13 -28.42 6.05 -28.08
CA GLY B 13 -29.04 5.37 -29.21
C GLY B 13 -30.31 6.07 -29.64
N LYS B 14 -31.38 5.28 -29.83
CA LYS B 14 -32.66 5.80 -30.29
C LYS B 14 -33.70 5.87 -29.17
N GLU B 15 -33.28 5.70 -27.91
CA GLU B 15 -34.25 5.52 -26.83
C GLU B 15 -35.11 6.77 -26.61
N LEU B 16 -34.53 7.96 -26.79
CA LEU B 16 -35.29 9.19 -26.56
C LEU B 16 -36.33 9.42 -27.65
N GLU B 17 -35.92 9.36 -28.93
CA GLU B 17 -36.88 9.58 -30.01
C GLU B 17 -37.95 8.50 -30.04
N VAL B 18 -37.60 7.28 -29.62
CA VAL B 18 -38.62 6.24 -29.50
C VAL B 18 -39.57 6.55 -28.35
N LEU B 19 -39.04 7.07 -27.24
CA LEU B 19 -39.89 7.42 -26.10
C LEU B 19 -40.87 8.52 -26.47
N LYS B 20 -40.42 9.51 -27.25
CA LYS B 20 -41.30 10.58 -27.68
C LYS B 20 -42.48 10.04 -28.48
N LYS B 21 -42.23 9.06 -29.36
CA LYS B 21 -43.33 8.44 -30.09
C LYS B 21 -44.23 7.64 -29.15
N GLN B 22 -43.64 6.99 -28.14
CA GLN B 22 -44.46 6.27 -27.17
C GLN B 22 -45.32 7.25 -26.38
N LEU B 23 -44.78 8.43 -26.06
CA LEU B 23 -45.55 9.42 -25.32
C LEU B 23 -46.70 9.99 -26.14
N GLU B 24 -46.54 10.10 -27.46
CA GLU B 24 -47.65 10.54 -28.31
C GLU B 24 -48.80 9.54 -28.26
N MET B 25 -48.47 8.24 -28.29
CA MET B 25 -49.50 7.22 -28.15
C MET B 25 -50.14 7.26 -26.75
N PHE B 26 -49.34 7.54 -25.72
CA PHE B 26 -49.88 7.64 -24.37
C PHE B 26 -50.88 8.79 -24.24
N HIS B 27 -50.57 9.94 -24.83
CA HIS B 27 -51.43 11.11 -24.67
C HIS B 27 -52.75 10.94 -25.41
N GLN B 28 -52.75 10.18 -26.50
CA GLN B 28 -53.99 9.87 -27.22
C GLN B 28 -54.93 9.02 -26.40
N GLN B 29 -54.40 8.14 -25.54
CA GLN B 29 -55.24 7.37 -24.64
C GLN B 29 -55.57 8.13 -23.36
N TYR B 30 -54.69 9.03 -22.94
CA TYR B 30 -54.88 9.81 -21.71
C TYR B 30 -54.67 11.28 -22.04
N PRO B 31 -55.70 11.94 -22.59
CA PRO B 31 -55.55 13.36 -22.94
C PRO B 31 -55.45 14.28 -21.73
N ASP B 32 -55.80 13.81 -20.55
CA ASP B 32 -55.74 14.62 -19.33
C ASP B 32 -54.39 14.57 -18.65
N ILE B 33 -53.43 13.84 -19.20
CA ILE B 33 -52.08 13.75 -18.64
C ILE B 33 -51.09 14.20 -19.70
N GLU B 34 -50.19 15.11 -19.34
CA GLU B 34 -49.11 15.53 -20.21
C GLU B 34 -47.78 15.23 -19.54
N VAL B 35 -46.83 14.74 -20.33
CA VAL B 35 -45.54 14.28 -19.84
C VAL B 35 -44.45 15.14 -20.47
N GLU B 36 -43.58 15.69 -19.64
CA GLU B 36 -42.42 16.44 -20.10
C GLU B 36 -41.16 15.63 -19.83
N ILE B 37 -40.28 15.56 -20.81
CA ILE B 37 -39.06 14.78 -20.71
C ILE B 37 -37.92 15.65 -20.18
N ILE B 38 -37.18 15.13 -19.21
CA ILE B 38 -35.97 15.74 -18.70
C ILE B 38 -34.79 14.88 -19.16
N PRO B 39 -33.98 15.34 -20.11
CA PRO B 39 -32.90 14.50 -20.63
C PRO B 39 -31.74 14.40 -19.65
N MET B 40 -31.08 13.24 -19.68
CA MET B 40 -30.06 12.86 -18.74
C MET B 40 -28.71 12.66 -19.44
N PRO B 41 -27.60 12.77 -18.71
CA PRO B 41 -26.30 12.44 -19.31
C PRO B 41 -26.22 10.96 -19.63
N ASP B 42 -25.30 10.63 -20.56
CA ASP B 42 -25.11 9.24 -20.93
C ASP B 42 -24.60 8.41 -19.77
N SER B 43 -23.81 9.00 -18.89
CA SER B 43 -23.13 8.26 -17.83
C SER B 43 -24.10 7.87 -16.72
N SER B 44 -24.14 6.58 -16.41
CA SER B 44 -24.94 6.12 -15.27
C SER B 44 -24.40 6.70 -13.97
N THR B 45 -23.07 6.78 -13.83
CA THR B 45 -22.47 7.38 -12.64
C THR B 45 -22.88 8.82 -12.49
N GLU B 46 -22.85 9.58 -13.60
CA GLU B 46 -23.25 10.98 -13.59
C GLU B 46 -24.73 11.14 -13.31
N ARG B 47 -25.56 10.23 -13.85
CA ARG B 47 -27.00 10.25 -13.55
C ARG B 47 -27.25 10.04 -12.06
N HIS B 48 -26.53 9.11 -11.45
CA HIS B 48 -26.72 8.81 -10.03
C HIS B 48 -26.56 10.07 -9.18
N ASP B 49 -25.53 10.86 -9.45
CA ASP B 49 -25.29 12.06 -8.66
C ASP B 49 -26.40 13.09 -8.88
N LEU B 50 -26.94 13.18 -10.09
CA LEU B 50 -28.08 14.06 -10.34
C LEU B 50 -29.28 13.66 -9.49
N TYR B 51 -29.56 12.35 -9.40
CA TYR B 51 -30.71 11.90 -8.62
C TYR B 51 -30.51 12.19 -7.13
N VAL B 52 -29.26 12.08 -6.65
CA VAL B 52 -28.98 12.36 -5.25
C VAL B 52 -29.35 13.79 -4.89
N THR B 53 -29.00 14.75 -5.75
CA THR B 53 -29.34 16.14 -5.48
C THR B 53 -30.83 16.39 -5.59
N TYR B 54 -31.53 15.66 -6.46
CA TYR B 54 -33.00 15.75 -6.51
C TYR B 54 -33.62 15.36 -5.17
N PHE B 55 -33.23 14.21 -4.63
CA PHE B 55 -33.84 13.70 -3.41
C PHE B 55 -33.43 14.52 -2.20
N ALA B 56 -32.18 14.99 -2.16
CA ALA B 56 -31.73 15.79 -1.03
C ALA B 56 -32.55 17.07 -0.90
N ALA B 57 -32.89 17.70 -2.03
CA ALA B 57 -33.66 18.93 -2.03
C ALA B 57 -35.16 18.69 -1.86
N GLY B 58 -35.62 17.45 -1.91
CA GLY B 58 -37.05 17.20 -1.80
C GLY B 58 -37.85 17.70 -2.99
N GLU B 59 -37.26 17.63 -4.18
CA GLU B 59 -37.88 18.24 -5.35
C GLU B 59 -39.08 17.42 -5.80
N THR B 60 -40.12 18.12 -6.27
CA THR B 60 -41.31 17.45 -6.79
C THR B 60 -41.16 17.12 -8.27
N ASP B 61 -39.97 17.31 -8.82
CA ASP B 61 -39.64 16.89 -10.18
C ASP B 61 -38.25 16.28 -10.12
N PRO B 62 -38.01 15.22 -10.92
CA PRO B 62 -38.95 14.56 -11.82
C PRO B 62 -39.92 13.63 -11.09
N ASP B 63 -41.07 13.34 -11.72
CA ASP B 63 -42.06 12.46 -11.11
C ASP B 63 -41.78 11.00 -11.43
N VAL B 64 -41.46 10.69 -12.69
CA VAL B 64 -41.09 9.34 -13.10
C VAL B 64 -39.59 9.28 -13.27
N LEU B 65 -38.97 8.31 -12.60
N LEU B 65 -38.96 8.28 -12.64
CA LEU B 65 -37.51 8.16 -12.56
CA LEU B 65 -37.51 8.18 -12.56
C LEU B 65 -37.09 6.95 -13.37
C LEU B 65 -37.06 6.95 -13.35
N MET B 66 -36.17 7.16 -14.31
CA MET B 66 -35.54 6.06 -15.04
C MET B 66 -34.32 5.63 -14.23
N LEU B 67 -34.42 4.47 -13.58
CA LEU B 67 -33.44 4.04 -12.59
C LEU B 67 -32.67 2.84 -13.07
N ASP B 68 -31.36 2.85 -12.83
CA ASP B 68 -30.52 1.71 -13.13
C ASP B 68 -30.77 0.59 -12.12
N VAL B 69 -30.61 -0.65 -12.57
CA VAL B 69 -30.90 -1.81 -11.73
C VAL B 69 -30.00 -1.88 -10.50
N ILE B 70 -28.90 -1.11 -10.48
CA ILE B 70 -28.00 -1.13 -9.32
C ILE B 70 -28.42 -0.16 -8.23
N TRP B 71 -29.43 0.67 -8.48
CA TRP B 71 -29.82 1.74 -7.56
C TRP B 71 -30.99 1.43 -6.61
N PRO B 72 -31.91 0.48 -6.90
CA PRO B 72 -33.08 0.33 -6.01
C PRO B 72 -32.77 0.22 -4.53
N ALA B 73 -31.70 -0.48 -4.15
CA ALA B 73 -31.37 -0.62 -2.73
C ALA B 73 -31.00 0.73 -2.12
N GLU B 74 -30.30 1.57 -2.88
CA GLU B 74 -29.89 2.87 -2.36
C GLU B 74 -31.04 3.87 -2.33
N PHE B 75 -31.87 3.90 -3.38
CA PHE B 75 -32.89 4.92 -3.54
C PHE B 75 -34.25 4.52 -3.00
N ALA B 76 -34.37 3.34 -2.39
CA ALA B 76 -35.68 2.90 -1.89
C ALA B 76 -36.32 3.88 -0.90
N PRO B 77 -35.60 4.52 0.02
CA PRO B 77 -36.26 5.51 0.89
C PRO B 77 -36.96 6.63 0.15
N PHE B 78 -36.56 6.94 -1.08
CA PHE B 78 -37.08 8.09 -1.80
C PHE B 78 -38.09 7.71 -2.88
N LEU B 79 -38.47 6.44 -2.96
CA LEU B 79 -39.37 5.96 -3.99
C LEU B 79 -40.70 5.54 -3.39
N GLU B 80 -41.77 5.75 -4.17
CA GLU B 80 -43.10 5.35 -3.74
C GLU B 80 -43.19 3.82 -3.68
N ASP B 81 -43.74 3.31 -2.58
CA ASP B 81 -43.90 1.87 -2.42
C ASP B 81 -45.01 1.38 -3.34
N LEU B 82 -44.67 0.43 -4.22
CA LEU B 82 -45.60 -0.09 -5.22
C LEU B 82 -46.06 -1.51 -4.92
N THR B 83 -45.76 -2.03 -3.73
CA THR B 83 -46.07 -3.42 -3.41
C THR B 83 -47.56 -3.71 -3.57
N ALA B 84 -48.41 -2.77 -3.14
CA ALA B 84 -49.85 -2.96 -3.26
C ALA B 84 -50.33 -2.94 -4.70
N ASP B 85 -49.52 -2.41 -5.62
CA ASP B 85 -49.86 -2.34 -7.03
C ASP B 85 -49.27 -3.51 -7.82
N LYS B 86 -48.88 -4.59 -7.14
CA LYS B 86 -48.25 -5.73 -7.80
C LYS B 86 -49.10 -6.25 -8.95
N ASP B 87 -50.40 -6.43 -8.70
CA ASP B 87 -51.29 -6.97 -9.73
C ASP B 87 -51.68 -5.91 -10.75
N TYR B 88 -51.74 -4.64 -10.35
CA TYR B 88 -52.05 -3.58 -11.31
C TYR B 88 -51.01 -3.51 -12.41
N PHE B 89 -49.73 -3.65 -12.06
CA PHE B 89 -48.65 -3.65 -13.03
C PHE B 89 -48.40 -5.03 -13.63
N GLU B 90 -49.14 -6.04 -13.18
CA GLU B 90 -49.06 -7.40 -13.73
C GLU B 90 -47.64 -7.97 -13.65
N LEU B 91 -46.99 -7.79 -12.49
CA LEU B 91 -45.62 -8.27 -12.32
C LEU B 91 -45.51 -9.79 -12.47
N GLY B 92 -46.59 -10.54 -12.28
CA GLY B 92 -46.53 -11.97 -12.52
C GLY B 92 -46.20 -12.34 -13.95
N GLU B 93 -46.40 -11.43 -14.90
CA GLU B 93 -46.08 -11.67 -16.30
C GLU B 93 -44.65 -11.33 -16.65
N PHE B 94 -43.87 -10.82 -15.71
CA PHE B 94 -42.51 -10.38 -15.96
C PHE B 94 -41.51 -11.49 -15.66
N LEU B 95 -40.34 -11.40 -16.29
CA LEU B 95 -39.22 -12.26 -15.97
C LEU B 95 -38.93 -12.18 -14.47
N PRO B 96 -38.97 -13.29 -13.74
CA PRO B 96 -38.82 -13.22 -12.27
C PRO B 96 -37.54 -12.55 -11.83
N GLY B 97 -36.46 -12.68 -12.59
CA GLY B 97 -35.21 -12.04 -12.20
C GLY B 97 -35.32 -10.52 -12.16
N THR B 98 -36.08 -9.95 -13.11
CA THR B 98 -36.24 -8.50 -13.13
C THR B 98 -37.12 -8.03 -11.97
N VAL B 99 -38.09 -8.85 -11.54
CA VAL B 99 -38.90 -8.50 -10.39
C VAL B 99 -38.08 -8.54 -9.12
N MET B 100 -37.14 -9.49 -9.03
CA MET B 100 -36.26 -9.54 -7.85
C MET B 100 -35.39 -8.31 -7.76
N SER B 101 -34.98 -7.75 -8.90
CA SER B 101 -34.10 -6.59 -8.89
C SER B 101 -34.79 -5.36 -8.32
N VAL B 102 -36.11 -5.28 -8.39
CA VAL B 102 -36.86 -4.13 -7.89
C VAL B 102 -37.47 -4.40 -6.52
N THR B 103 -37.16 -5.53 -5.90
CA THR B 103 -37.64 -5.85 -4.56
C THR B 103 -36.55 -5.55 -3.55
N VAL B 104 -36.83 -4.62 -2.63
CA VAL B 104 -35.89 -4.21 -1.59
C VAL B 104 -36.57 -4.42 -0.25
N ASN B 105 -36.02 -5.34 0.55
CA ASN B 105 -36.58 -5.68 1.86
C ASN B 105 -38.04 -6.09 1.74
N GLY B 106 -38.33 -6.94 0.77
CA GLY B 106 -39.68 -7.40 0.53
C GLY B 106 -40.61 -6.39 -0.10
N ARG B 107 -40.12 -5.18 -0.40
CA ARG B 107 -40.95 -4.13 -0.97
C ARG B 107 -40.60 -3.91 -2.44
N ILE B 108 -41.64 -3.71 -3.26
CA ILE B 108 -41.45 -3.41 -4.67
C ILE B 108 -41.40 -1.90 -4.82
N VAL B 109 -40.24 -1.38 -5.25
CA VAL B 109 -39.99 0.04 -5.33
C VAL B 109 -39.93 0.55 -6.75
N ALA B 110 -40.12 -0.30 -7.75
CA ALA B 110 -40.06 0.11 -9.15
C ALA B 110 -40.65 -1.00 -10.00
N VAL B 111 -40.86 -0.68 -11.28
CA VAL B 111 -41.37 -1.61 -12.27
C VAL B 111 -40.30 -1.83 -13.32
N PRO B 112 -39.92 -3.06 -13.63
CA PRO B 112 -38.87 -3.28 -14.64
C PRO B 112 -39.32 -2.81 -16.01
N TRP B 113 -38.45 -2.05 -16.68
CA TRP B 113 -38.75 -1.50 -18.00
C TRP B 113 -38.09 -2.33 -19.11
N PHE B 114 -36.77 -2.42 -19.10
CA PHE B 114 -36.06 -3.31 -20.02
C PHE B 114 -34.83 -3.87 -19.31
N THR B 115 -34.42 -5.07 -19.74
CA THR B 115 -33.29 -5.78 -19.15
C THR B 115 -32.12 -5.77 -20.12
N ASP B 116 -30.93 -6.06 -19.59
CA ASP B 116 -29.68 -5.89 -20.34
C ASP B 116 -28.70 -7.01 -20.00
N ALA B 117 -27.81 -7.28 -20.95
CA ALA B 117 -26.67 -8.16 -20.74
C ALA B 117 -25.60 -7.84 -21.79
N GLY B 118 -24.35 -8.01 -21.41
CA GLY B 118 -23.26 -7.77 -22.34
C GLY B 118 -23.25 -8.80 -23.45
N LEU B 119 -22.95 -8.34 -24.66
CA LEU B 119 -22.94 -9.20 -25.85
C LEU B 119 -21.70 -8.89 -26.69
N LEU B 120 -21.37 -9.83 -27.56
CA LEU B 120 -20.27 -9.68 -28.50
C LEU B 120 -20.85 -9.39 -29.89
N TYR B 121 -20.51 -8.22 -30.43
CA TYR B 121 -20.80 -7.89 -31.82
C TYR B 121 -19.55 -8.17 -32.65
N TYR B 122 -19.74 -8.74 -33.85
CA TYR B 122 -18.63 -9.04 -34.71
C TYR B 122 -19.02 -8.83 -36.18
N ARG B 123 -18.02 -8.50 -36.98
CA ARG B 123 -18.19 -8.32 -38.42
C ARG B 123 -18.18 -9.71 -39.05
N LYS B 124 -19.37 -10.27 -39.28
CA LYS B 124 -19.45 -11.63 -39.81
C LYS B 124 -18.82 -11.73 -41.20
N ASP B 125 -18.89 -10.66 -41.99
CA ASP B 125 -18.28 -10.69 -43.31
C ASP B 125 -16.76 -10.82 -43.23
N LEU B 126 -16.14 -10.10 -42.31
CA LEU B 126 -14.69 -10.18 -42.18
C LEU B 126 -14.25 -11.54 -41.64
N LEU B 127 -15.03 -12.10 -40.71
CA LEU B 127 -14.71 -13.43 -40.19
C LEU B 127 -14.79 -14.48 -41.30
N GLU B 128 -15.84 -14.41 -42.12
CA GLU B 128 -15.98 -15.33 -43.24
C GLU B 128 -14.88 -15.11 -44.27
N LYS B 129 -14.52 -13.85 -44.51
CA LYS B 129 -13.51 -13.52 -45.51
C LYS B 129 -12.14 -14.10 -45.16
N TYR B 130 -11.84 -14.25 -43.88
CA TYR B 130 -10.53 -14.73 -43.47
C TYR B 130 -10.57 -16.15 -42.92
N GLY B 131 -11.57 -16.93 -43.31
CA GLY B 131 -11.55 -18.35 -43.00
C GLY B 131 -12.05 -18.73 -41.64
N TYR B 132 -12.89 -17.91 -41.02
CA TYR B 132 -13.44 -18.21 -39.71
C TYR B 132 -14.93 -18.52 -39.85
N ASP B 133 -15.31 -19.69 -39.37
CA ASP B 133 -16.66 -20.23 -39.48
C ASP B 133 -17.50 -20.01 -38.23
N HIS B 134 -16.99 -19.29 -37.24
CA HIS B 134 -17.69 -19.16 -35.97
C HIS B 134 -17.20 -17.91 -35.25
N ALA B 135 -18.06 -17.40 -34.37
CA ALA B 135 -17.64 -16.34 -33.48
C ALA B 135 -16.62 -16.91 -32.48
N PRO B 136 -15.68 -16.08 -32.00
CA PRO B 136 -14.67 -16.60 -31.08
C PRO B 136 -15.30 -17.17 -29.82
N ARG B 137 -14.88 -18.39 -29.45
CA ARG B 137 -15.44 -19.09 -28.29
C ARG B 137 -14.64 -18.86 -27.01
N THR B 138 -13.39 -18.42 -27.11
CA THR B 138 -12.60 -18.07 -25.93
C THR B 138 -12.00 -16.69 -26.13
N TRP B 139 -11.56 -16.09 -25.02
CA TRP B 139 -10.94 -14.77 -25.11
C TRP B 139 -9.65 -14.83 -25.92
N ASP B 140 -8.91 -15.94 -25.81
CA ASP B 140 -7.68 -16.07 -26.57
C ASP B 140 -7.97 -16.19 -28.07
N GLU B 141 -9.04 -16.89 -28.42
CA GLU B 141 -9.42 -16.98 -29.83
C GLU B 141 -9.87 -15.63 -30.38
N LEU B 142 -10.50 -14.81 -29.55
CA LEU B 142 -10.86 -13.46 -29.97
C LEU B 142 -9.62 -12.64 -30.29
N VAL B 143 -8.62 -12.69 -29.41
CA VAL B 143 -7.37 -11.97 -29.65
C VAL B 143 -6.71 -12.46 -30.93
N GLU B 144 -6.68 -13.77 -31.14
CA GLU B 144 -6.05 -14.34 -32.33
C GLU B 144 -6.77 -13.90 -33.59
N MET B 145 -8.10 -13.97 -33.59
CA MET B 145 -8.87 -13.46 -34.73
C MET B 145 -8.67 -11.96 -34.89
N ALA B 146 -8.64 -11.23 -33.77
CA ALA B 146 -8.58 -9.77 -33.85
C ALA B 146 -7.25 -9.30 -34.45
N LYS B 147 -6.13 -9.90 -34.08
CA LYS B 147 -4.86 -9.46 -34.64
C LYS B 147 -4.82 -9.68 -36.14
N LYS B 148 -5.19 -10.88 -36.61
CA LYS B 148 -5.05 -11.17 -38.03
C LYS B 148 -5.93 -10.27 -38.88
N ILE B 149 -7.20 -10.13 -38.49
CA ILE B 149 -8.12 -9.36 -39.33
C ILE B 149 -7.83 -7.88 -39.25
N SER B 150 -7.44 -7.38 -38.07
CA SER B 150 -7.22 -5.95 -37.90
C SER B 150 -5.99 -5.50 -38.66
N GLN B 151 -4.93 -6.31 -38.66
CA GLN B 151 -3.71 -5.94 -39.37
C GLN B 151 -3.87 -6.12 -40.89
N ALA B 152 -4.66 -7.10 -41.31
CA ALA B 152 -4.93 -7.26 -42.74
C ALA B 152 -5.80 -6.14 -43.28
N GLU B 153 -6.81 -5.72 -42.52
CA GLU B 153 -7.76 -4.71 -42.98
C GLU B 153 -7.38 -3.29 -42.60
N GLY B 154 -6.52 -3.11 -41.61
CA GLY B 154 -6.14 -1.77 -41.19
C GLY B 154 -7.16 -1.09 -40.31
N ILE B 155 -7.92 -1.86 -39.54
CA ILE B 155 -8.92 -1.29 -38.63
C ILE B 155 -8.60 -1.76 -37.22
N HIS B 156 -9.40 -1.33 -36.25
CA HIS B 156 -9.22 -1.77 -34.88
C HIS B 156 -9.77 -3.19 -34.71
N GLY B 157 -9.20 -3.90 -33.75
CA GLY B 157 -9.62 -5.27 -33.48
C GLY B 157 -10.85 -5.40 -32.61
N PHE B 158 -10.88 -4.64 -31.50
CA PHE B 158 -11.85 -4.89 -30.44
C PHE B 158 -12.03 -3.61 -29.65
N VAL B 159 -13.24 -3.06 -29.65
CA VAL B 159 -13.56 -1.86 -28.89
C VAL B 159 -14.60 -2.19 -27.83
N TRP B 160 -14.51 -1.49 -26.70
CA TRP B 160 -15.40 -1.71 -25.57
C TRP B 160 -15.42 -0.44 -24.72
N GLN B 161 -15.91 -0.55 -23.48
CA GLN B 161 -16.11 0.60 -22.61
C GLN B 161 -15.02 0.64 -21.54
N GLY B 162 -14.09 1.58 -21.69
CA GLY B 162 -12.97 1.69 -20.77
C GLY B 162 -12.84 3.01 -20.04
N ALA B 163 -13.77 3.93 -20.26
CA ALA B 163 -13.75 5.20 -19.54
C ALA B 163 -14.00 4.97 -18.06
N ARG B 164 -13.62 5.95 -17.24
CA ARG B 164 -13.76 5.84 -15.79
C ARG B 164 -15.20 6.17 -15.40
N TYR B 165 -16.06 5.15 -15.47
CA TYR B 165 -17.46 5.27 -15.08
C TYR B 165 -18.01 3.88 -14.87
N GLU B 166 -19.33 3.80 -14.64
CA GLU B 166 -19.96 2.52 -14.32
C GLU B 166 -19.78 1.49 -15.42
N GLY B 167 -19.77 1.93 -16.68
CA GLY B 167 -19.64 1.00 -17.78
C GLY B 167 -18.35 0.19 -17.75
N LEU B 168 -17.27 0.80 -17.24
CA LEU B 168 -16.01 0.07 -17.09
C LEU B 168 -16.16 -1.10 -16.13
N VAL B 169 -16.89 -0.90 -15.04
CA VAL B 169 -17.11 -1.98 -14.07
C VAL B 169 -17.83 -3.14 -14.74
N CYS B 170 -18.83 -2.84 -15.56
CA CYS B 170 -19.56 -3.89 -16.25
C CYS B 170 -18.64 -4.69 -17.17
N ASP B 171 -17.76 -4.00 -17.90
CA ASP B 171 -16.79 -4.69 -18.74
C ASP B 171 -15.82 -5.52 -17.90
N PHE B 172 -15.29 -4.92 -16.83
CA PHE B 172 -14.29 -5.60 -16.01
C PHE B 172 -14.83 -6.88 -15.39
N LEU B 173 -16.07 -6.84 -14.89
CA LEU B 173 -16.63 -8.01 -14.22
C LEU B 173 -16.81 -9.18 -15.17
N GLU B 174 -17.06 -8.91 -16.45
CA GLU B 174 -17.20 -9.99 -17.43
C GLU B 174 -15.87 -10.72 -17.61
N TYR B 175 -14.76 -10.00 -17.56
CA TYR B 175 -13.45 -10.67 -17.59
C TYR B 175 -13.18 -11.39 -16.28
N LEU B 176 -13.43 -10.73 -15.15
CA LEU B 176 -13.20 -11.34 -13.84
C LEU B 176 -13.96 -12.65 -13.69
N TRP B 177 -15.25 -12.63 -14.01
CA TRP B 177 -16.08 -13.83 -13.81
C TRP B 177 -15.68 -14.94 -14.77
N SER B 178 -15.42 -14.61 -16.04
CA SER B 178 -15.04 -15.63 -17.00
C SER B 178 -13.65 -16.20 -16.74
N PHE B 179 -12.81 -15.48 -16.01
CA PHE B 179 -11.49 -15.96 -15.63
C PHE B 179 -11.50 -16.74 -14.32
N GLY B 180 -12.66 -16.88 -13.68
CA GLY B 180 -12.78 -17.65 -12.45
C GLY B 180 -12.72 -16.86 -11.17
N GLY B 181 -12.69 -15.53 -11.24
CA GLY B 181 -12.66 -14.69 -10.05
C GLY B 181 -14.03 -14.17 -9.68
N ASP B 182 -14.05 -13.38 -8.59
CA ASP B 182 -15.27 -12.76 -8.12
C ASP B 182 -14.90 -11.63 -7.17
N VAL B 183 -15.89 -10.77 -6.89
CA VAL B 183 -15.70 -9.63 -5.99
C VAL B 183 -16.03 -10.04 -4.56
N LEU B 184 -17.26 -10.51 -4.34
CA LEU B 184 -17.72 -10.98 -3.05
C LEU B 184 -18.15 -12.43 -3.17
N ASP B 185 -17.91 -13.21 -2.11
CA ASP B 185 -18.38 -14.59 -2.09
C ASP B 185 -19.82 -14.63 -1.59
N GLU B 186 -20.32 -15.84 -1.30
CA GLU B 186 -21.72 -16.02 -0.96
C GLU B 186 -22.07 -15.43 0.41
N SER B 187 -21.10 -15.33 1.31
CA SER B 187 -21.32 -14.69 2.61
C SER B 187 -20.99 -13.19 2.62
N GLY B 188 -20.54 -12.62 1.50
CA GLY B 188 -20.19 -11.21 1.49
C GLY B 188 -18.73 -10.92 1.76
N LYS B 189 -17.90 -11.95 1.90
CA LYS B 189 -16.48 -11.76 2.10
C LYS B 189 -15.82 -11.31 0.80
N VAL B 190 -14.93 -10.32 0.90
CA VAL B 190 -14.17 -9.87 -0.26
C VAL B 190 -13.21 -10.96 -0.69
N VAL B 191 -13.26 -11.34 -1.96
CA VAL B 191 -12.42 -12.42 -2.47
C VAL B 191 -11.73 -11.99 -3.75
N ILE B 192 -11.75 -10.69 -4.04
CA ILE B 192 -11.19 -10.20 -5.30
C ILE B 192 -9.66 -10.28 -5.32
N ASP B 193 -9.03 -10.51 -4.17
CA ASP B 193 -7.58 -10.66 -4.11
C ASP B 193 -7.23 -12.11 -4.42
N SER B 194 -7.14 -12.42 -5.70
CA SER B 194 -6.89 -13.76 -6.19
C SER B 194 -6.03 -13.68 -7.44
N PRO B 195 -5.34 -14.77 -7.79
CA PRO B 195 -4.60 -14.78 -9.06
C PRO B 195 -5.50 -14.64 -10.28
N GLU B 196 -6.73 -15.16 -10.20
CA GLU B 196 -7.66 -15.04 -11.32
C GLU B 196 -7.99 -13.57 -11.60
N ALA B 197 -8.17 -12.78 -10.55
CA ALA B 197 -8.49 -11.37 -10.74
C ALA B 197 -7.33 -10.61 -11.38
N VAL B 198 -6.10 -10.90 -10.94
CA VAL B 198 -4.94 -10.25 -11.54
C VAL B 198 -4.81 -10.63 -13.00
N ALA B 199 -5.08 -11.89 -13.33
CA ALA B 199 -4.99 -12.32 -14.73
C ALA B 199 -6.05 -11.66 -15.59
N ALA B 200 -7.27 -11.50 -15.06
CA ALA B 200 -8.34 -10.86 -15.81
C ALA B 200 -8.00 -9.40 -16.09
N LEU B 201 -7.53 -8.68 -15.08
CA LEU B 201 -7.16 -7.28 -15.28
C LEU B 201 -5.94 -7.17 -16.20
N GLN B 202 -4.98 -8.08 -16.06
CA GLN B 202 -3.81 -8.06 -16.93
C GLN B 202 -4.22 -8.33 -18.38
N PHE B 203 -5.19 -9.23 -18.58
CA PHE B 203 -5.66 -9.50 -19.93
C PHE B 203 -6.24 -8.25 -20.58
N MET B 204 -6.99 -7.45 -19.82
CA MET B 204 -7.52 -6.20 -20.35
C MET B 204 -6.39 -5.24 -20.72
N VAL B 205 -5.37 -5.14 -19.87
CA VAL B 205 -4.23 -4.28 -20.18
C VAL B 205 -3.51 -4.79 -21.43
N ASP B 206 -3.35 -6.11 -21.55
CA ASP B 206 -2.63 -6.66 -22.69
C ASP B 206 -3.36 -6.42 -24.01
N LEU B 207 -4.70 -6.32 -23.97
CA LEU B 207 -5.45 -6.02 -25.18
C LEU B 207 -5.00 -4.70 -25.81
N ILE B 208 -4.56 -3.76 -24.99
CA ILE B 208 -4.15 -2.44 -25.46
C ILE B 208 -2.68 -2.42 -25.85
N TYR B 209 -1.81 -2.86 -24.94
CA TYR B 209 -0.38 -2.61 -25.06
C TYR B 209 0.43 -3.81 -25.57
N LYS B 210 0.00 -5.04 -25.32
CA LYS B 210 0.71 -6.22 -25.83
C LYS B 210 0.16 -6.63 -27.19
N HIS B 211 -1.09 -7.06 -27.23
CA HIS B 211 -1.69 -7.55 -28.46
C HIS B 211 -2.06 -6.41 -29.42
N LYS B 212 -2.31 -5.21 -28.90
CA LYS B 212 -2.65 -4.04 -29.71
C LYS B 212 -3.88 -4.27 -30.58
N VAL B 213 -4.84 -5.02 -30.05
CA VAL B 213 -6.13 -5.18 -30.73
C VAL B 213 -7.15 -4.16 -30.27
N THR B 214 -6.87 -3.40 -29.22
CA THR B 214 -7.75 -2.37 -28.71
C THR B 214 -7.01 -1.04 -28.68
N PRO B 215 -7.56 0.02 -29.27
CA PRO B 215 -6.87 1.32 -29.26
C PRO B 215 -6.75 1.87 -27.85
N GLU B 216 -5.65 2.58 -27.60
CA GLU B 216 -5.45 3.20 -26.29
C GLU B 216 -6.57 4.18 -25.94
N GLY B 217 -7.25 4.73 -26.95
CA GLY B 217 -8.37 5.62 -26.70
C GLY B 217 -9.55 4.96 -26.00
N VAL B 218 -9.51 3.64 -25.84
CA VAL B 218 -10.61 2.94 -25.18
C VAL B 218 -10.79 3.41 -23.76
N THR B 219 -9.73 3.94 -23.13
CA THR B 219 -9.81 4.47 -21.78
C THR B 219 -10.67 5.73 -21.70
N THR B 220 -11.22 6.20 -22.82
CA THR B 220 -12.18 7.30 -22.83
C THR B 220 -13.53 6.91 -23.44
N TYR B 221 -13.71 5.64 -23.81
CA TYR B 221 -14.91 5.23 -24.52
C TYR B 221 -16.04 4.88 -23.56
N MET B 222 -17.24 5.32 -23.90
CA MET B 222 -18.48 4.85 -23.30
C MET B 222 -19.24 4.02 -24.35
N GLU B 223 -20.50 3.71 -24.04
CA GLU B 223 -21.28 2.87 -24.95
C GLU B 223 -21.33 3.44 -26.36
N GLU B 224 -21.62 4.73 -26.48
CA GLU B 224 -21.82 5.31 -27.81
C GLU B 224 -20.52 5.51 -28.56
N ASP B 225 -19.41 5.73 -27.86
CA ASP B 225 -18.12 5.85 -28.53
C ASP B 225 -17.73 4.55 -29.22
N ALA B 226 -17.81 3.43 -28.49
CA ALA B 226 -17.54 2.14 -29.10
C ALA B 226 -18.54 1.83 -30.21
N ARG B 227 -19.78 2.25 -30.04
CA ARG B 227 -20.81 1.95 -31.04
C ARG B 227 -20.52 2.64 -32.37
N ARG B 228 -20.07 3.90 -32.33
CA ARG B 228 -19.85 4.64 -33.57
C ARG B 228 -18.66 4.09 -34.35
N ILE B 229 -17.60 3.70 -33.66
CA ILE B 229 -16.42 3.14 -34.33
C ILE B 229 -16.78 1.84 -35.03
N PHE B 230 -17.51 0.96 -34.33
CA PHE B 230 -17.94 -0.29 -34.94
C PHE B 230 -18.91 -0.03 -36.10
N GLN B 231 -19.85 0.91 -35.91
CA GLN B 231 -20.87 1.16 -36.92
C GLN B 231 -20.27 1.67 -38.22
N ASN B 232 -19.20 2.46 -38.15
CA ASN B 232 -18.54 2.99 -39.33
C ASN B 232 -17.51 2.02 -39.92
N GLY B 233 -17.58 0.75 -39.55
CA GLY B 233 -16.73 -0.24 -40.16
C GLY B 233 -15.30 -0.22 -39.69
N GLU B 234 -15.03 0.29 -38.48
CA GLU B 234 -13.66 0.47 -38.03
C GLU B 234 -13.25 -0.48 -36.92
N ALA B 235 -14.01 -1.54 -36.67
CA ALA B 235 -13.64 -2.50 -35.63
C ALA B 235 -14.19 -3.87 -36.01
N VAL B 236 -13.39 -4.90 -35.74
CA VAL B 236 -13.82 -6.26 -36.02
C VAL B 236 -14.81 -6.73 -34.97
N PHE B 237 -14.51 -6.47 -33.69
CA PHE B 237 -15.35 -6.91 -32.59
C PHE B 237 -15.77 -5.72 -31.74
N MET B 238 -16.90 -5.87 -31.05
CA MET B 238 -17.35 -4.89 -30.08
C MET B 238 -18.13 -5.60 -28.98
N ARG B 239 -17.80 -5.27 -27.73
CA ARG B 239 -18.65 -5.61 -26.59
C ARG B 239 -19.58 -4.44 -26.32
N ASN B 240 -20.88 -4.72 -26.28
CA ASN B 240 -21.86 -3.67 -26.01
C ASN B 240 -23.19 -4.32 -25.64
N TRP B 241 -24.15 -3.48 -25.28
CA TRP B 241 -25.48 -3.93 -24.90
C TRP B 241 -26.35 -4.12 -26.13
N PRO B 242 -27.51 -4.77 -25.99
CA PRO B 242 -28.36 -5.02 -27.16
C PRO B 242 -28.79 -3.78 -27.94
N TYR B 243 -28.85 -2.61 -27.30
CA TYR B 243 -29.41 -1.43 -27.95
C TYR B 243 -28.68 -1.10 -29.26
N ALA B 244 -27.37 -1.34 -29.30
CA ALA B 244 -26.58 -0.97 -30.48
C ALA B 244 -27.06 -1.65 -31.74
N TRP B 245 -27.73 -2.79 -31.62
CA TRP B 245 -28.24 -3.50 -32.79
C TRP B 245 -29.20 -2.63 -33.60
N SER B 246 -30.03 -1.83 -32.92
CA SER B 246 -31.00 -1.01 -33.61
C SER B 246 -30.38 0.08 -34.47
N LEU B 247 -29.09 0.37 -34.31
CA LEU B 247 -28.38 1.34 -35.13
C LEU B 247 -27.37 0.73 -36.08
N VAL B 248 -26.55 -0.22 -35.62
CA VAL B 248 -25.53 -0.80 -36.50
C VAL B 248 -26.13 -1.68 -37.59
N ASN B 249 -27.40 -2.06 -37.45
CA ASN B 249 -28.10 -2.83 -38.48
C ASN B 249 -29.27 -2.06 -39.07
N SER B 250 -29.30 -0.74 -38.89
CA SER B 250 -30.34 0.08 -39.48
C SER B 250 -29.97 0.42 -40.93
N ASP B 251 -30.93 1.04 -41.63
CA ASP B 251 -30.69 1.40 -43.03
C ASP B 251 -29.63 2.49 -43.17
N GLU B 252 -29.31 3.21 -42.09
CA GLU B 252 -28.26 4.23 -42.11
C GLU B 252 -26.88 3.66 -41.80
N SER B 253 -26.77 2.37 -41.51
CA SER B 253 -25.49 1.82 -41.08
C SER B 253 -24.70 1.33 -42.28
N PRO B 254 -23.42 1.68 -42.41
CA PRO B 254 -22.61 1.14 -43.51
C PRO B 254 -22.38 -0.36 -43.43
N ILE B 255 -22.59 -0.96 -42.26
CA ILE B 255 -22.33 -2.37 -42.06
C ILE B 255 -23.62 -3.17 -41.88
N LYS B 256 -24.75 -2.62 -42.32
CA LYS B 256 -26.02 -3.33 -42.23
C LYS B 256 -25.92 -4.67 -42.96
N GLY B 257 -26.42 -5.72 -42.33
CA GLY B 257 -26.33 -7.05 -42.90
C GLY B 257 -25.00 -7.73 -42.74
N LYS B 258 -24.01 -7.05 -42.13
CA LYS B 258 -22.69 -7.62 -41.91
C LYS B 258 -22.40 -7.85 -40.43
N VAL B 259 -23.41 -7.75 -39.58
CA VAL B 259 -23.23 -7.76 -38.13
C VAL B 259 -23.74 -9.08 -37.57
N GLY B 260 -22.91 -9.75 -36.78
CA GLY B 260 -23.31 -10.92 -36.02
C GLY B 260 -23.32 -10.61 -34.54
N VAL B 261 -24.14 -11.34 -33.80
CA VAL B 261 -24.25 -11.19 -32.34
C VAL B 261 -24.07 -12.56 -31.72
N ALA B 262 -23.24 -12.64 -30.68
CA ALA B 262 -22.92 -13.89 -30.03
C ALA B 262 -22.71 -13.63 -28.54
N PRO B 263 -22.76 -14.67 -27.71
CA PRO B 263 -22.36 -14.49 -26.32
C PRO B 263 -20.89 -14.12 -26.21
N LEU B 264 -20.54 -13.48 -25.10
CA LEU B 264 -19.15 -13.16 -24.85
C LEU B 264 -18.34 -14.45 -24.72
N PRO B 265 -17.06 -14.41 -25.05
CA PRO B 265 -16.26 -15.64 -25.04
C PRO B 265 -16.04 -16.16 -23.63
N MET B 266 -15.70 -17.45 -23.57
CA MET B 266 -15.33 -18.09 -22.31
C MET B 266 -13.90 -17.71 -21.93
N GLY B 267 -13.61 -17.84 -20.64
CA GLY B 267 -12.29 -17.55 -20.13
C GLY B 267 -11.65 -18.76 -19.49
N PRO B 268 -10.43 -18.59 -18.96
CA PRO B 268 -9.74 -19.73 -18.34
C PRO B 268 -10.49 -20.35 -17.17
N GLY B 269 -11.48 -19.67 -16.61
CA GLY B 269 -12.30 -20.24 -15.57
C GLY B 269 -13.25 -21.32 -16.02
N GLY B 270 -13.25 -21.67 -17.31
CA GLY B 270 -14.17 -22.67 -17.80
C GLY B 270 -15.59 -22.16 -17.95
N ARG B 271 -15.77 -20.84 -17.96
CA ARG B 271 -17.09 -20.24 -17.94
C ARG B 271 -17.09 -18.95 -18.74
N ARG B 272 -18.22 -18.64 -19.35
CA ARG B 272 -18.48 -17.32 -19.92
C ARG B 272 -19.42 -16.57 -19.00
N ALA B 273 -19.41 -15.24 -19.10
CA ALA B 273 -20.23 -14.45 -18.20
C ALA B 273 -20.64 -13.15 -18.90
N ALA B 274 -21.80 -12.64 -18.49
CA ALA B 274 -22.30 -11.36 -18.96
C ALA B 274 -22.86 -10.60 -17.77
N THR B 275 -22.55 -9.31 -17.69
CA THR B 275 -23.01 -8.48 -16.59
C THR B 275 -24.48 -8.14 -16.77
N LEU B 276 -25.26 -8.36 -15.71
CA LEU B 276 -26.67 -7.99 -15.73
C LEU B 276 -26.82 -6.48 -15.71
N GLY B 277 -27.60 -5.95 -16.65
CA GLY B 277 -27.92 -4.54 -16.65
C GLY B 277 -29.42 -4.34 -16.73
N GLY B 278 -29.85 -3.13 -17.05
CA GLY B 278 -31.26 -2.85 -17.21
C GLY B 278 -31.69 -1.59 -16.51
N TRP B 279 -32.87 -1.09 -16.85
CA TRP B 279 -33.40 0.13 -16.26
C TRP B 279 -34.85 -0.08 -15.87
N VAL B 280 -35.25 0.54 -14.76
CA VAL B 280 -36.57 0.37 -14.17
C VAL B 280 -37.19 1.74 -13.93
N LEU B 281 -38.51 1.75 -13.77
CA LEU B 281 -39.27 2.97 -13.62
C LEU B 281 -39.80 3.07 -12.19
N GLY B 282 -39.40 4.15 -11.49
CA GLY B 282 -39.87 4.41 -10.16
C GLY B 282 -40.59 5.75 -10.08
N ILE B 283 -41.27 5.98 -8.96
CA ILE B 283 -42.07 7.17 -8.75
C ILE B 283 -41.49 7.96 -7.59
N ASN B 284 -41.28 9.26 -7.80
CA ASN B 284 -40.78 10.15 -6.75
C ASN B 284 -41.74 10.18 -5.57
N LYS B 285 -41.19 9.94 -4.37
CA LYS B 285 -42.03 9.94 -3.16
C LYS B 285 -42.55 11.33 -2.83
N PHE B 286 -41.80 12.37 -3.19
CA PHE B 286 -42.17 13.74 -2.87
C PHE B 286 -43.20 14.34 -3.82
N SER B 287 -43.62 13.60 -4.84
CA SER B 287 -44.61 14.11 -5.78
C SER B 287 -46.00 14.15 -5.12
N SER B 288 -46.87 14.98 -5.70
CA SER B 288 -48.23 15.10 -5.21
C SER B 288 -49.01 13.82 -5.51
N PRO B 289 -50.08 13.54 -4.75
CA PRO B 289 -50.85 12.31 -5.01
C PRO B 289 -51.43 12.25 -6.41
N GLU B 290 -51.87 13.37 -6.99
CA GLU B 290 -52.38 13.33 -8.35
C GLU B 290 -51.27 13.09 -9.36
N GLU B 291 -50.05 13.57 -9.07
CA GLU B 291 -48.92 13.26 -9.93
C GLU B 291 -48.58 11.78 -9.87
N LYS B 292 -48.66 11.18 -8.67
CA LYS B 292 -48.36 9.76 -8.53
C LYS B 292 -49.38 8.90 -9.27
N GLU B 293 -50.66 9.28 -9.22
CA GLU B 293 -51.67 8.55 -9.96
C GLU B 293 -51.41 8.60 -11.45
N ALA B 294 -51.04 9.77 -11.97
CA ALA B 294 -50.70 9.88 -13.39
C ALA B 294 -49.45 9.08 -13.72
N ALA B 295 -48.46 9.10 -12.82
CA ALA B 295 -47.24 8.35 -13.04
C ALA B 295 -47.50 6.85 -13.14
N LYS B 296 -48.39 6.33 -12.28
CA LYS B 296 -48.72 4.90 -12.33
C LYS B 296 -49.35 4.52 -13.66
N LYS B 297 -50.18 5.42 -14.22
CA LYS B 297 -50.79 5.12 -15.52
C LYS B 297 -49.76 5.14 -16.63
N LEU B 298 -48.78 6.06 -16.56
CA LEU B 298 -47.72 6.11 -17.56
C LEU B 298 -46.85 4.86 -17.51
N ILE B 299 -46.46 4.44 -16.30
CA ILE B 299 -45.59 3.27 -16.17
C ILE B 299 -46.29 2.02 -16.66
N LYS B 300 -47.56 1.85 -16.30
CA LYS B 300 -48.31 0.69 -16.79
C LYS B 300 -48.39 0.70 -18.32
N PHE B 301 -48.60 1.89 -18.90
CA PHE B 301 -48.65 1.98 -20.36
C PHE B 301 -47.31 1.61 -20.98
N LEU B 302 -46.21 2.15 -20.43
CA LEU B 302 -44.90 1.93 -21.04
C LEU B 302 -44.43 0.48 -20.89
N THR B 303 -44.84 -0.21 -19.83
CA THR B 303 -44.42 -1.59 -19.61
C THR B 303 -45.46 -2.59 -20.08
N SER B 304 -46.46 -2.15 -20.85
CA SER B 304 -47.44 -3.07 -21.41
C SER B 304 -46.81 -3.89 -22.54
N TYR B 305 -47.52 -4.94 -22.96
CA TYR B 305 -47.01 -5.84 -24.00
C TYR B 305 -46.69 -5.08 -25.28
N ASP B 306 -47.65 -4.28 -25.78
CA ASP B 306 -47.46 -3.62 -27.06
C ASP B 306 -46.34 -2.59 -27.02
N GLN B 307 -46.21 -1.87 -25.90
CA GLN B 307 -45.18 -0.85 -25.81
C GLN B 307 -43.80 -1.45 -25.62
N GLN B 308 -43.69 -2.54 -24.85
CA GLN B 308 -42.41 -3.22 -24.72
C GLN B 308 -41.96 -3.79 -26.06
N LEU B 309 -42.89 -4.32 -26.85
CA LEU B 309 -42.55 -4.79 -28.19
C LEU B 309 -42.12 -3.64 -29.08
N TYR B 310 -42.81 -2.51 -29.00
CA TYR B 310 -42.44 -1.34 -29.79
C TYR B 310 -41.05 -0.86 -29.44
N LYS B 311 -40.73 -0.78 -28.15
CA LYS B 311 -39.41 -0.33 -27.71
C LYS B 311 -38.32 -1.31 -28.13
N ALA B 312 -38.60 -2.62 -28.05
CA ALA B 312 -37.60 -3.61 -28.43
C ALA B 312 -37.29 -3.53 -29.92
N ILE B 313 -38.32 -3.42 -30.76
CA ILE B 313 -38.12 -3.40 -32.20
C ILE B 313 -37.40 -2.13 -32.63
N ASN B 314 -37.74 -0.99 -32.03
CA ASN B 314 -37.27 0.30 -32.51
C ASN B 314 -36.03 0.83 -31.79
N ALA B 315 -35.83 0.46 -30.52
CA ALA B 315 -34.66 0.90 -29.77
C ALA B 315 -33.72 -0.22 -29.40
N GLY B 316 -34.08 -1.47 -29.69
CA GLY B 316 -33.19 -2.59 -29.41
C GLY B 316 -32.99 -2.89 -27.95
N GLN B 317 -34.01 -2.68 -27.11
CA GLN B 317 -33.90 -2.85 -25.67
C GLN B 317 -34.82 -3.98 -25.23
N ASN B 318 -34.28 -4.91 -24.44
CA ASN B 318 -34.91 -6.22 -24.23
C ASN B 318 -36.18 -6.10 -23.40
N PRO B 319 -37.27 -6.76 -23.80
CA PRO B 319 -38.49 -6.74 -22.99
C PRO B 319 -38.28 -7.43 -21.65
N THR B 320 -39.04 -6.99 -20.65
CA THR B 320 -39.08 -7.65 -19.36
C THR B 320 -40.29 -8.55 -19.19
N ARG B 321 -41.28 -8.46 -20.09
CA ARG B 321 -42.40 -9.38 -20.08
C ARG B 321 -42.02 -10.67 -20.79
N LYS B 322 -42.34 -11.80 -20.17
CA LYS B 322 -41.96 -13.10 -20.73
C LYS B 322 -42.61 -13.33 -22.09
N ALA B 323 -43.89 -13.00 -22.24
CA ALA B 323 -44.63 -13.37 -23.44
C ALA B 323 -44.17 -12.63 -24.69
N VAL B 324 -43.53 -11.46 -24.54
CA VAL B 324 -43.09 -10.71 -25.72
C VAL B 324 -42.06 -11.48 -26.51
N TYR B 325 -41.32 -12.38 -25.85
CA TYR B 325 -40.29 -13.15 -26.53
C TYR B 325 -40.87 -14.21 -27.47
N LYS B 326 -42.18 -14.46 -27.41
CA LYS B 326 -42.83 -15.34 -28.37
C LYS B 326 -43.37 -14.61 -29.60
N ASP B 327 -43.27 -13.28 -29.62
CA ASP B 327 -43.84 -12.53 -30.73
C ASP B 327 -42.98 -12.68 -31.98
N PRO B 328 -43.55 -13.08 -33.11
CA PRO B 328 -42.74 -13.24 -34.33
C PRO B 328 -42.12 -11.95 -34.84
N LYS B 329 -42.74 -10.79 -34.58
CA LYS B 329 -42.12 -9.54 -34.98
C LYS B 329 -40.82 -9.28 -34.23
N LEU B 330 -40.71 -9.72 -32.98
CA LEU B 330 -39.47 -9.53 -32.24
C LEU B 330 -38.34 -10.33 -32.86
N LYS B 331 -38.59 -11.61 -33.17
CA LYS B 331 -37.54 -12.45 -33.76
C LYS B 331 -37.12 -11.94 -35.14
N GLU B 332 -38.04 -11.32 -35.88
CA GLU B 332 -37.67 -10.77 -37.19
C GLU B 332 -36.79 -9.53 -37.03
N ALA B 333 -37.12 -8.66 -36.07
CA ALA B 333 -36.38 -7.41 -35.91
C ALA B 333 -35.04 -7.63 -35.23
N ALA B 334 -35.01 -8.42 -34.17
CA ALA B 334 -33.79 -8.67 -33.39
C ALA B 334 -33.74 -10.14 -33.02
N PRO B 335 -33.26 -11.00 -33.93
CA PRO B 335 -33.28 -12.44 -33.65
C PRO B 335 -32.49 -12.84 -32.42
N PHE B 336 -31.40 -12.14 -32.10
CA PHE B 336 -30.57 -12.52 -30.96
C PHE B 336 -31.31 -12.36 -29.63
N MET B 337 -32.30 -11.47 -29.57
CA MET B 337 -33.08 -11.32 -28.33
C MET B 337 -33.79 -12.60 -27.96
N VAL B 338 -34.22 -13.37 -28.96
CA VAL B 338 -34.89 -14.64 -28.72
C VAL B 338 -33.90 -15.79 -28.65
N GLU B 339 -32.98 -15.85 -29.61
CA GLU B 339 -32.06 -16.98 -29.69
C GLU B 339 -31.07 -16.99 -28.52
N LEU B 340 -30.67 -15.81 -28.03
CA LEU B 340 -29.74 -15.70 -26.91
C LEU B 340 -30.44 -15.36 -25.60
N LEU B 341 -31.71 -15.77 -25.45
CA LEU B 341 -32.44 -15.49 -24.22
C LEU B 341 -31.73 -16.07 -22.99
N GLY B 342 -31.03 -17.19 -23.16
CA GLY B 342 -30.28 -17.76 -22.05
C GLY B 342 -29.22 -16.82 -21.49
N VAL B 343 -28.66 -15.95 -22.34
CA VAL B 343 -27.67 -14.98 -21.86
C VAL B 343 -28.30 -14.05 -20.84
N PHE B 344 -29.51 -13.56 -21.13
CA PHE B 344 -30.15 -12.57 -20.27
C PHE B 344 -30.65 -13.20 -18.97
N ILE B 345 -31.10 -14.45 -19.04
CA ILE B 345 -31.57 -15.17 -17.86
C ILE B 345 -30.40 -15.46 -16.92
N ASN B 346 -29.21 -15.65 -17.46
CA ASN B 346 -28.04 -16.03 -16.67
C ASN B 346 -27.11 -14.87 -16.36
N ALA B 347 -27.42 -13.66 -16.83
CA ALA B 347 -26.53 -12.52 -16.58
C ALA B 347 -26.35 -12.31 -15.07
N LEU B 348 -25.09 -12.10 -14.67
CA LEU B 348 -24.70 -12.03 -13.28
C LEU B 348 -24.82 -10.60 -12.76
N PRO B 349 -25.36 -10.41 -11.57
CA PRO B 349 -25.55 -9.06 -11.06
C PRO B 349 -24.30 -8.51 -10.39
N ARG B 350 -24.16 -7.18 -10.48
CA ARG B 350 -23.21 -6.47 -9.65
C ARG B 350 -23.64 -6.60 -8.19
N PRO B 351 -22.71 -6.46 -7.25
CA PRO B 351 -23.07 -6.66 -5.84
C PRO B 351 -24.22 -5.76 -5.42
N ARG B 352 -25.24 -6.38 -4.83
CA ARG B 352 -26.46 -5.68 -4.41
C ARG B 352 -26.32 -5.22 -2.97
N VAL B 353 -25.78 -4.02 -2.80
CA VAL B 353 -25.65 -3.38 -1.50
C VAL B 353 -26.14 -1.94 -1.62
N ALA B 354 -26.61 -1.40 -0.49
CA ALA B 354 -27.12 -0.03 -0.47
C ALA B 354 -26.03 0.98 -0.78
N ASN B 355 -24.76 0.62 -0.66
CA ASN B 355 -23.64 1.50 -0.96
C ASN B 355 -22.84 1.00 -2.16
N TYR B 356 -23.52 0.44 -3.16
CA TYR B 356 -22.81 -0.07 -4.33
C TYR B 356 -22.03 1.05 -5.02
N THR B 357 -22.60 2.26 -5.05
CA THR B 357 -21.93 3.38 -5.71
C THR B 357 -20.55 3.64 -5.12
N GLU B 358 -20.39 3.38 -3.83
CA GLU B 358 -19.07 3.51 -3.20
C GLU B 358 -18.15 2.37 -3.61
N VAL B 359 -18.68 1.15 -3.65
CA VAL B 359 -17.89 0.00 -4.11
C VAL B 359 -17.47 0.18 -5.56
N SER B 360 -18.39 0.62 -6.41
CA SER B 360 -18.07 0.82 -7.82
C SER B 360 -16.99 1.87 -7.99
N ASP B 361 -17.04 2.94 -7.18
CA ASP B 361 -16.06 4.01 -7.28
C ASP B 361 -14.65 3.50 -7.04
N VAL B 362 -14.46 2.58 -6.08
CA VAL B 362 -13.15 2.02 -5.82
C VAL B 362 -12.67 1.19 -7.00
N ILE B 363 -13.55 0.35 -7.56
CA ILE B 363 -13.17 -0.47 -8.71
C ILE B 363 -12.84 0.40 -9.91
N GLN B 364 -13.62 1.45 -10.14
CA GLN B 364 -13.35 2.35 -11.26
C GLN B 364 -11.96 2.94 -11.18
N ARG B 365 -11.56 3.41 -10.00
CA ARG B 365 -10.30 4.14 -9.86
C ARG B 365 -9.11 3.25 -10.22
N TYR B 366 -9.04 2.05 -9.64
CA TYR B 366 -7.84 1.24 -9.79
C TYR B 366 -7.82 0.47 -11.11
N VAL B 367 -8.98 0.03 -11.61
CA VAL B 367 -9.01 -0.61 -12.93
C VAL B 367 -8.61 0.38 -14.00
N HIS B 368 -9.16 1.59 -13.96
CA HIS B 368 -8.80 2.62 -14.92
C HIS B 368 -7.33 3.01 -14.79
N ALA B 369 -6.81 3.03 -13.57
CA ALA B 369 -5.40 3.32 -13.38
C ALA B 369 -4.52 2.27 -14.05
N ALA B 370 -4.93 1.00 -13.96
CA ALA B 370 -4.19 -0.06 -14.63
C ALA B 370 -4.28 0.06 -16.15
N LEU B 371 -5.45 0.48 -16.66
CA LEU B 371 -5.60 0.60 -18.11
C LEU B 371 -4.79 1.77 -18.67
N THR B 372 -4.52 2.78 -17.85
CA THR B 372 -3.73 3.93 -18.27
C THR B 372 -2.27 3.82 -17.82
N ARG B 373 -1.87 2.67 -17.28
CA ARG B 373 -0.50 2.38 -16.89
C ARG B 373 0.00 3.25 -15.74
N GLN B 374 -0.91 3.82 -14.96
CA GLN B 374 -0.52 4.51 -13.74
C GLN B 374 -0.19 3.54 -12.60
N THR B 375 -0.57 2.26 -12.75
CA THR B 375 -0.24 1.23 -11.78
C THR B 375 -0.27 -0.11 -12.49
N THR B 376 0.21 -1.14 -11.80
CA THR B 376 0.18 -2.49 -12.33
C THR B 376 -1.09 -3.21 -11.90
N SER B 377 -1.38 -4.32 -12.58
CA SER B 377 -2.58 -5.10 -12.25
C SER B 377 -2.52 -5.63 -10.83
N GLU B 378 -1.33 -6.04 -10.36
CA GLU B 378 -1.20 -6.60 -9.02
C GLU B 378 -1.51 -5.55 -7.96
N ASP B 379 -0.92 -4.36 -8.10
CA ASP B 379 -1.17 -3.30 -7.14
C ASP B 379 -2.62 -2.82 -7.19
N ALA B 380 -3.20 -2.78 -8.39
CA ALA B 380 -4.60 -2.38 -8.52
C ALA B 380 -5.52 -3.35 -7.79
N ILE B 381 -5.37 -4.65 -8.07
CA ILE B 381 -6.20 -5.66 -7.41
C ILE B 381 -5.99 -5.62 -5.91
N LYS B 382 -4.74 -5.48 -5.48
CA LYS B 382 -4.44 -5.40 -4.05
C LYS B 382 -5.08 -4.18 -3.41
N ASN B 383 -5.09 -3.05 -4.13
CA ASN B 383 -5.68 -1.84 -3.57
C ASN B 383 -7.20 -1.88 -3.60
N ILE B 384 -7.78 -2.50 -4.63
CA ILE B 384 -9.23 -2.66 -4.65
C ILE B 384 -9.68 -3.51 -3.47
N ALA B 385 -9.02 -4.66 -3.27
CA ALA B 385 -9.39 -5.55 -2.18
C ALA B 385 -9.26 -4.86 -0.82
N LYS B 386 -8.12 -4.21 -0.60
CA LYS B 386 -7.87 -3.57 0.69
C LYS B 386 -8.99 -2.57 1.03
N GLU B 387 -9.31 -1.67 0.09
CA GLU B 387 -10.32 -0.64 0.36
C GLU B 387 -11.75 -1.20 0.42
N LEU B 388 -12.01 -2.32 -0.27
CA LEU B 388 -13.34 -2.92 -0.15
C LEU B 388 -13.59 -3.53 1.22
N LYS B 389 -12.57 -4.16 1.83
CA LYS B 389 -12.79 -4.73 3.15
C LYS B 389 -12.98 -3.65 4.20
N PHE B 390 -12.39 -2.47 3.98
CA PHE B 390 -12.60 -1.38 4.93
C PHE B 390 -14.02 -0.83 4.80
N LEU B 391 -14.54 -0.76 3.57
CA LEU B 391 -15.92 -0.32 3.37
C LEU B 391 -16.92 -1.31 3.96
N LEU B 392 -16.61 -2.61 3.88
CA LEU B 392 -17.56 -3.65 4.29
C LEU B 392 -17.11 -4.35 5.56
N ALA C 2 -24.18 -32.10 8.87
CA ALA C 2 -24.78 -33.13 9.72
C ALA C 2 -23.72 -34.01 10.38
N VAL C 3 -22.58 -34.16 9.70
CA VAL C 3 -21.45 -34.91 10.20
C VAL C 3 -20.25 -33.98 10.35
N LYS C 4 -19.67 -33.95 11.54
CA LYS C 4 -18.55 -33.07 11.84
C LYS C 4 -17.29 -33.93 12.01
N ILE C 5 -16.24 -33.61 11.25
CA ILE C 5 -14.96 -34.32 11.35
C ILE C 5 -13.83 -33.30 11.53
N THR C 6 -12.71 -33.80 12.04
CA THR C 6 -11.52 -33.00 12.26
C THR C 6 -10.35 -33.55 11.46
N MET C 7 -9.42 -32.66 11.13
CA MET C 7 -8.25 -33.00 10.33
C MET C 7 -7.05 -32.23 10.83
N THR C 8 -5.91 -32.91 10.98
CA THR C 8 -4.68 -32.24 11.34
C THR C 8 -4.01 -31.66 10.10
N SER C 9 -3.31 -30.54 10.30
CA SER C 9 -2.59 -29.90 9.22
C SER C 9 -1.39 -29.16 9.78
N GLY C 10 -0.30 -29.16 9.01
CA GLY C 10 0.82 -28.31 9.33
C GLY C 10 0.59 -26.88 8.86
N GLY C 11 1.51 -26.01 9.25
CA GLY C 11 1.43 -24.62 8.84
C GLY C 11 2.70 -24.14 8.15
N VAL C 12 3.41 -25.07 7.52
CA VAL C 12 4.66 -24.73 6.86
C VAL C 12 4.35 -24.14 5.50
N GLY C 13 4.94 -22.98 5.21
CA GLY C 13 4.69 -22.32 3.94
C GLY C 13 3.24 -21.89 3.82
N LYS C 14 2.63 -22.21 2.68
CA LYS C 14 1.25 -21.83 2.38
C LYS C 14 0.27 -22.99 2.50
N GLU C 15 0.71 -24.14 3.06
CA GLU C 15 -0.13 -25.34 2.99
C GLU C 15 -1.42 -25.20 3.77
N LEU C 16 -1.38 -24.52 4.93
CA LEU C 16 -2.60 -24.30 5.70
C LEU C 16 -3.48 -23.27 5.00
N GLU C 17 -2.88 -22.17 4.56
CA GLU C 17 -3.54 -21.18 3.73
C GLU C 17 -4.30 -21.83 2.58
N VAL C 18 -3.63 -22.72 1.85
CA VAL C 18 -4.24 -23.38 0.70
C VAL C 18 -5.28 -24.40 1.13
N LEU C 19 -5.03 -25.10 2.24
CA LEU C 19 -5.98 -26.13 2.69
C LEU C 19 -7.34 -25.53 3.02
N LYS C 20 -7.37 -24.34 3.65
CA LYS C 20 -8.64 -23.69 3.93
C LYS C 20 -9.41 -23.40 2.65
N LYS C 21 -8.71 -23.03 1.58
CA LYS C 21 -9.36 -22.83 0.30
C LYS C 21 -9.90 -24.15 -0.26
N GLN C 22 -9.15 -25.24 -0.09
CA GLN C 22 -9.63 -26.54 -0.57
C GLN C 22 -10.84 -27.02 0.22
N LEU C 23 -10.87 -26.78 1.54
CA LEU C 23 -12.00 -27.22 2.33
C LEU C 23 -13.28 -26.46 1.97
N GLU C 24 -13.16 -25.20 1.59
CA GLU C 24 -14.32 -24.44 1.15
C GLU C 24 -14.90 -25.03 -0.13
N MET C 25 -14.04 -25.43 -1.07
CA MET C 25 -14.52 -26.11 -2.26
C MET C 25 -15.13 -27.46 -1.90
N PHE C 26 -14.54 -28.16 -0.92
CA PHE C 26 -15.09 -29.43 -0.47
C PHE C 26 -16.50 -29.25 0.11
N HIS C 27 -16.70 -28.20 0.90
CA HIS C 27 -17.99 -28.01 1.55
C HIS C 27 -19.07 -27.62 0.55
N GLN C 28 -18.70 -26.93 -0.53
CA GLN C 28 -19.68 -26.63 -1.57
C GLN C 28 -20.17 -27.90 -2.27
N GLN C 29 -19.33 -28.94 -2.31
CA GLN C 29 -19.73 -30.21 -2.90
C GLN C 29 -20.39 -31.15 -1.91
N TYR C 30 -20.02 -31.08 -0.63
CA TYR C 30 -20.60 -31.90 0.43
C TYR C 30 -21.00 -30.98 1.58
N PRO C 31 -22.15 -30.30 1.48
CA PRO C 31 -22.56 -29.38 2.55
C PRO C 31 -22.95 -30.07 3.85
N ASP C 32 -23.25 -31.36 3.84
CA ASP C 32 -23.60 -32.07 5.07
C ASP C 32 -22.38 -32.52 5.86
N ILE C 33 -21.17 -32.22 5.38
CA ILE C 33 -19.93 -32.51 6.09
C ILE C 33 -19.21 -31.19 6.33
N GLU C 34 -18.81 -30.95 7.58
CA GLU C 34 -18.02 -29.79 7.94
C GLU C 34 -16.73 -30.28 8.60
N VAL C 35 -15.62 -29.62 8.25
CA VAL C 35 -14.28 -30.05 8.66
C VAL C 35 -13.66 -28.97 9.54
N GLU C 36 -13.12 -29.38 10.68
CA GLU C 36 -12.37 -28.50 11.56
C GLU C 36 -10.89 -28.84 11.46
N ILE C 37 -10.06 -27.81 11.34
CA ILE C 37 -8.62 -28.00 11.20
C ILE C 37 -7.98 -27.95 12.58
N ILE C 38 -7.10 -28.91 12.86
CA ILE C 38 -6.28 -28.90 14.07
C ILE C 38 -4.85 -28.63 13.64
N PRO C 39 -4.29 -27.46 13.93
CA PRO C 39 -2.94 -27.15 13.47
C PRO C 39 -1.88 -27.90 14.27
N MET C 40 -0.79 -28.24 13.59
N MET C 40 -0.79 -28.24 13.59
CA MET C 40 0.29 -29.03 14.13
CA MET C 40 0.29 -29.03 14.14
C MET C 40 1.59 -28.21 14.17
C MET C 40 1.58 -28.22 14.17
N PRO C 41 2.53 -28.59 15.02
CA PRO C 41 3.84 -27.92 15.01
C PRO C 41 4.59 -28.23 13.71
N ASP C 42 5.55 -27.37 13.39
CA ASP C 42 6.34 -27.55 12.19
C ASP C 42 7.15 -28.84 12.23
N SER C 43 7.58 -29.26 13.42
CA SER C 43 8.49 -30.38 13.55
C SER C 43 7.75 -31.70 13.34
N SER C 44 8.26 -32.52 12.42
CA SER C 44 7.73 -33.87 12.25
C SER C 44 7.92 -34.68 13.52
N THR C 45 9.06 -34.50 14.20
CA THR C 45 9.31 -35.22 15.45
C THR C 45 8.25 -34.90 16.50
N GLU C 46 7.91 -33.62 16.67
CA GLU C 46 6.86 -33.27 17.63
C GLU C 46 5.49 -33.78 17.18
N ARG C 47 5.21 -33.72 15.88
CA ARG C 47 3.94 -34.25 15.38
C ARG C 47 3.79 -35.72 15.73
N HIS C 48 4.86 -36.49 15.58
CA HIS C 48 4.81 -37.91 15.91
C HIS C 48 4.41 -38.11 17.37
N ASP C 49 5.00 -37.34 18.28
CA ASP C 49 4.70 -37.52 19.70
C ASP C 49 3.26 -37.13 20.02
N LEU C 50 2.74 -36.09 19.35
CA LEU C 50 1.33 -35.73 19.53
C LEU C 50 0.42 -36.86 19.09
N TYR C 51 0.73 -37.49 17.95
CA TYR C 51 -0.12 -38.58 17.46
C TYR C 51 -0.11 -39.77 18.40
N VAL C 52 1.04 -40.04 19.03
CA VAL C 52 1.13 -41.15 19.98
C VAL C 52 0.16 -40.96 21.13
N THR C 53 0.07 -39.73 21.64
CA THR C 53 -0.86 -39.46 22.75
C THR C 53 -2.31 -39.53 22.28
N TYR C 54 -2.59 -39.16 21.03
CA TYR C 54 -3.93 -39.33 20.49
C TYR C 54 -4.34 -40.81 20.50
N PHE C 55 -3.46 -41.67 19.98
CA PHE C 55 -3.79 -43.09 19.86
C PHE C 55 -3.83 -43.77 21.22
N ALA C 56 -2.95 -43.37 22.14
CA ALA C 56 -2.90 -43.98 23.45
C ALA C 56 -4.22 -43.80 24.21
N ALA C 57 -4.83 -42.62 24.09
CA ALA C 57 -6.08 -42.34 24.78
C ALA C 57 -7.31 -42.91 24.07
N GLY C 58 -7.15 -43.44 22.86
CA GLY C 58 -8.30 -43.93 22.12
C GLY C 58 -9.21 -42.80 21.68
N GLU C 59 -8.65 -41.65 21.33
CA GLU C 59 -9.43 -40.47 21.04
C GLU C 59 -10.14 -40.61 19.70
N THR C 60 -11.38 -40.11 19.63
CA THR C 60 -12.15 -40.12 18.39
C THR C 60 -11.86 -38.89 17.53
N ASP C 61 -10.90 -38.06 17.93
CA ASP C 61 -10.40 -36.94 17.15
C ASP C 61 -8.89 -36.93 17.29
N PRO C 62 -8.17 -36.56 16.22
CA PRO C 62 -8.67 -36.19 14.90
C PRO C 62 -9.10 -37.39 14.06
N ASP C 63 -9.97 -37.15 13.09
CA ASP C 63 -10.47 -38.22 12.21
C ASP C 63 -9.55 -38.45 11.02
N VAL C 64 -9.10 -37.38 10.36
CA VAL C 64 -8.17 -37.46 9.24
C VAL C 64 -6.79 -37.06 9.72
N LEU C 65 -5.81 -37.93 9.50
CA LEU C 65 -4.45 -37.73 10.00
C LEU C 65 -3.53 -37.40 8.83
N MET C 66 -2.83 -36.27 8.94
CA MET C 66 -1.75 -35.94 8.01
C MET C 66 -0.49 -36.64 8.51
N LEU C 67 -0.09 -37.71 7.84
CA LEU C 67 0.95 -38.61 8.32
C LEU C 67 2.21 -38.51 7.46
N ASP C 68 3.36 -38.49 8.12
CA ASP C 68 4.63 -38.50 7.42
C ASP C 68 4.88 -39.89 6.84
N VAL C 69 5.56 -39.94 5.69
N VAL C 69 5.59 -39.92 5.70
CA VAL C 69 5.79 -41.20 5.00
CA VAL C 69 5.83 -41.16 4.98
C VAL C 69 6.62 -42.17 5.82
C VAL C 69 6.61 -42.17 5.82
N ILE C 70 7.26 -41.71 6.90
CA ILE C 70 8.05 -42.59 7.75
C ILE C 70 7.22 -43.30 8.82
N TRP C 71 5.96 -42.94 8.98
CA TRP C 71 5.13 -43.43 10.07
C TRP C 71 4.20 -44.62 9.79
N PRO C 72 3.78 -44.91 8.54
CA PRO C 72 2.78 -45.99 8.34
C PRO C 72 3.10 -47.30 9.04
N ALA C 73 4.36 -47.73 9.03
CA ALA C 73 4.70 -49.00 9.67
C ALA C 73 4.45 -48.95 11.17
N GLU C 74 4.72 -47.81 11.81
CA GLU C 74 4.52 -47.70 13.24
C GLU C 74 3.04 -47.53 13.60
N PHE C 75 2.32 -46.70 12.84
CA PHE C 75 0.96 -46.33 13.20
C PHE C 75 -0.11 -47.19 12.56
N ALA C 76 0.27 -48.23 11.82
CA ALA C 76 -0.73 -49.08 11.17
C ALA C 76 -1.75 -49.68 12.13
N PRO C 77 -1.39 -50.12 13.35
CA PRO C 77 -2.43 -50.62 14.27
C PRO C 77 -3.55 -49.63 14.55
N PHE C 78 -3.31 -48.33 14.41
CA PHE C 78 -4.29 -47.31 14.79
C PHE C 78 -4.99 -46.70 13.59
N LEU C 79 -4.75 -47.20 12.39
CA LEU C 79 -5.30 -46.62 11.18
C LEU C 79 -6.34 -47.55 10.55
N GLU C 80 -7.35 -46.93 9.94
CA GLU C 80 -8.39 -47.71 9.25
C GLU C 80 -7.79 -48.40 8.03
N ASP C 81 -8.08 -49.68 7.89
CA ASP C 81 -7.60 -50.44 6.73
C ASP C 81 -8.38 -50.01 5.50
N LEU C 82 -7.66 -49.53 4.47
CA LEU C 82 -8.26 -49.01 3.26
C LEU C 82 -8.06 -49.92 2.06
N THR C 83 -7.54 -51.14 2.28
CA THR C 83 -7.22 -52.03 1.16
C THR C 83 -8.44 -52.30 0.28
N ALA C 84 -9.61 -52.50 0.89
CA ALA C 84 -10.82 -52.78 0.12
C ALA C 84 -11.29 -51.56 -0.68
N ASP C 85 -10.83 -50.36 -0.32
CA ASP C 85 -11.22 -49.13 -1.01
C ASP C 85 -10.21 -48.71 -2.08
N LYS C 86 -9.36 -49.62 -2.54
CA LYS C 86 -8.26 -49.22 -3.42
C LYS C 86 -8.78 -48.62 -4.73
N ASP C 87 -9.87 -49.18 -5.27
CA ASP C 87 -10.44 -48.63 -6.49
C ASP C 87 -11.26 -47.37 -6.21
N TYR C 88 -11.84 -47.26 -5.02
CA TYR C 88 -12.54 -46.05 -4.64
C TYR C 88 -11.60 -44.85 -4.66
N PHE C 89 -10.38 -45.03 -4.14
CA PHE C 89 -9.37 -43.99 -4.15
C PHE C 89 -8.56 -43.96 -5.44
N GLU C 90 -8.82 -44.88 -6.37
CA GLU C 90 -8.16 -44.91 -7.68
C GLU C 90 -6.63 -44.97 -7.53
N LEU C 91 -6.17 -45.83 -6.64
CA LEU C 91 -4.74 -45.94 -6.36
C LEU C 91 -3.93 -46.37 -7.58
N GLY C 92 -4.55 -47.03 -8.55
CA GLY C 92 -3.84 -47.37 -9.79
C GLY C 92 -3.36 -46.18 -10.58
N GLU C 93 -3.93 -44.99 -10.32
CA GLU C 93 -3.54 -43.76 -11.00
C GLU C 93 -2.38 -43.06 -10.31
N PHE C 94 -1.90 -43.57 -9.19
CA PHE C 94 -0.86 -42.92 -8.41
C PHE C 94 0.51 -43.46 -8.79
N LEU C 95 1.54 -42.64 -8.52
CA LEU C 95 2.91 -43.08 -8.65
C LEU C 95 3.13 -44.34 -7.81
N PRO C 96 3.55 -45.46 -8.42
CA PRO C 96 3.64 -46.72 -7.67
C PRO C 96 4.49 -46.64 -6.41
N GLY C 97 5.54 -45.80 -6.42
CA GLY C 97 6.38 -45.69 -5.24
C GLY C 97 5.63 -45.15 -4.03
N THR C 98 4.72 -44.20 -4.25
CA THR C 98 3.96 -43.64 -3.14
C THR C 98 2.95 -44.65 -2.58
N VAL C 99 2.40 -45.51 -3.42
CA VAL C 99 1.48 -46.54 -2.93
C VAL C 99 2.23 -47.57 -2.09
N MET C 100 3.47 -47.88 -2.46
N MET C 100 3.47 -47.89 -2.48
CA MET C 100 4.26 -48.81 -1.66
CA MET C 100 4.27 -48.80 -1.67
C MET C 100 4.60 -48.22 -0.29
C MET C 100 4.57 -48.22 -0.29
N SER C 101 4.67 -46.89 -0.20
CA SER C 101 4.99 -46.27 1.09
C SER C 101 3.85 -46.41 2.09
N VAL C 102 2.61 -46.54 1.60
CA VAL C 102 1.45 -46.67 2.48
C VAL C 102 0.99 -48.12 2.60
N THR C 103 1.75 -49.07 2.07
CA THR C 103 1.42 -50.49 2.15
C THR C 103 2.22 -51.12 3.28
N VAL C 104 1.51 -51.65 4.28
CA VAL C 104 2.13 -52.28 5.45
C VAL C 104 1.59 -53.70 5.53
N ASN C 105 2.46 -54.69 5.33
CA ASN C 105 2.10 -56.10 5.35
C ASN C 105 0.95 -56.38 4.38
N GLY C 106 1.08 -55.85 3.17
CA GLY C 106 0.06 -56.02 2.15
C GLY C 106 -1.20 -55.22 2.35
N ARG C 107 -1.29 -54.42 3.41
CA ARG C 107 -2.47 -53.64 3.71
C ARG C 107 -2.21 -52.16 3.42
N ILE C 108 -3.18 -51.50 2.79
CA ILE C 108 -3.10 -50.07 2.51
C ILE C 108 -3.72 -49.32 3.67
N VAL C 109 -2.89 -48.54 4.38
CA VAL C 109 -3.31 -47.86 5.60
C VAL C 109 -3.44 -46.36 5.43
N ALA C 110 -3.21 -45.83 4.23
CA ALA C 110 -3.30 -44.40 3.98
C ALA C 110 -3.34 -44.17 2.48
N VAL C 111 -3.64 -42.93 2.10
CA VAL C 111 -3.68 -42.50 0.71
C VAL C 111 -2.61 -41.44 0.51
N PRO C 112 -1.72 -41.59 -0.48
CA PRO C 112 -0.67 -40.59 -0.68
C PRO C 112 -1.26 -39.24 -1.08
N TRP C 113 -0.80 -38.19 -0.41
CA TRP C 113 -1.28 -36.83 -0.65
C TRP C 113 -0.32 -36.06 -1.54
N PHE C 114 0.92 -35.87 -1.08
CA PHE C 114 1.97 -35.28 -1.91
C PHE C 114 3.29 -35.94 -1.57
N THR C 115 4.19 -35.97 -2.54
CA THR C 115 5.51 -36.57 -2.39
C THR C 115 6.58 -35.49 -2.32
N ASP C 116 7.78 -35.88 -1.91
CA ASP C 116 8.83 -34.93 -1.58
C ASP C 116 10.19 -35.51 -1.93
N ALA C 117 11.14 -34.60 -2.21
CA ALA C 117 12.54 -34.96 -2.38
C ALA C 117 13.39 -33.72 -2.15
N GLY C 118 14.60 -33.94 -1.63
CA GLY C 118 15.51 -32.83 -1.41
C GLY C 118 15.97 -32.22 -2.73
N LEU C 119 16.08 -30.89 -2.73
CA LEU C 119 16.47 -30.16 -3.92
C LEU C 119 17.46 -29.06 -3.54
N LEU C 120 18.20 -28.59 -4.54
CA LEU C 120 19.13 -27.49 -4.36
C LEU C 120 18.53 -26.21 -4.95
N TYR C 121 18.34 -25.21 -4.11
CA TYR C 121 17.98 -23.87 -4.56
C TYR C 121 19.25 -23.04 -4.64
N TYR C 122 19.36 -22.22 -5.69
CA TYR C 122 20.53 -21.39 -5.86
C TYR C 122 20.14 -20.05 -6.46
N ARG C 123 20.94 -19.04 -6.14
CA ARG C 123 20.75 -17.68 -6.66
C ARG C 123 21.32 -17.62 -8.07
N LYS C 124 20.43 -17.77 -9.05
CA LYS C 124 20.84 -17.83 -10.46
C LYS C 124 21.56 -16.55 -10.88
N ASP C 125 21.14 -15.41 -10.35
CA ASP C 125 21.80 -14.14 -10.69
C ASP C 125 23.21 -14.08 -10.12
N LEU C 126 23.41 -14.53 -8.89
CA LEU C 126 24.74 -14.45 -8.28
C LEU C 126 25.72 -15.40 -8.94
N LEU C 127 25.27 -16.59 -9.32
CA LEU C 127 26.15 -17.53 -10.01
C LEU C 127 26.64 -16.97 -11.34
N GLU C 128 25.72 -16.40 -12.12
CA GLU C 128 26.10 -15.82 -13.40
C GLU C 128 27.00 -14.61 -13.20
N LYS C 129 26.74 -13.82 -12.15
CA LYS C 129 27.54 -12.63 -11.88
C LYS C 129 28.99 -12.96 -11.56
N TYR C 130 29.25 -14.15 -11.00
CA TYR C 130 30.59 -14.55 -10.59
C TYR C 130 31.18 -15.63 -11.51
N GLY C 131 30.70 -15.72 -12.75
CA GLY C 131 31.34 -16.54 -13.75
C GLY C 131 30.95 -17.99 -13.76
N TYR C 132 29.79 -18.35 -13.20
CA TYR C 132 29.30 -19.72 -13.22
C TYR C 132 28.04 -19.80 -14.06
N ASP C 133 28.06 -20.62 -15.10
CA ASP C 133 26.92 -20.75 -16.00
C ASP C 133 26.08 -21.98 -15.68
N HIS C 134 26.34 -22.64 -14.55
CA HIS C 134 25.70 -23.90 -14.23
C HIS C 134 25.63 -24.07 -12.72
N ALA C 135 24.65 -24.86 -12.27
CA ALA C 135 24.59 -25.26 -10.88
C ALA C 135 25.73 -26.22 -10.56
N PRO C 136 26.22 -26.21 -9.32
CA PRO C 136 27.34 -27.09 -8.97
C PRO C 136 27.00 -28.55 -9.18
N ARG C 137 27.93 -29.27 -9.81
CA ARG C 137 27.75 -30.69 -10.13
C ARG C 137 28.16 -31.60 -8.98
N THR C 138 29.12 -31.16 -8.16
CA THR C 138 29.62 -31.94 -7.04
C THR C 138 29.60 -31.08 -5.78
N TRP C 139 29.71 -31.75 -4.62
CA TRP C 139 29.71 -31.03 -3.36
C TRP C 139 30.92 -30.11 -3.26
N ASP C 140 32.06 -30.53 -3.82
CA ASP C 140 33.26 -29.69 -3.78
C ASP C 140 33.08 -28.44 -4.62
N GLU C 141 32.41 -28.54 -5.78
CA GLU C 141 32.16 -27.35 -6.56
C GLU C 141 31.19 -26.40 -5.87
N LEU C 142 30.22 -26.94 -5.12
CA LEU C 142 29.32 -26.08 -4.36
C LEU C 142 30.08 -25.28 -3.32
N VAL C 143 31.01 -25.92 -2.61
CA VAL C 143 31.80 -25.23 -1.60
C VAL C 143 32.59 -24.09 -2.23
N GLU C 144 33.23 -24.35 -3.38
CA GLU C 144 34.03 -23.32 -4.04
C GLU C 144 33.16 -22.15 -4.48
N MET C 145 32.00 -22.45 -5.08
CA MET C 145 31.08 -21.37 -5.44
C MET C 145 30.60 -20.62 -4.21
N ALA C 146 30.26 -21.35 -3.14
CA ALA C 146 29.73 -20.72 -1.93
C ALA C 146 30.77 -19.84 -1.26
N LYS C 147 32.03 -20.28 -1.22
CA LYS C 147 33.07 -19.47 -0.59
C LYS C 147 33.24 -18.14 -1.31
N LYS C 148 33.40 -18.21 -2.64
CA LYS C 148 33.74 -17.01 -3.40
C LYS C 148 32.60 -16.00 -3.40
N ILE C 149 31.37 -16.45 -3.61
CA ILE C 149 30.24 -15.54 -3.72
C ILE C 149 29.85 -14.96 -2.37
N SER C 150 29.94 -15.77 -1.30
CA SER C 150 29.44 -15.32 -0.01
C SER C 150 30.32 -14.21 0.58
N GLN C 151 31.63 -14.33 0.43
CA GLN C 151 32.52 -13.30 0.96
C GLN C 151 32.55 -12.05 0.10
N ALA C 152 32.35 -12.19 -1.22
CA ALA C 152 32.24 -11.01 -2.07
C ALA C 152 30.96 -10.24 -1.79
N GLU C 153 29.85 -10.95 -1.56
CA GLU C 153 28.55 -10.31 -1.35
C GLU C 153 28.23 -10.06 0.11
N GLY C 154 28.90 -10.74 1.04
CA GLY C 154 28.62 -10.53 2.44
C GLY C 154 27.40 -11.26 2.95
N ILE C 155 27.05 -12.40 2.35
CA ILE C 155 25.90 -13.17 2.77
C ILE C 155 26.36 -14.58 3.12
N HIS C 156 25.43 -15.43 3.54
CA HIS C 156 25.76 -16.81 3.82
C HIS C 156 25.91 -17.58 2.52
N GLY C 157 26.72 -18.63 2.56
CA GLY C 157 26.95 -19.44 1.38
C GLY C 157 25.89 -20.49 1.14
N PHE C 158 25.50 -21.20 2.21
CA PHE C 158 24.72 -22.42 2.05
C PHE C 158 23.97 -22.68 3.35
N VAL C 159 22.64 -22.65 3.30
CA VAL C 159 21.82 -22.90 4.47
C VAL C 159 20.99 -24.17 4.25
N TRP C 160 20.74 -24.90 5.34
CA TRP C 160 19.99 -26.14 5.28
C TRP C 160 19.40 -26.39 6.66
N GLN C 161 18.96 -27.62 6.92
CA GLN C 161 18.25 -27.98 8.14
C GLN C 161 19.19 -28.74 9.07
N GLY C 162 19.63 -28.07 10.13
CA GLY C 162 20.58 -28.67 11.04
C GLY C 162 20.10 -28.76 12.48
N ALA C 163 18.86 -28.37 12.73
CA ALA C 163 18.30 -28.52 14.07
C ALA C 163 18.17 -30.00 14.43
N ARG C 164 18.07 -30.28 15.73
CA ARG C 164 17.99 -31.65 16.22
C ARG C 164 16.54 -32.12 16.10
N TYR C 165 16.20 -32.62 14.92
CA TYR C 165 14.87 -33.14 14.63
C TYR C 165 14.96 -34.01 13.38
N GLU C 166 13.81 -34.46 12.89
CA GLU C 166 13.78 -35.37 11.75
C GLU C 166 14.41 -34.76 10.51
N GLY C 167 14.28 -33.44 10.33
CA GLY C 167 14.83 -32.80 9.14
C GLY C 167 16.33 -32.95 9.02
N LEU C 168 17.05 -32.99 10.15
CA LEU C 168 18.49 -33.20 10.11
C LEU C 168 18.83 -34.56 9.51
N VAL C 169 18.05 -35.59 9.86
CA VAL C 169 18.28 -36.92 9.31
C VAL C 169 18.14 -36.92 7.79
N CYS C 170 17.13 -36.20 7.29
CA CYS C 170 16.94 -36.12 5.84
C CYS C 170 18.14 -35.46 5.16
N ASP C 171 18.67 -34.40 5.75
CA ASP C 171 19.88 -33.76 5.21
C ASP C 171 21.08 -34.70 5.28
N PHE C 172 21.26 -35.35 6.43
CA PHE C 172 22.43 -36.20 6.65
C PHE C 172 22.47 -37.35 5.66
N LEU C 173 21.32 -38.00 5.40
CA LEU C 173 21.31 -39.15 4.51
C LEU C 173 21.69 -38.77 3.08
N GLU C 174 21.38 -37.54 2.67
CA GLU C 174 21.76 -37.12 1.33
C GLU C 174 23.27 -37.02 1.19
N TYR C 175 23.97 -36.61 2.26
CA TYR C 175 25.42 -36.65 2.25
C TYR C 175 25.93 -38.09 2.34
N LEU C 176 25.36 -38.87 3.26
CA LEU C 176 25.77 -40.27 3.42
C LEU C 176 25.66 -41.04 2.11
N TRP C 177 24.51 -40.93 1.43
CA TRP C 177 24.28 -41.71 0.22
C TRP C 177 25.17 -41.23 -0.92
N SER C 178 25.32 -39.92 -1.09
CA SER C 178 26.14 -39.42 -2.18
C SER C 178 27.63 -39.66 -1.95
N PHE C 179 28.03 -39.89 -0.70
CA PHE C 179 29.43 -40.21 -0.39
C PHE C 179 29.72 -41.70 -0.47
N GLY C 180 28.72 -42.52 -0.80
CA GLY C 180 28.92 -43.94 -0.97
C GLY C 180 28.58 -44.81 0.22
N GLY C 181 27.99 -44.23 1.28
CA GLY C 181 27.60 -44.98 2.46
C GLY C 181 26.13 -45.34 2.44
N ASP C 182 25.72 -46.03 3.51
CA ASP C 182 24.33 -46.42 3.69
C ASP C 182 24.13 -46.79 5.16
N VAL C 183 22.86 -46.87 5.56
CA VAL C 183 22.52 -47.21 6.94
C VAL C 183 22.35 -48.72 7.07
N LEU C 184 21.44 -49.28 6.28
CA LEU C 184 21.18 -50.71 6.28
C LEU C 184 21.40 -51.28 4.88
N ASP C 185 21.89 -52.51 4.82
CA ASP C 185 22.04 -53.20 3.55
C ASP C 185 20.72 -53.89 3.17
N GLU C 186 20.77 -54.76 2.15
CA GLU C 186 19.55 -55.35 1.63
C GLU C 186 18.91 -56.32 2.62
N SER C 187 19.69 -56.92 3.50
CA SER C 187 19.15 -57.80 4.54
C SER C 187 18.77 -57.07 5.83
N GLY C 188 19.00 -55.76 5.90
CA GLY C 188 18.66 -55.01 7.09
C GLY C 188 19.72 -54.96 8.16
N LYS C 189 20.98 -55.27 7.81
CA LYS C 189 22.07 -55.19 8.78
C LYS C 189 22.72 -53.82 8.73
N VAL C 190 23.17 -53.35 9.90
CA VAL C 190 23.74 -52.02 9.99
C VAL C 190 25.10 -52.00 9.31
N VAL C 191 25.29 -51.05 8.39
CA VAL C 191 26.53 -50.94 7.64
C VAL C 191 27.03 -49.51 7.68
N ILE C 192 26.46 -48.69 8.57
CA ILE C 192 26.79 -47.27 8.62
C ILE C 192 28.19 -47.01 9.15
N ASP C 193 28.83 -47.99 9.79
CA ASP C 193 30.20 -47.82 10.27
C ASP C 193 31.15 -48.08 9.13
N SER C 194 31.40 -47.05 8.33
CA SER C 194 32.23 -47.14 7.15
C SER C 194 33.04 -45.86 7.01
N PRO C 195 34.16 -45.89 6.26
CA PRO C 195 34.90 -44.64 6.01
C PRO C 195 34.10 -43.62 5.23
N GLU C 196 33.23 -44.07 4.32
CA GLU C 196 32.40 -43.14 3.56
C GLU C 196 31.47 -42.37 4.50
N ALA C 197 30.89 -43.06 5.49
CA ALA C 197 29.98 -42.40 6.42
C ALA C 197 30.71 -41.37 7.27
N VAL C 198 31.92 -41.69 7.72
CA VAL C 198 32.71 -40.72 8.48
C VAL C 198 33.03 -39.51 7.62
N ALA C 199 33.36 -39.74 6.35
CA ALA C 199 33.69 -38.64 5.45
C ALA C 199 32.47 -37.75 5.18
N ALA C 200 31.29 -38.36 5.05
CA ALA C 200 30.08 -37.56 4.81
C ALA C 200 29.77 -36.66 5.99
N LEU C 201 29.82 -37.21 7.21
CA LEU C 201 29.56 -36.40 8.39
C LEU C 201 30.64 -35.35 8.61
N GLN C 202 31.89 -35.68 8.31
CA GLN C 202 32.97 -34.70 8.44
C GLN C 202 32.77 -33.55 7.47
N PHE C 203 32.29 -33.84 6.26
CA PHE C 203 32.01 -32.79 5.30
C PHE C 203 30.95 -31.82 5.82
N MET C 204 29.92 -32.35 6.48
CA MET C 204 28.91 -31.47 7.07
C MET C 204 29.52 -30.56 8.13
N VAL C 205 30.38 -31.13 8.98
CA VAL C 205 31.07 -30.32 9.98
C VAL C 205 31.97 -29.28 9.32
N ASP C 206 32.67 -29.69 8.26
CA ASP C 206 33.60 -28.77 7.59
C ASP C 206 32.87 -27.60 6.94
N LEU C 207 31.62 -27.79 6.52
CA LEU C 207 30.85 -26.69 5.94
C LEU C 207 30.75 -25.52 6.92
N ILE C 208 30.73 -25.81 8.21
CA ILE C 208 30.57 -24.77 9.24
C ILE C 208 31.92 -24.22 9.67
N TYR C 209 32.86 -25.09 10.05
CA TYR C 209 34.05 -24.66 10.76
C TYR C 209 35.29 -24.54 9.88
N LYS C 210 35.39 -25.35 8.82
CA LYS C 210 36.53 -25.22 7.91
C LYS C 210 36.23 -24.29 6.76
N HIS C 211 35.26 -24.66 5.90
CA HIS C 211 34.93 -23.85 4.75
C HIS C 211 34.11 -22.62 5.14
N LYS C 212 33.36 -22.70 6.24
CA LYS C 212 32.62 -21.56 6.75
C LYS C 212 31.63 -21.01 5.74
N VAL C 213 31.03 -21.88 4.92
CA VAL C 213 29.98 -21.45 4.00
C VAL C 213 28.60 -21.57 4.62
N THR C 214 28.49 -22.22 5.79
CA THR C 214 27.26 -22.40 6.51
C THR C 214 27.41 -21.82 7.91
N PRO C 215 26.53 -20.93 8.33
CA PRO C 215 26.64 -20.38 9.69
C PRO C 215 26.41 -21.44 10.75
N GLU C 216 27.12 -21.30 11.88
CA GLU C 216 26.92 -22.22 13.00
C GLU C 216 25.48 -22.21 13.51
N GLY C 217 24.74 -21.13 13.27
CA GLY C 217 23.33 -21.13 13.65
C GLY C 217 22.49 -22.15 12.92
N VAL C 218 23.05 -22.85 11.93
CA VAL C 218 22.31 -23.86 11.19
C VAL C 218 21.87 -24.98 12.12
N THR C 219 22.58 -25.19 13.23
CA THR C 219 22.20 -26.21 14.20
C THR C 219 20.89 -25.89 14.90
N THR C 220 20.23 -24.78 14.56
CA THR C 220 18.90 -24.46 15.04
C THR C 220 17.88 -24.31 13.93
N TYR C 221 18.27 -24.55 12.67
CA TYR C 221 17.41 -24.30 11.53
C TYR C 221 16.50 -25.47 11.24
N MET C 222 15.25 -25.18 10.95
CA MET C 222 14.33 -26.11 10.34
C MET C 222 14.03 -25.65 8.92
N GLU C 223 13.02 -26.25 8.29
CA GLU C 223 12.71 -25.91 6.90
C GLU C 223 12.48 -24.42 6.72
N GLU C 224 11.65 -23.82 7.58
CA GLU C 224 11.26 -22.44 7.39
C GLU C 224 12.36 -21.45 7.76
N ASP C 225 13.26 -21.81 8.68
CA ASP C 225 14.37 -20.92 8.98
C ASP C 225 15.29 -20.77 7.78
N ALA C 226 15.67 -21.89 7.15
CA ALA C 226 16.48 -21.82 5.95
C ALA C 226 15.76 -21.09 4.82
N ARG C 227 14.44 -21.30 4.71
CA ARG C 227 13.69 -20.67 3.63
C ARG C 227 13.67 -19.15 3.77
N ARG C 228 13.48 -18.65 4.98
CA ARG C 228 13.39 -17.20 5.18
C ARG C 228 14.74 -16.51 4.96
N ILE C 229 15.83 -17.13 5.39
CA ILE C 229 17.15 -16.54 5.14
C ILE C 229 17.44 -16.47 3.65
N PHE C 230 17.13 -17.56 2.94
CA PHE C 230 17.31 -17.58 1.49
C PHE C 230 16.38 -16.58 0.81
N GLN C 231 15.12 -16.52 1.24
CA GLN C 231 14.14 -15.67 0.57
C GLN C 231 14.49 -14.19 0.69
N ASN C 232 15.08 -13.77 1.80
CA ASN C 232 15.45 -12.37 2.00
C ASN C 232 16.84 -12.05 1.44
N GLY C 233 17.36 -12.89 0.54
CA GLY C 233 18.60 -12.57 -0.16
C GLY C 233 19.87 -12.75 0.64
N GLU C 234 19.85 -13.60 1.66
CA GLU C 234 20.97 -13.71 2.60
C GLU C 234 21.71 -15.04 2.48
N ALA C 235 21.48 -15.80 1.40
CA ALA C 235 22.14 -17.08 1.20
C ALA C 235 22.27 -17.35 -0.28
N VAL C 236 23.41 -17.92 -0.68
CA VAL C 236 23.64 -18.28 -2.08
C VAL C 236 22.91 -19.56 -2.44
N PHE C 237 23.02 -20.58 -1.59
CA PHE C 237 22.43 -21.89 -1.82
C PHE C 237 21.51 -22.26 -0.67
N MET C 238 20.54 -23.13 -0.96
CA MET C 238 19.69 -23.71 0.07
C MET C 238 19.27 -25.12 -0.34
N ARG C 239 19.40 -26.05 0.59
CA ARG C 239 18.77 -27.35 0.45
C ARG C 239 17.41 -27.30 1.13
N ASN C 240 16.36 -27.66 0.40
CA ASN C 240 15.01 -27.65 0.95
C ASN C 240 14.10 -28.47 0.04
N TRP C 241 12.85 -28.62 0.48
CA TRP C 241 11.85 -29.37 -0.25
C TRP C 241 11.19 -28.46 -1.30
N PRO C 242 10.43 -29.05 -2.24
CA PRO C 242 9.79 -28.23 -3.29
C PRO C 242 8.90 -27.10 -2.80
N TYR C 243 8.32 -27.21 -1.59
CA TYR C 243 7.34 -26.22 -1.16
C TYR C 243 7.90 -24.80 -1.18
N ALA C 244 9.20 -24.64 -0.89
CA ALA C 244 9.80 -23.32 -0.79
C ALA C 244 9.66 -22.52 -2.08
N TRP C 245 9.52 -23.22 -3.21
CA TRP C 245 9.37 -22.54 -4.50
C TRP C 245 8.15 -21.62 -4.52
N SER C 246 7.06 -22.05 -3.89
CA SER C 246 5.83 -21.27 -3.92
C SER C 246 5.95 -19.95 -3.16
N LEU C 247 6.98 -19.79 -2.34
CA LEU C 247 7.19 -18.55 -1.60
C LEU C 247 8.38 -17.73 -2.11
N VAL C 248 9.52 -18.38 -2.38
CA VAL C 248 10.70 -17.63 -2.82
C VAL C 248 10.54 -17.07 -4.22
N ASN C 249 9.56 -17.56 -4.99
CA ASN C 249 9.30 -17.04 -6.32
C ASN C 249 7.94 -16.37 -6.42
N SER C 250 7.36 -16.00 -5.29
CA SER C 250 6.10 -15.28 -5.27
C SER C 250 6.33 -13.78 -5.43
N ASP C 251 5.24 -13.03 -5.60
CA ASP C 251 5.32 -11.60 -5.79
C ASP C 251 5.83 -10.87 -4.54
N GLU C 252 5.78 -11.51 -3.38
CA GLU C 252 6.26 -10.93 -2.14
C GLU C 252 7.73 -11.21 -1.88
N SER C 253 8.39 -11.97 -2.76
CA SER C 253 9.77 -12.38 -2.53
C SER C 253 10.73 -11.37 -3.13
N PRO C 254 11.75 -10.94 -2.37
CA PRO C 254 12.76 -10.04 -2.96
C PRO C 254 13.60 -10.69 -4.04
N ILE C 255 13.62 -12.02 -4.13
CA ILE C 255 14.47 -12.73 -5.07
C ILE C 255 13.65 -13.43 -6.16
N LYS C 256 12.39 -13.02 -6.37
CA LYS C 256 11.58 -13.63 -7.41
C LYS C 256 12.25 -13.47 -8.78
N GLY C 257 12.24 -14.56 -9.55
CA GLY C 257 12.89 -14.56 -10.84
C GLY C 257 14.38 -14.75 -10.82
N LYS C 258 14.99 -14.85 -9.63
CA LYS C 258 16.42 -15.05 -9.49
C LYS C 258 16.76 -16.41 -8.92
N VAL C 259 15.79 -17.32 -8.84
CA VAL C 259 15.94 -18.60 -8.14
C VAL C 259 16.01 -19.71 -9.17
N GLY C 260 17.05 -20.54 -9.07
CA GLY C 260 17.16 -21.75 -9.85
C GLY C 260 16.99 -22.97 -8.94
N VAL C 261 16.54 -24.07 -9.53
CA VAL C 261 16.35 -25.32 -8.81
C VAL C 261 17.09 -26.41 -9.58
N ALA C 262 17.84 -27.24 -8.87
CA ALA C 262 18.64 -28.28 -9.49
C ALA C 262 18.68 -29.47 -8.56
N PRO C 263 19.05 -30.65 -9.08
CA PRO C 263 19.29 -31.78 -8.17
C PRO C 263 20.46 -31.48 -7.25
N LEU C 264 20.48 -32.16 -6.11
CA LEU C 264 21.59 -32.03 -5.20
C LEU C 264 22.87 -32.56 -5.86
N PRO C 265 24.03 -32.03 -5.49
CA PRO C 265 25.27 -32.41 -6.16
C PRO C 265 25.66 -33.85 -5.87
N MET C 266 26.52 -34.37 -6.75
CA MET C 266 27.10 -35.69 -6.57
C MET C 266 28.20 -35.63 -5.51
N GLY C 267 28.48 -36.79 -4.91
CA GLY C 267 29.52 -36.89 -3.92
C GLY C 267 30.62 -37.84 -4.37
N PRO C 268 31.62 -38.06 -3.51
CA PRO C 268 32.71 -38.97 -3.87
C PRO C 268 32.25 -40.39 -4.19
N GLY C 269 31.03 -40.77 -3.80
CA GLY C 269 30.48 -42.07 -4.15
C GLY C 269 30.10 -42.24 -5.60
N GLY C 270 30.30 -41.22 -6.43
CA GLY C 270 29.95 -41.29 -7.84
C GLY C 270 28.47 -41.17 -8.14
N ARG C 271 27.66 -40.71 -7.18
CA ARG C 271 26.22 -40.64 -7.37
C ARG C 271 25.68 -39.46 -6.57
N ARG C 272 24.55 -38.94 -7.03
CA ARG C 272 23.78 -37.97 -6.26
C ARG C 272 22.60 -38.66 -5.61
N ALA C 273 22.06 -38.04 -4.57
CA ALA C 273 20.98 -38.66 -3.83
C ALA C 273 20.06 -37.59 -3.23
N ALA C 274 18.80 -37.96 -3.07
CA ALA C 274 17.80 -37.11 -2.42
C ALA C 274 16.95 -37.98 -1.51
N THR C 275 16.68 -37.49 -0.30
CA THR C 275 15.88 -38.25 0.66
C THR C 275 14.41 -38.19 0.26
N LEU C 276 13.77 -39.36 0.23
CA LEU C 276 12.34 -39.43 -0.05
C LEU C 276 11.55 -38.87 1.13
N GLY C 277 10.65 -37.94 0.83
CA GLY C 277 9.73 -37.44 1.83
C GLY C 277 8.30 -37.51 1.35
N GLY C 278 7.40 -36.81 2.03
CA GLY C 278 6.01 -36.79 1.61
C GLY C 278 5.05 -37.00 2.77
N TRP C 279 3.78 -36.68 2.55
CA TRP C 279 2.78 -36.82 3.59
C TRP C 279 1.55 -37.51 3.01
N VAL C 280 0.91 -38.33 3.84
CA VAL C 280 -0.21 -39.16 3.43
C VAL C 280 -1.37 -38.94 4.39
N LEU C 281 -2.57 -39.32 3.94
CA LEU C 281 -3.79 -39.10 4.70
C LEU C 281 -4.33 -40.44 5.17
N GLY C 282 -4.43 -40.59 6.51
CA GLY C 282 -5.00 -41.78 7.11
C GLY C 282 -6.21 -41.41 7.94
N ILE C 283 -6.96 -42.44 8.34
CA ILE C 283 -8.21 -42.28 9.08
C ILE C 283 -8.04 -42.91 10.45
N ASN C 284 -8.39 -42.16 11.50
CA ASN C 284 -8.38 -42.70 12.85
C ASN C 284 -9.31 -43.90 12.94
N LYS C 285 -8.76 -45.03 13.39
CA LYS C 285 -9.54 -46.25 13.52
C LYS C 285 -10.58 -46.16 14.63
N PHE C 286 -10.35 -45.32 15.64
CA PHE C 286 -11.28 -45.18 16.75
C PHE C 286 -12.44 -44.25 16.44
N SER C 287 -12.49 -43.66 15.24
CA SER C 287 -13.60 -42.79 14.89
C SER C 287 -14.86 -43.62 14.61
N SER C 288 -16.01 -42.96 14.71
CA SER C 288 -17.27 -43.63 14.45
C SER C 288 -17.40 -43.95 12.96
N PRO C 289 -18.19 -44.97 12.61
CA PRO C 289 -18.33 -45.32 11.18
C PRO C 289 -18.87 -44.20 10.32
N GLU C 290 -19.75 -43.35 10.86
CA GLU C 290 -20.23 -42.21 10.08
C GLU C 290 -19.15 -41.16 9.89
N GLU C 291 -18.26 -41.01 10.87
CA GLU C 291 -17.12 -40.10 10.70
C GLU C 291 -16.12 -40.66 9.70
N LYS C 292 -15.89 -41.98 9.73
CA LYS C 292 -14.95 -42.59 8.80
C LYS C 292 -15.42 -42.47 7.36
N GLU C 293 -16.73 -42.65 7.13
CA GLU C 293 -17.27 -42.49 5.78
C GLU C 293 -17.09 -41.07 5.28
N ALA C 294 -17.33 -40.08 6.15
CA ALA C 294 -17.09 -38.69 5.76
C ALA C 294 -15.61 -38.45 5.51
N ALA C 295 -14.75 -39.06 6.32
CA ALA C 295 -13.30 -38.91 6.13
C ALA C 295 -12.87 -39.45 4.77
N LYS C 296 -13.44 -40.58 4.35
CA LYS C 296 -13.09 -41.15 3.06
C LYS C 296 -13.44 -40.20 1.91
N LYS C 297 -14.57 -39.50 2.02
CA LYS C 297 -14.96 -38.55 0.99
C LYS C 297 -14.02 -37.34 0.98
N LEU C 298 -13.57 -36.90 2.16
CA LEU C 298 -12.63 -35.78 2.22
C LEU C 298 -11.30 -36.17 1.60
N ILE C 299 -10.81 -37.38 1.93
CA ILE C 299 -9.53 -37.83 1.39
C ILE C 299 -9.61 -38.01 -0.12
N LYS C 300 -10.69 -38.61 -0.61
CA LYS C 300 -10.85 -38.77 -2.05
C LYS C 300 -10.89 -37.42 -2.75
N PHE C 301 -11.57 -36.44 -2.15
CA PHE C 301 -11.64 -35.11 -2.75
C PHE C 301 -10.26 -34.47 -2.81
N LEU C 302 -9.51 -34.52 -1.70
CA LEU C 302 -8.23 -33.84 -1.64
C LEU C 302 -7.19 -34.48 -2.56
N THR C 303 -7.30 -35.79 -2.80
CA THR C 303 -6.35 -36.49 -3.65
C THR C 303 -6.85 -36.65 -5.09
N SER C 304 -7.90 -35.92 -5.46
CA SER C 304 -8.37 -35.93 -6.83
C SER C 304 -7.41 -35.15 -7.72
N TYR C 305 -7.58 -35.30 -9.04
CA TYR C 305 -6.69 -34.66 -9.99
C TYR C 305 -6.69 -33.15 -9.83
N ASP C 306 -7.88 -32.54 -9.81
CA ASP C 306 -7.97 -31.07 -9.77
C ASP C 306 -7.42 -30.51 -8.47
N GLN C 307 -7.64 -31.22 -7.36
CA GLN C 307 -7.14 -30.72 -6.07
C GLN C 307 -5.64 -30.90 -5.95
N GLN C 308 -5.09 -31.99 -6.47
CA GLN C 308 -3.64 -32.17 -6.46
C GLN C 308 -2.96 -31.10 -7.31
N LEU C 309 -3.55 -30.76 -8.45
CA LEU C 309 -3.01 -29.68 -9.27
C LEU C 309 -3.10 -28.34 -8.54
N TYR C 310 -4.23 -28.10 -7.87
CA TYR C 310 -4.39 -26.85 -7.12
C TYR C 310 -3.35 -26.73 -6.01
N LYS C 311 -3.15 -27.83 -5.26
CA LYS C 311 -2.18 -27.80 -4.17
C LYS C 311 -0.76 -27.63 -4.70
N ALA C 312 -0.44 -28.26 -5.83
CA ALA C 312 0.90 -28.14 -6.40
C ALA C 312 1.19 -26.72 -6.87
N ILE C 313 0.24 -26.10 -7.55
CA ILE C 313 0.47 -24.76 -8.10
C ILE C 313 0.58 -23.72 -6.99
N ASN C 314 -0.25 -23.83 -5.96
CA ASN C 314 -0.35 -22.78 -4.95
C ASN C 314 0.51 -23.03 -3.72
N ALA C 315 0.81 -24.28 -3.38
CA ALA C 315 1.63 -24.59 -2.22
C ALA C 315 2.97 -25.22 -2.58
N GLY C 316 3.20 -25.52 -3.86
CA GLY C 316 4.48 -26.07 -4.27
C GLY C 316 4.76 -27.49 -3.78
N GLN C 317 3.73 -28.32 -3.68
CA GLN C 317 3.86 -29.67 -3.16
C GLN C 317 3.50 -30.67 -4.25
N ASN C 318 4.35 -31.67 -4.43
CA ASN C 318 4.33 -32.49 -5.64
C ASN C 318 3.11 -33.40 -5.68
N PRO C 319 2.42 -33.49 -6.82
CA PRO C 319 1.29 -34.42 -6.93
C PRO C 319 1.77 -35.86 -6.82
N THR C 320 0.87 -36.73 -6.35
CA THR C 320 1.11 -38.17 -6.32
C THR C 320 0.43 -38.90 -7.48
N ARG C 321 -0.47 -38.24 -8.20
CA ARG C 321 -1.09 -38.82 -9.39
C ARG C 321 -0.15 -38.65 -10.58
N LYS C 322 0.02 -39.74 -11.33
CA LYS C 322 0.94 -39.72 -12.48
C LYS C 322 0.52 -38.69 -13.52
N ALA C 323 -0.77 -38.64 -13.84
CA ALA C 323 -1.24 -37.83 -14.97
C ALA C 323 -1.10 -36.33 -14.74
N VAL C 324 -1.01 -35.89 -13.49
CA VAL C 324 -0.91 -34.45 -13.23
C VAL C 324 0.39 -33.89 -13.79
N TYR C 325 1.43 -34.72 -13.92
CA TYR C 325 2.72 -34.24 -14.39
C TYR C 325 2.76 -33.92 -15.89
N LYS C 326 1.75 -34.34 -16.66
CA LYS C 326 1.68 -33.91 -18.06
C LYS C 326 0.81 -32.67 -18.24
N ASP C 327 0.24 -32.15 -17.16
CA ASP C 327 -0.64 -30.98 -17.27
C ASP C 327 0.20 -29.73 -17.53
N PRO C 328 -0.12 -28.96 -18.58
CA PRO C 328 0.69 -27.76 -18.87
C PRO C 328 0.64 -26.69 -17.80
N LYS C 329 -0.45 -26.62 -17.02
CA LYS C 329 -0.49 -25.65 -15.92
C LYS C 329 0.57 -25.93 -14.87
N LEU C 330 0.89 -27.20 -14.64
CA LEU C 330 1.91 -27.55 -13.66
C LEU C 330 3.30 -27.09 -14.12
N LYS C 331 3.65 -27.34 -15.38
CA LYS C 331 4.97 -26.96 -15.87
C LYS C 331 5.15 -25.45 -15.87
N GLU C 332 4.08 -24.69 -16.08
CA GLU C 332 4.20 -23.24 -16.02
C GLU C 332 4.41 -22.75 -14.59
N ALA C 333 3.69 -23.34 -13.63
CA ALA C 333 3.79 -22.87 -12.24
C ALA C 333 5.09 -23.32 -11.59
N ALA C 334 5.46 -24.59 -11.76
CA ALA C 334 6.65 -25.15 -11.14
C ALA C 334 7.34 -26.07 -12.15
N PRO C 335 8.15 -25.50 -13.05
CA PRO C 335 8.77 -26.33 -14.10
C PRO C 335 9.61 -27.47 -13.56
N PHE C 336 10.28 -27.28 -12.43
CA PHE C 336 11.16 -28.31 -11.90
C PHE C 336 10.38 -29.57 -11.50
N MET C 337 9.11 -29.42 -11.15
CA MET C 337 8.30 -30.58 -10.80
C MET C 337 8.19 -31.56 -11.98
N VAL C 338 8.18 -31.04 -13.19
CA VAL C 338 8.11 -31.88 -14.39
C VAL C 338 9.49 -32.26 -14.88
N GLU C 339 10.39 -31.27 -14.99
CA GLU C 339 11.71 -31.52 -15.55
C GLU C 339 12.57 -32.39 -14.64
N LEU C 340 12.38 -32.28 -13.32
CA LEU C 340 13.15 -33.06 -12.35
C LEU C 340 12.34 -34.22 -11.79
N LEU C 341 11.40 -34.76 -12.57
CA LEU C 341 10.61 -35.88 -12.11
C LEU C 341 11.47 -37.08 -11.74
N GLY C 342 12.61 -37.25 -12.42
CA GLY C 342 13.52 -38.33 -12.09
C GLY C 342 14.06 -38.25 -10.66
N VAL C 343 14.20 -37.04 -10.13
CA VAL C 343 14.63 -36.88 -8.74
C VAL C 343 13.62 -37.51 -7.79
N PHE C 344 12.33 -37.26 -8.03
CA PHE C 344 11.30 -37.70 -7.11
C PHE C 344 11.06 -39.20 -7.19
N ILE C 345 11.17 -39.77 -8.39
CA ILE C 345 10.99 -41.21 -8.56
C ILE C 345 12.18 -41.97 -7.97
N ASN C 346 13.36 -41.38 -7.95
CA ASN C 346 14.56 -42.05 -7.47
C ASN C 346 14.91 -41.73 -6.02
N ALA C 347 14.13 -40.87 -5.36
CA ALA C 347 14.44 -40.49 -3.99
C ALA C 347 14.49 -41.73 -3.09
N LEU C 348 15.53 -41.78 -2.22
CA LEU C 348 15.78 -42.95 -1.40
C LEU C 348 15.04 -42.84 -0.07
N PRO C 349 14.41 -43.92 0.38
CA PRO C 349 13.62 -43.86 1.60
C PRO C 349 14.47 -44.05 2.85
N ARG C 350 14.02 -43.41 3.92
CA ARG C 350 14.51 -43.75 5.25
C ARG C 350 14.07 -45.18 5.56
N PRO C 351 14.79 -45.89 6.44
CA PRO C 351 14.44 -47.29 6.72
C PRO C 351 13.00 -47.43 7.16
N ARG C 352 12.27 -48.34 6.50
CA ARG C 352 10.84 -48.53 6.79
C ARG C 352 10.75 -49.62 7.85
N VAL C 353 10.81 -49.23 9.12
CA VAL C 353 10.68 -50.16 10.24
C VAL C 353 9.66 -49.58 11.21
N ALA C 354 9.00 -50.48 11.96
CA ALA C 354 7.98 -50.06 12.90
C ALA C 354 8.51 -49.17 14.01
N ASN C 355 9.81 -49.18 14.26
CA ASN C 355 10.43 -48.35 15.28
C ASN C 355 11.38 -47.33 14.66
N TYR C 356 11.02 -46.77 13.51
CA TYR C 356 11.92 -45.84 12.83
C TYR C 356 12.24 -44.62 13.69
N THR C 357 11.23 -44.09 14.39
CA THR C 357 11.47 -42.89 15.19
C THR C 357 12.52 -43.12 16.25
N GLU C 358 12.66 -44.36 16.73
CA GLU C 358 13.73 -44.67 17.66
C GLU C 358 15.08 -44.70 16.94
N VAL C 359 15.09 -45.26 15.72
CA VAL C 359 16.31 -45.22 14.90
C VAL C 359 16.67 -43.77 14.58
N SER C 360 15.68 -42.95 14.22
CA SER C 360 15.95 -41.56 13.89
C SER C 360 16.53 -40.80 15.09
N ASP C 361 16.04 -41.10 16.30
CA ASP C 361 16.53 -40.41 17.49
C ASP C 361 18.03 -40.63 17.70
N VAL C 362 18.50 -41.85 17.44
CA VAL C 362 19.93 -42.13 17.60
C VAL C 362 20.74 -41.32 16.60
N ILE C 363 20.28 -41.30 15.34
CA ILE C 363 20.98 -40.54 14.30
C ILE C 363 20.95 -39.05 14.63
N GLN C 364 19.82 -38.55 15.11
CA GLN C 364 19.70 -37.14 15.46
C GLN C 364 20.73 -36.75 16.53
N ARG C 365 20.84 -37.56 17.58
CA ARG C 365 21.68 -37.20 18.72
C ARG C 365 23.14 -37.08 18.33
N TYR C 366 23.68 -38.09 17.65
CA TYR C 366 25.13 -38.10 17.38
C TYR C 366 25.52 -37.20 16.22
N VAL C 367 24.67 -37.08 15.19
CA VAL C 367 24.96 -36.14 14.11
C VAL C 367 24.94 -34.71 14.62
N HIS C 368 23.93 -34.36 15.41
CA HIS C 368 23.87 -33.01 15.97
C HIS C 368 25.03 -32.75 16.92
N ALA C 369 25.44 -33.77 17.68
CA ALA C 369 26.59 -33.62 18.56
C ALA C 369 27.85 -33.31 17.77
N ALA C 370 28.03 -33.95 16.61
CA ALA C 370 29.18 -33.66 15.75
C ALA C 370 29.10 -32.25 15.19
N LEU C 371 27.89 -31.78 14.85
CA LEU C 371 27.74 -30.44 14.29
C LEU C 371 28.02 -29.36 15.32
N THR C 372 27.83 -29.67 16.61
CA THR C 372 28.14 -28.75 17.69
C THR C 372 29.50 -29.04 18.32
N ARG C 373 30.24 -30.01 17.77
CA ARG C 373 31.60 -30.32 18.16
C ARG C 373 31.70 -30.80 19.61
N GLN C 374 30.64 -31.46 20.08
CA GLN C 374 30.73 -32.21 21.34
C GLN C 374 31.37 -33.58 21.14
N THR C 375 31.50 -34.02 19.89
CA THR C 375 32.16 -35.28 19.58
C THR C 375 32.71 -35.20 18.17
N THR C 376 33.53 -36.17 17.80
CA THR C 376 34.10 -36.20 16.46
C THR C 376 33.21 -37.02 15.53
N SER C 377 33.43 -36.85 14.23
CA SER C 377 32.66 -37.59 13.24
C SER C 377 32.89 -39.09 13.38
N GLU C 378 34.12 -39.49 13.69
CA GLU C 378 34.43 -40.91 13.83
C GLU C 378 33.71 -41.51 15.03
N ASP C 379 33.74 -40.81 16.18
CA ASP C 379 33.06 -41.31 17.37
C ASP C 379 31.55 -41.33 17.17
N ALA C 380 31.01 -40.32 16.48
CA ALA C 380 29.57 -40.28 16.22
C ALA C 380 29.14 -41.48 15.38
N ILE C 381 29.82 -41.73 14.26
CA ILE C 381 29.46 -42.84 13.39
C ILE C 381 29.57 -44.17 14.12
N LYS C 382 30.64 -44.35 14.91
CA LYS C 382 30.81 -45.62 15.61
C LYS C 382 29.74 -45.84 16.66
N ASN C 383 29.26 -44.77 17.31
CA ASN C 383 28.21 -44.93 18.31
C ASN C 383 26.84 -45.11 17.68
N ILE C 384 26.59 -44.48 16.53
CA ILE C 384 25.33 -44.70 15.82
C ILE C 384 25.20 -46.17 15.44
N ALA C 385 26.25 -46.73 14.83
CA ALA C 385 26.23 -48.13 14.43
C ALA C 385 25.98 -49.02 15.64
N LYS C 386 26.74 -48.81 16.71
CA LYS C 386 26.58 -49.62 17.92
C LYS C 386 25.14 -49.62 18.42
N GLU C 387 24.55 -48.44 18.62
CA GLU C 387 23.20 -48.39 19.17
C GLU C 387 22.14 -48.85 18.17
N LEU C 388 22.39 -48.72 16.86
CA LEU C 388 21.42 -49.23 15.91
C LEU C 388 21.37 -50.76 15.91
N LYS C 389 22.52 -51.42 16.07
CA LYS C 389 22.50 -52.87 16.13
C LYS C 389 21.78 -53.37 17.38
N PHE C 390 21.79 -52.58 18.46
CA PHE C 390 21.04 -52.96 19.64
C PHE C 390 19.54 -52.80 19.43
N LEU C 391 19.14 -51.73 18.74
CA LEU C 391 17.72 -51.51 18.44
C LEU C 391 17.21 -52.55 17.45
N LEU C 392 18.04 -52.98 16.51
CA LEU C 392 17.60 -53.88 15.45
C LEU C 392 18.21 -55.27 15.63
N ALA D 2 25.60 3.07 -23.66
CA ALA D 2 27.02 3.30 -23.90
C ALA D 2 27.45 4.69 -23.46
N VAL D 3 26.52 5.64 -23.50
CA VAL D 3 26.77 7.01 -23.06
C VAL D 3 25.83 7.30 -21.90
N LYS D 4 26.40 7.71 -20.76
CA LYS D 4 25.62 8.02 -19.57
C LYS D 4 25.70 9.51 -19.28
N ILE D 5 24.54 10.14 -19.09
CA ILE D 5 24.44 11.56 -18.79
C ILE D 5 23.59 11.75 -17.54
N THR D 6 23.72 12.93 -16.94
CA THR D 6 22.97 13.29 -15.74
C THR D 6 22.07 14.49 -16.01
N MET D 7 20.98 14.58 -15.26
CA MET D 7 19.99 15.63 -15.41
C MET D 7 19.48 16.05 -14.04
N THR D 8 19.38 17.35 -13.83
CA THR D 8 18.80 17.88 -12.59
C THR D 8 17.28 17.93 -12.68
N SER D 9 16.64 17.75 -11.54
CA SER D 9 15.19 17.82 -11.44
C SER D 9 14.79 18.28 -10.04
N GLY D 10 13.73 19.07 -9.97
CA GLY D 10 13.11 19.36 -8.69
C GLY D 10 12.20 18.23 -8.24
N GLY D 11 11.71 18.37 -7.01
CA GLY D 11 10.81 17.37 -6.45
C GLY D 11 9.50 17.97 -5.97
N VAL D 12 9.10 19.08 -6.57
CA VAL D 12 7.88 19.78 -6.18
C VAL D 12 6.69 19.08 -6.80
N GLY D 13 5.69 18.77 -5.98
CA GLY D 13 4.51 18.10 -6.51
C GLY D 13 4.85 16.71 -6.99
N LYS D 14 4.39 16.38 -8.20
CA LYS D 14 4.59 15.07 -8.79
C LYS D 14 5.64 15.07 -9.89
N GLU D 15 6.41 16.15 -10.03
CA GLU D 15 7.27 16.30 -11.21
C GLU D 15 8.38 15.26 -11.26
N LEU D 16 8.92 14.86 -10.10
CA LEU D 16 10.01 13.89 -10.10
C LEU D 16 9.52 12.50 -10.49
N GLU D 17 8.44 12.03 -9.87
CA GLU D 17 7.92 10.70 -10.22
C GLU D 17 7.41 10.67 -11.66
N VAL D 18 6.91 11.79 -12.17
CA VAL D 18 6.51 11.84 -13.57
C VAL D 18 7.73 11.81 -14.48
N LEU D 19 8.79 12.52 -14.09
CA LEU D 19 10.01 12.52 -14.90
C LEU D 19 10.64 11.14 -14.96
N LYS D 20 10.63 10.41 -13.84
CA LYS D 20 11.18 9.05 -13.82
C LYS D 20 10.45 8.16 -14.81
N LYS D 21 9.13 8.29 -14.91
CA LYS D 21 8.37 7.53 -15.90
C LYS D 21 8.71 7.98 -17.32
N GLN D 22 8.92 9.28 -17.52
CA GLN D 22 9.28 9.77 -18.85
C GLN D 22 10.65 9.23 -19.27
N LEU D 23 11.58 9.12 -18.33
CA LEU D 23 12.90 8.60 -18.65
C LEU D 23 12.84 7.11 -19.01
N GLU D 24 11.91 6.36 -18.40
CA GLU D 24 11.75 4.96 -18.76
C GLU D 24 11.27 4.82 -20.20
N MET D 25 10.34 5.69 -20.62
CA MET D 25 9.93 5.69 -22.01
C MET D 25 11.07 6.13 -22.92
N PHE D 26 11.86 7.10 -22.46
CA PHE D 26 13.01 7.57 -23.25
C PHE D 26 14.02 6.45 -23.48
N HIS D 27 14.30 5.67 -22.44
CA HIS D 27 15.33 4.64 -22.57
C HIS D 27 14.89 3.50 -23.48
N GLN D 28 13.58 3.23 -23.58
CA GLN D 28 13.13 2.22 -24.52
C GLN D 28 13.42 2.62 -25.96
N GLN D 29 13.34 3.92 -26.27
CA GLN D 29 13.63 4.39 -27.61
C GLN D 29 15.12 4.56 -27.87
N TYR D 30 15.89 4.84 -26.82
CA TYR D 30 17.33 5.08 -26.92
C TYR D 30 18.05 4.21 -25.91
N PRO D 31 18.27 2.93 -26.23
CA PRO D 31 18.94 2.04 -25.28
C PRO D 31 20.41 2.36 -25.06
N ASP D 32 21.03 3.18 -25.91
CA ASP D 32 22.44 3.51 -25.79
C ASP D 32 22.69 4.72 -24.90
N ILE D 33 21.63 5.35 -24.37
CA ILE D 33 21.75 6.51 -23.50
C ILE D 33 21.11 6.18 -22.17
N GLU D 34 21.83 6.43 -21.08
CA GLU D 34 21.30 6.27 -19.73
C GLU D 34 21.35 7.60 -19.01
N VAL D 35 20.27 7.92 -18.28
CA VAL D 35 20.11 9.20 -17.64
C VAL D 35 20.02 8.99 -16.13
N GLU D 36 20.82 9.74 -15.39
CA GLU D 36 20.78 9.75 -13.93
C GLU D 36 20.20 11.08 -13.46
N ILE D 37 19.27 11.00 -12.50
CA ILE D 37 18.59 12.18 -11.97
C ILE D 37 19.34 12.69 -10.75
N ILE D 38 19.58 14.00 -10.71
CA ILE D 38 20.14 14.68 -9.56
C ILE D 38 19.03 15.56 -8.96
N PRO D 39 18.48 15.20 -7.81
CA PRO D 39 17.38 15.99 -7.25
C PRO D 39 17.87 17.30 -6.65
N MET D 40 17.01 18.31 -6.73
N MET D 40 17.02 18.32 -6.74
CA MET D 40 17.33 19.68 -6.35
CA MET D 40 17.34 19.68 -6.34
C MET D 40 16.43 20.14 -5.21
C MET D 40 16.43 20.15 -5.22
N PRO D 41 16.84 21.15 -4.45
CA PRO D 41 15.94 21.72 -3.44
C PRO D 41 14.76 22.43 -4.09
N ASP D 42 13.70 22.60 -3.29
CA ASP D 42 12.50 23.24 -3.80
C ASP D 42 12.76 24.69 -4.20
N SER D 43 13.68 25.36 -3.51
CA SER D 43 13.88 26.79 -3.71
C SER D 43 14.63 27.06 -5.00
N SER D 44 14.06 27.93 -5.84
CA SER D 44 14.76 28.38 -7.03
C SER D 44 16.03 29.14 -6.66
N THR D 45 15.96 29.95 -5.59
CA THR D 45 17.14 30.68 -5.13
C THR D 45 18.27 29.73 -4.73
N GLU D 46 17.92 28.66 -4.00
CA GLU D 46 18.95 27.70 -3.59
C GLU D 46 19.51 26.95 -4.79
N ARG D 47 18.64 26.62 -5.76
CA ARG D 47 19.09 25.97 -6.98
C ARG D 47 20.08 26.84 -7.75
N HIS D 48 19.80 28.14 -7.83
CA HIS D 48 20.70 29.05 -8.54
C HIS D 48 22.10 28.99 -7.96
N ASP D 49 22.22 29.00 -6.64
CA ASP D 49 23.53 28.97 -6.01
C ASP D 49 24.23 27.63 -6.26
N LEU D 50 23.46 26.54 -6.28
CA LEU D 50 24.04 25.25 -6.61
C LEU D 50 24.64 25.24 -8.02
N TYR D 51 23.91 25.81 -8.98
CA TYR D 51 24.39 25.84 -10.36
C TYR D 51 25.64 26.71 -10.50
N VAL D 52 25.72 27.79 -9.73
CA VAL D 52 26.88 28.67 -9.78
C VAL D 52 28.15 27.90 -9.41
N THR D 53 28.08 27.07 -8.39
CA THR D 53 29.25 26.28 -7.98
C THR D 53 29.58 25.22 -9.02
N TYR D 54 28.58 24.67 -9.70
CA TYR D 54 28.85 23.75 -10.80
C TYR D 54 29.69 24.43 -11.88
N PHE D 55 29.25 25.61 -12.32
CA PHE D 55 29.94 26.31 -13.41
C PHE D 55 31.29 26.84 -12.96
N ALA D 56 31.38 27.29 -11.71
CA ALA D 56 32.65 27.84 -11.21
C ALA D 56 33.75 26.79 -11.27
N ALA D 57 33.43 25.54 -10.91
CA ALA D 57 34.42 24.46 -10.95
C ALA D 57 34.59 23.87 -12.34
N GLY D 58 33.71 24.21 -13.28
CA GLY D 58 33.79 23.64 -14.61
C GLY D 58 33.50 22.16 -14.69
N GLU D 59 32.63 21.64 -13.83
CA GLU D 59 32.38 20.20 -13.81
C GLU D 59 31.55 19.77 -15.00
N THR D 60 31.80 18.55 -15.46
CA THR D 60 31.09 17.94 -16.57
C THR D 60 29.77 17.30 -16.15
N ASP D 61 29.33 17.53 -14.92
CA ASP D 61 27.99 17.12 -14.48
C ASP D 61 27.38 18.26 -13.68
N PRO D 62 26.06 18.48 -13.82
CA PRO D 62 25.13 17.76 -14.69
C PRO D 62 25.22 18.15 -16.16
N ASP D 63 24.75 17.28 -17.05
CA ASP D 63 24.76 17.55 -18.48
C ASP D 63 23.52 18.31 -18.93
N VAL D 64 22.36 17.88 -18.47
CA VAL D 64 21.09 18.55 -18.77
C VAL D 64 20.65 19.31 -17.53
N LEU D 65 20.36 20.60 -17.70
CA LEU D 65 20.07 21.48 -16.57
C LEU D 65 18.64 22.00 -16.67
N MET D 66 17.87 21.77 -15.62
CA MET D 66 16.53 22.35 -15.48
C MET D 66 16.69 23.78 -14.99
N LEU D 67 16.45 24.74 -15.88
CA LEU D 67 16.77 26.15 -15.63
C LEU D 67 15.50 26.97 -15.47
N ASP D 68 15.51 27.87 -14.49
CA ASP D 68 14.40 28.79 -14.31
C ASP D 68 14.39 29.83 -15.43
N VAL D 69 13.20 30.31 -15.77
CA VAL D 69 13.06 31.23 -16.89
C VAL D 69 13.78 32.55 -16.63
N ILE D 70 14.15 32.83 -15.38
CA ILE D 70 14.85 34.06 -15.04
C ILE D 70 16.37 33.97 -15.18
N TRP D 71 16.90 32.79 -15.46
CA TRP D 71 18.35 32.55 -15.48
C TRP D 71 19.05 32.61 -16.83
N PRO D 72 18.39 32.40 -17.99
CA PRO D 72 19.16 32.34 -19.25
C PRO D 72 20.13 33.48 -19.49
N ALA D 73 19.76 34.72 -19.15
CA ALA D 73 20.67 35.84 -19.38
C ALA D 73 21.93 35.73 -18.53
N GLU D 74 21.79 35.23 -17.30
CA GLU D 74 22.94 35.12 -16.41
C GLU D 74 23.82 33.92 -16.77
N PHE D 75 23.20 32.78 -17.09
CA PHE D 75 23.93 31.53 -17.30
C PHE D 75 24.29 31.29 -18.76
N ALA D 76 24.00 32.24 -19.66
CA ALA D 76 24.33 32.04 -21.07
C ALA D 76 25.79 31.73 -21.33
N PRO D 77 26.77 32.34 -20.66
CA PRO D 77 28.17 31.95 -20.91
C PRO D 77 28.46 30.48 -20.69
N PHE D 78 27.67 29.77 -19.87
CA PHE D 78 27.98 28.40 -19.49
C PHE D 78 27.09 27.36 -20.19
N LEU D 79 26.25 27.78 -21.13
CA LEU D 79 25.32 26.87 -21.77
C LEU D 79 25.69 26.66 -23.23
N GLU D 80 25.42 25.46 -23.73
CA GLU D 80 25.69 25.13 -25.12
C GLU D 80 24.77 25.93 -26.04
N ASP D 81 25.35 26.52 -27.08
CA ASP D 81 24.59 27.30 -28.05
C ASP D 81 23.76 26.36 -28.91
N LEU D 82 22.44 26.57 -28.92
CA LEU D 82 21.51 25.71 -29.63
C LEU D 82 20.90 26.39 -30.85
N THR D 83 21.41 27.55 -31.25
CA THR D 83 20.80 28.31 -32.34
C THR D 83 20.75 27.49 -33.63
N ALA D 84 21.82 26.75 -33.93
CA ALA D 84 21.85 25.94 -35.14
C ALA D 84 20.87 24.78 -35.09
N ASP D 85 20.40 24.40 -33.90
CA ASP D 85 19.45 23.31 -33.72
C ASP D 85 18.02 23.81 -33.62
N LYS D 86 17.76 25.05 -34.07
CA LYS D 86 16.42 25.63 -33.98
C LYS D 86 15.38 24.74 -34.68
N ASP D 87 15.71 24.24 -35.86
CA ASP D 87 14.78 23.38 -36.59
C ASP D 87 14.76 21.96 -36.03
N TYR D 88 15.87 21.50 -35.46
CA TYR D 88 15.90 20.17 -34.86
C TYR D 88 14.94 20.06 -33.70
N PHE D 89 14.87 21.09 -32.86
CA PHE D 89 13.94 21.11 -31.73
C PHE D 89 12.56 21.62 -32.11
N GLU D 90 12.34 21.99 -33.37
CA GLU D 90 11.03 22.42 -33.86
C GLU D 90 10.51 23.61 -33.04
N LEU D 91 11.39 24.58 -32.79
CA LEU D 91 11.03 25.73 -31.97
C LEU D 91 9.92 26.57 -32.59
N GLY D 92 9.73 26.49 -33.91
CA GLY D 92 8.63 27.18 -34.55
C GLY D 92 7.26 26.73 -34.09
N GLU D 93 7.16 25.55 -33.49
CA GLU D 93 5.90 25.01 -32.98
C GLU D 93 5.61 25.45 -31.55
N PHE D 94 6.51 26.20 -30.93
CA PHE D 94 6.36 26.58 -29.53
C PHE D 94 5.68 27.94 -29.43
N LEU D 95 5.08 28.20 -28.26
CA LEU D 95 4.57 29.52 -27.94
C LEU D 95 5.68 30.56 -28.12
N PRO D 96 5.50 31.55 -28.99
CA PRO D 96 6.60 32.49 -29.28
C PRO D 96 7.18 33.16 -28.05
N GLY D 97 6.35 33.42 -27.03
CA GLY D 97 6.86 34.05 -25.83
C GLY D 97 7.89 33.21 -25.11
N THR D 98 7.70 31.89 -25.11
CA THR D 98 8.67 31.01 -24.45
C THR D 98 9.98 30.95 -25.22
N VAL D 99 9.94 31.09 -26.54
CA VAL D 99 11.18 31.11 -27.33
C VAL D 99 11.97 32.37 -27.05
N MET D 100 11.28 33.50 -26.87
CA MET D 100 11.97 34.75 -26.54
C MET D 100 12.68 34.65 -25.18
N SER D 101 12.10 33.88 -24.26
CA SER D 101 12.69 33.77 -22.92
C SER D 101 14.03 33.04 -22.96
N VAL D 102 14.25 32.17 -23.95
CA VAL D 102 15.49 31.42 -24.05
C VAL D 102 16.43 32.01 -25.09
N THR D 103 16.09 33.17 -25.65
CA THR D 103 16.93 33.84 -26.63
C THR D 103 17.70 34.95 -25.92
N VAL D 104 19.03 34.84 -25.93
CA VAL D 104 19.90 35.82 -25.30
C VAL D 104 20.85 36.34 -26.35
N ASN D 105 20.72 37.62 -26.70
CA ASN D 105 21.55 38.27 -27.71
C ASN D 105 21.51 37.51 -29.04
N GLY D 106 20.30 37.17 -29.47
CA GLY D 106 20.11 36.44 -30.71
C GLY D 106 20.50 34.98 -30.69
N ARG D 107 20.96 34.47 -29.56
CA ARG D 107 21.38 33.09 -29.42
C ARG D 107 20.36 32.31 -28.60
N ILE D 108 20.04 31.10 -29.05
CA ILE D 108 19.15 30.21 -28.32
C ILE D 108 19.99 29.35 -27.38
N VAL D 109 19.79 29.52 -26.08
CA VAL D 109 20.61 28.86 -25.06
C VAL D 109 19.87 27.78 -24.32
N ALA D 110 18.61 27.53 -24.64
CA ALA D 110 17.82 26.50 -23.96
C ALA D 110 16.57 26.23 -24.76
N VAL D 111 15.85 25.18 -24.37
CA VAL D 111 14.61 24.78 -25.00
C VAL D 111 13.51 24.89 -23.95
N PRO D 112 12.41 25.59 -24.23
CA PRO D 112 11.35 25.71 -23.23
C PRO D 112 10.71 24.36 -22.93
N TRP D 113 10.57 24.07 -21.64
CA TRP D 113 9.99 22.80 -21.18
C TRP D 113 8.52 22.97 -20.79
N PHE D 114 8.25 23.82 -19.80
CA PHE D 114 6.88 24.17 -19.46
C PHE D 114 6.83 25.63 -19.03
N THR D 115 5.66 26.23 -19.16
N THR D 115 5.65 26.23 -19.15
CA THR D 115 5.45 27.63 -18.79
CA THR D 115 5.40 27.62 -18.83
C THR D 115 4.56 27.73 -17.56
C THR D 115 4.60 27.72 -17.52
N ASP D 116 4.56 28.92 -16.95
CA ASP D 116 3.91 29.12 -15.66
C ASP D 116 3.28 30.50 -15.59
N ALA D 117 2.26 30.62 -14.75
CA ALA D 117 1.67 31.90 -14.39
C ALA D 117 0.93 31.76 -13.06
N GLY D 118 0.93 32.83 -12.28
CA GLY D 118 0.22 32.80 -11.01
C GLY D 118 -1.29 32.72 -11.21
N LEU D 119 -1.93 31.92 -10.35
CA LEU D 119 -3.37 31.70 -10.43
C LEU D 119 -3.96 31.73 -9.04
N LEU D 120 -5.28 31.94 -8.99
CA LEU D 120 -6.04 31.92 -7.75
C LEU D 120 -6.81 30.60 -7.64
N TYR D 121 -6.50 29.83 -6.61
CA TYR D 121 -7.28 28.66 -6.23
C TYR D 121 -8.25 29.07 -5.13
N TYR D 122 -9.48 28.57 -5.21
CA TYR D 122 -10.48 28.91 -4.21
C TYR D 122 -11.37 27.71 -3.94
N ARG D 123 -11.93 27.68 -2.73
CA ARG D 123 -12.84 26.62 -2.33
C ARG D 123 -14.20 26.89 -2.94
N LYS D 124 -14.46 26.22 -4.05
CA LYS D 124 -15.68 26.43 -4.83
C LYS D 124 -16.93 26.16 -4.00
N ASP D 125 -16.88 25.16 -3.13
CA ASP D 125 -18.03 24.83 -2.29
C ASP D 125 -18.32 25.91 -1.27
N LEU D 126 -17.28 26.45 -0.63
CA LEU D 126 -17.48 27.45 0.41
C LEU D 126 -18.05 28.75 -0.15
N LEU D 127 -17.61 29.15 -1.34
CA LEU D 127 -18.13 30.37 -1.94
C LEU D 127 -19.62 30.24 -2.21
N GLU D 128 -20.06 29.10 -2.76
CA GLU D 128 -21.47 28.88 -3.00
C GLU D 128 -22.24 28.78 -1.69
N LYS D 129 -21.64 28.17 -0.68
CA LYS D 129 -22.31 28.00 0.61
C LYS D 129 -22.59 29.34 1.29
N TYR D 130 -21.76 30.35 1.04
CA TYR D 130 -21.92 31.65 1.71
C TYR D 130 -22.41 32.74 0.76
N GLY D 131 -23.07 32.36 -0.33
CA GLY D 131 -23.77 33.33 -1.15
C GLY D 131 -22.93 34.04 -2.19
N TYR D 132 -21.82 33.45 -2.62
CA TYR D 132 -20.96 34.06 -3.63
C TYR D 132 -21.03 33.22 -4.91
N ASP D 133 -21.42 33.87 -6.00
CA ASP D 133 -21.61 33.22 -7.29
C ASP D 133 -20.40 33.37 -8.21
N HIS D 134 -19.31 33.95 -7.72
CA HIS D 134 -18.18 34.24 -8.59
C HIS D 134 -16.91 34.33 -7.73
N ALA D 135 -15.78 34.08 -8.38
CA ALA D 135 -14.50 34.33 -7.74
C ALA D 135 -14.29 35.84 -7.57
N PRO D 136 -13.57 36.26 -6.53
CA PRO D 136 -13.35 37.70 -6.33
C PRO D 136 -12.61 38.32 -7.51
N ARG D 137 -13.14 39.43 -7.99
CA ARG D 137 -12.59 40.14 -9.14
C ARG D 137 -11.67 41.29 -8.75
N THR D 138 -11.64 41.68 -7.48
CA THR D 138 -10.69 42.66 -6.96
C THR D 138 -10.07 42.11 -5.68
N TRP D 139 -8.92 42.70 -5.30
CA TRP D 139 -8.23 42.25 -4.10
C TRP D 139 -9.04 42.51 -2.84
N ASP D 140 -9.74 43.65 -2.79
CA ASP D 140 -10.55 43.96 -1.62
C ASP D 140 -11.75 43.00 -1.50
N GLU D 141 -12.32 42.60 -2.63
CA GLU D 141 -13.38 41.60 -2.59
C GLU D 141 -12.86 40.27 -2.10
N LEU D 142 -11.62 39.92 -2.43
CA LEU D 142 -11.02 38.71 -1.90
C LEU D 142 -10.91 38.79 -0.38
N VAL D 143 -10.46 39.94 0.13
CA VAL D 143 -10.38 40.13 1.57
C VAL D 143 -11.75 39.99 2.20
N GLU D 144 -12.78 40.56 1.56
CA GLU D 144 -14.12 40.49 2.11
C GLU D 144 -14.62 39.05 2.18
N MET D 145 -14.44 38.28 1.09
CA MET D 145 -14.85 36.88 1.10
C MET D 145 -14.04 36.06 2.09
N ALA D 146 -12.72 36.26 2.11
CA ALA D 146 -11.85 35.48 2.98
C ALA D 146 -12.17 35.73 4.44
N LYS D 147 -12.42 37.00 4.81
CA LYS D 147 -12.76 37.30 6.20
C LYS D 147 -14.01 36.56 6.66
N LYS D 148 -15.11 36.72 5.92
CA LYS D 148 -16.40 36.19 6.36
C LYS D 148 -16.38 34.67 6.44
N ILE D 149 -15.80 34.01 5.44
CA ILE D 149 -15.82 32.55 5.40
C ILE D 149 -14.88 31.95 6.45
N SER D 150 -13.76 32.63 6.75
CA SER D 150 -12.74 32.02 7.58
C SER D 150 -13.19 31.80 9.02
N GLN D 151 -13.86 32.78 9.64
CA GLN D 151 -14.36 32.55 11.00
C GLN D 151 -15.63 31.72 11.02
N ALA D 152 -16.43 31.78 9.95
CA ALA D 152 -17.61 30.92 9.87
C ALA D 152 -17.19 29.45 9.81
N GLU D 153 -16.13 29.15 9.06
CA GLU D 153 -15.65 27.79 8.93
C GLU D 153 -14.53 27.45 9.91
N GLY D 154 -13.84 28.45 10.46
CA GLY D 154 -12.75 28.20 11.38
C GLY D 154 -11.46 27.82 10.71
N ILE D 155 -11.22 28.30 9.49
CA ILE D 155 -10.00 27.99 8.74
C ILE D 155 -9.29 29.28 8.35
N HIS D 156 -8.15 29.14 7.67
CA HIS D 156 -7.43 30.30 7.17
C HIS D 156 -8.11 30.87 5.94
N GLY D 157 -7.93 32.17 5.73
CA GLY D 157 -8.53 32.84 4.60
C GLY D 157 -7.77 32.72 3.29
N PHE D 158 -6.45 32.93 3.34
CA PHE D 158 -5.66 33.12 2.13
C PHE D 158 -4.22 32.75 2.41
N VAL D 159 -3.71 31.74 1.71
CA VAL D 159 -2.31 31.32 1.86
C VAL D 159 -1.59 31.54 0.53
N TRP D 160 -0.31 31.86 0.63
CA TRP D 160 0.53 32.13 -0.54
C TRP D 160 1.99 31.90 -0.13
N GLN D 161 2.91 32.41 -0.95
CA GLN D 161 4.35 32.16 -0.77
C GLN D 161 5.00 33.40 -0.18
N GLY D 162 5.36 33.33 1.10
CA GLY D 162 5.93 34.48 1.79
C GLY D 162 7.32 34.28 2.37
N ALA D 163 7.92 33.12 2.16
CA ALA D 163 9.29 32.90 2.62
C ALA D 163 10.26 33.81 1.85
N ARG D 164 11.46 33.95 2.39
N ARG D 164 11.44 33.99 2.42
CA ARG D 164 12.48 34.82 1.80
CA ARG D 164 12.46 34.84 1.78
C ARG D 164 13.20 34.04 0.71
C ARG D 164 13.17 34.02 0.72
N TYR D 165 12.62 34.04 -0.49
CA TYR D 165 13.20 33.36 -1.63
C TYR D 165 12.54 33.92 -2.90
N GLU D 166 12.87 33.32 -4.05
CA GLU D 166 12.39 33.85 -5.32
C GLU D 166 10.86 33.85 -5.39
N GLY D 167 10.20 32.86 -4.77
CA GLY D 167 8.75 32.79 -4.83
C GLY D 167 8.08 34.01 -4.25
N LEU D 168 8.68 34.61 -3.22
CA LEU D 168 8.12 35.83 -2.65
C LEU D 168 8.09 36.97 -3.68
N VAL D 169 9.15 37.08 -4.47
CA VAL D 169 9.20 38.13 -5.50
C VAL D 169 8.05 37.96 -6.49
N CYS D 170 7.77 36.71 -6.89
CA CYS D 170 6.68 36.46 -7.82
C CYS D 170 5.35 36.90 -7.23
N ASP D 171 5.11 36.61 -5.94
CA ASP D 171 3.89 37.07 -5.29
C ASP D 171 3.86 38.58 -5.19
N PHE D 172 4.97 39.19 -4.77
CA PHE D 172 5.01 40.63 -4.57
C PHE D 172 4.73 41.39 -5.86
N LEU D 173 5.31 40.94 -6.98
CA LEU D 173 5.15 41.65 -8.24
C LEU D 173 3.70 41.63 -8.71
N GLU D 174 2.96 40.57 -8.39
CA GLU D 174 1.56 40.53 -8.79
C GLU D 174 0.74 41.58 -8.06
N TYR D 175 1.07 41.86 -6.80
CA TYR D 175 0.42 42.96 -6.10
C TYR D 175 0.90 44.31 -6.65
N LEU D 176 2.22 44.46 -6.84
CA LEU D 176 2.77 45.70 -7.37
C LEU D 176 2.14 46.07 -8.70
N TRP D 177 2.06 45.11 -9.63
CA TRP D 177 1.54 45.40 -10.96
C TRP D 177 0.05 45.68 -10.92
N SER D 178 -0.71 44.92 -10.13
CA SER D 178 -2.15 45.13 -10.07
C SER D 178 -2.51 46.41 -9.34
N PHE D 179 -1.61 46.95 -8.53
CA PHE D 179 -1.84 48.23 -7.85
C PHE D 179 -1.37 49.43 -8.67
N GLY D 180 -0.82 49.21 -9.86
CA GLY D 180 -0.40 50.29 -10.72
C GLY D 180 1.06 50.66 -10.66
N GLY D 181 1.88 49.90 -9.93
CA GLY D 181 3.30 50.16 -9.83
C GLY D 181 4.12 49.31 -10.78
N ASP D 182 5.43 49.52 -10.72
CA ASP D 182 6.36 48.76 -11.54
C ASP D 182 7.76 48.89 -10.95
N VAL D 183 8.65 48.01 -11.40
CA VAL D 183 10.04 48.02 -10.96
C VAL D 183 10.83 48.91 -11.91
N LEU D 184 10.79 48.57 -13.20
CA LEU D 184 11.45 49.33 -14.25
C LEU D 184 10.41 49.75 -15.29
N ASP D 185 10.62 50.93 -15.88
CA ASP D 185 9.78 51.35 -16.99
C ASP D 185 10.35 50.74 -18.27
N GLU D 186 9.92 51.22 -19.45
CA GLU D 186 10.38 50.61 -20.68
C GLU D 186 11.87 50.83 -20.88
N SER D 187 12.41 51.88 -20.28
CA SER D 187 13.85 52.11 -20.25
C SER D 187 14.42 51.36 -19.05
N GLY D 188 15.66 51.69 -18.68
CA GLY D 188 16.30 51.00 -17.56
C GLY D 188 16.09 51.66 -16.21
N LYS D 189 15.11 52.56 -16.12
CA LYS D 189 14.96 53.42 -14.95
C LYS D 189 14.14 52.75 -13.85
N VAL D 190 14.65 52.82 -12.63
CA VAL D 190 13.93 52.33 -11.46
C VAL D 190 12.80 53.29 -11.13
N VAL D 191 11.58 52.77 -10.99
CA VAL D 191 10.42 53.60 -10.73
C VAL D 191 9.63 53.04 -9.55
N ILE D 192 10.25 52.13 -8.79
CA ILE D 192 9.53 51.44 -7.73
C ILE D 192 9.19 52.33 -6.54
N ASP D 193 9.91 53.44 -6.36
N ASP D 193 9.91 53.43 -6.36
CA ASP D 193 9.60 54.36 -5.27
CA ASP D 193 9.60 54.35 -5.26
C ASP D 193 8.39 55.20 -5.68
C ASP D 193 8.40 55.19 -5.69
N SER D 194 7.21 54.67 -5.42
CA SER D 194 5.96 55.29 -5.83
C SER D 194 4.91 55.02 -4.77
N PRO D 195 3.84 55.81 -4.72
CA PRO D 195 2.75 55.49 -3.77
C PRO D 195 2.09 54.16 -4.06
N GLU D 196 2.02 53.75 -5.33
CA GLU D 196 1.42 52.47 -5.68
C GLU D 196 2.19 51.30 -5.06
N ALA D 197 3.53 51.37 -5.10
CA ALA D 197 4.34 50.28 -4.56
C ALA D 197 4.19 50.17 -3.06
N VAL D 198 4.16 51.30 -2.34
CA VAL D 198 3.98 51.27 -0.90
C VAL D 198 2.63 50.66 -0.55
N ALA D 199 1.58 51.01 -1.32
CA ALA D 199 0.25 50.48 -1.05
C ALA D 199 0.21 48.97 -1.30
N ALA D 200 0.88 48.50 -2.36
CA ALA D 200 0.90 47.08 -2.64
C ALA D 200 1.61 46.31 -1.53
N LEU D 201 2.77 46.79 -1.11
CA LEU D 201 3.50 46.14 -0.02
C LEU D 201 2.74 46.23 1.29
N GLN D 202 2.08 47.36 1.55
CA GLN D 202 1.28 47.49 2.76
C GLN D 202 0.11 46.53 2.74
N PHE D 203 -0.52 46.33 1.58
CA PHE D 203 -1.64 45.40 1.48
C PHE D 203 -1.20 43.99 1.86
N MET D 204 0.00 43.58 1.43
CA MET D 204 0.52 42.27 1.80
C MET D 204 0.71 42.16 3.31
N VAL D 205 1.27 43.19 3.93
CA VAL D 205 1.42 43.21 5.38
C VAL D 205 0.05 43.19 6.05
N ASP D 206 -0.90 43.94 5.48
CA ASP D 206 -2.23 44.07 6.08
C ASP D 206 -2.99 42.75 6.10
N LEU D 207 -2.73 41.88 5.12
CA LEU D 207 -3.37 40.57 5.09
C LEU D 207 -3.08 39.74 6.33
N ILE D 208 -1.92 39.94 6.94
CA ILE D 208 -1.47 39.10 8.06
C ILE D 208 -1.96 39.64 9.40
N TYR D 209 -1.65 40.90 9.69
CA TYR D 209 -1.77 41.45 11.03
C TYR D 209 -3.04 42.26 11.22
N LYS D 210 -3.54 42.85 10.14
CA LYS D 210 -4.76 43.66 10.17
C LYS D 210 -6.00 42.81 9.90
N HIS D 211 -6.11 42.27 8.69
CA HIS D 211 -7.29 41.48 8.32
C HIS D 211 -7.24 40.07 8.90
N LYS D 212 -6.05 39.54 9.15
CA LYS D 212 -5.82 38.19 9.67
C LYS D 212 -6.46 37.15 8.75
N VAL D 213 -6.45 37.40 7.44
CA VAL D 213 -6.89 36.39 6.50
C VAL D 213 -5.73 35.53 6.05
N THR D 214 -4.50 35.92 6.40
CA THR D 214 -3.30 35.18 6.10
C THR D 214 -2.55 34.90 7.39
N PRO D 215 -2.22 33.65 7.69
CA PRO D 215 -1.50 33.34 8.94
C PRO D 215 -0.11 33.92 8.95
N GLU D 216 0.34 34.28 10.16
CA GLU D 216 1.68 34.80 10.37
C GLU D 216 2.76 33.81 9.91
N GLY D 217 2.44 32.51 9.89
CA GLY D 217 3.36 31.52 9.37
C GLY D 217 3.66 31.63 7.89
N VAL D 218 2.95 32.50 7.17
CA VAL D 218 3.15 32.64 5.73
C VAL D 218 4.57 33.09 5.40
N THR D 219 5.23 33.78 6.33
CA THR D 219 6.61 34.21 6.10
C THR D 219 7.60 33.05 6.03
N THR D 220 7.13 31.81 6.17
CA THR D 220 7.94 30.63 5.98
C THR D 220 7.41 29.71 4.88
N TYR D 221 6.35 30.11 4.18
CA TYR D 221 5.71 29.24 3.20
C TYR D 221 6.37 29.36 1.84
N MET D 222 6.54 28.21 1.19
CA MET D 222 6.87 28.10 -0.21
C MET D 222 5.68 27.50 -0.95
N GLU D 223 5.89 27.11 -2.22
CA GLU D 223 4.80 26.58 -3.02
C GLU D 223 4.12 25.40 -2.33
N GLU D 224 4.91 24.44 -1.84
CA GLU D 224 4.32 23.22 -1.29
C GLU D 224 3.71 23.42 0.08
N ASP D 225 4.20 24.39 0.86
CA ASP D 225 3.58 24.67 2.15
C ASP D 225 2.17 25.19 1.98
N ALA D 226 1.99 26.19 1.12
CA ALA D 226 0.66 26.70 0.83
C ALA D 226 -0.22 25.62 0.20
N ARG D 227 0.37 24.77 -0.64
CA ARG D 227 -0.42 23.74 -1.33
C ARG D 227 -1.02 22.74 -0.35
N ARG D 228 -0.23 22.32 0.65
CA ARG D 228 -0.72 21.30 1.58
C ARG D 228 -1.82 21.85 2.48
N ILE D 229 -1.70 23.10 2.92
CA ILE D 229 -2.72 23.70 3.77
C ILE D 229 -4.04 23.82 3.00
N PHE D 230 -3.97 24.30 1.75
CA PHE D 230 -5.16 24.39 0.93
C PHE D 230 -5.75 23.01 0.63
N GLN D 231 -4.89 22.06 0.29
CA GLN D 231 -5.35 20.73 -0.12
C GLN D 231 -6.07 20.01 1.01
N ASN D 232 -5.65 20.20 2.25
CA ASN D 232 -6.27 19.56 3.39
C ASN D 232 -7.45 20.36 3.95
N GLY D 233 -8.01 21.29 3.17
CA GLY D 233 -9.23 21.98 3.53
C GLY D 233 -9.09 23.06 4.58
N GLU D 234 -7.90 23.65 4.72
CA GLU D 234 -7.64 24.60 5.80
C GLU D 234 -7.47 26.03 5.29
N ALA D 235 -7.84 26.30 4.04
CA ALA D 235 -7.72 27.64 3.48
C ALA D 235 -8.80 27.85 2.42
N VAL D 236 -9.38 29.04 2.41
CA VAL D 236 -10.40 29.36 1.41
C VAL D 236 -9.77 29.69 0.07
N PHE D 237 -8.72 30.49 0.06
CA PHE D 237 -8.06 30.92 -1.17
C PHE D 237 -6.59 30.53 -1.13
N MET D 238 -6.01 30.35 -2.32
CA MET D 238 -4.58 30.12 -2.45
C MET D 238 -4.09 30.69 -3.77
N ARG D 239 -2.98 31.42 -3.70
CA ARG D 239 -2.22 31.80 -4.90
C ARG D 239 -1.14 30.75 -5.12
N ASN D 240 -1.10 30.19 -6.32
CA ASN D 240 -0.08 29.19 -6.65
C ASN D 240 -0.02 29.01 -8.16
N TRP D 241 0.93 28.20 -8.60
CA TRP D 241 1.14 27.89 -10.01
C TRP D 241 0.22 26.76 -10.43
N PRO D 242 0.09 26.51 -11.75
CA PRO D 242 -0.81 25.44 -12.21
C PRO D 242 -0.52 24.05 -11.66
N TYR D 243 0.72 23.76 -11.26
CA TYR D 243 1.06 22.39 -10.87
C TYR D 243 0.19 21.88 -9.73
N ALA D 244 -0.22 22.77 -8.81
CA ALA D 244 -0.98 22.36 -7.64
C ALA D 244 -2.30 21.67 -8.01
N TRP D 245 -2.83 21.95 -9.20
CA TRP D 245 -4.07 21.33 -9.63
C TRP D 245 -3.95 19.81 -9.66
N SER D 246 -2.80 19.29 -10.08
CA SER D 246 -2.61 17.85 -10.22
C SER D 246 -2.68 17.12 -8.88
N LEU D 247 -2.57 17.82 -7.76
CA LEU D 247 -2.67 17.20 -6.44
C LEU D 247 -3.94 17.56 -5.69
N VAL D 248 -4.35 18.83 -5.71
CA VAL D 248 -5.54 19.23 -4.96
C VAL D 248 -6.82 18.68 -5.57
N ASN D 249 -6.78 18.20 -6.82
CA ASN D 249 -7.94 17.59 -7.46
C ASN D 249 -7.71 16.12 -7.77
N SER D 250 -6.73 15.49 -7.13
CA SER D 250 -6.49 14.08 -7.29
C SER D 250 -7.39 13.26 -6.37
N ASP D 251 -7.37 11.94 -6.56
CA ASP D 251 -8.18 11.05 -5.75
C ASP D 251 -7.73 11.02 -4.29
N GLU D 252 -6.53 11.49 -3.99
CA GLU D 252 -6.01 11.56 -2.63
C GLU D 252 -6.37 12.86 -1.92
N SER D 253 -7.02 13.80 -2.62
CA SER D 253 -7.29 15.11 -2.03
C SER D 253 -8.64 15.12 -1.34
N PRO D 254 -8.73 15.62 -0.10
CA PRO D 254 -10.04 15.72 0.55
C PRO D 254 -10.97 16.73 -0.10
N ILE D 255 -10.45 17.63 -0.92
CA ILE D 255 -11.25 18.68 -1.54
C ILE D 255 -11.40 18.46 -3.05
N LYS D 256 -11.18 17.23 -3.52
CA LYS D 256 -11.37 16.94 -4.94
C LYS D 256 -12.78 17.30 -5.37
N GLY D 257 -12.89 17.97 -6.51
CA GLY D 257 -14.17 18.40 -7.03
C GLY D 257 -14.73 19.67 -6.42
N LYS D 258 -14.07 20.24 -5.41
CA LYS D 258 -14.50 21.48 -4.80
C LYS D 258 -13.52 22.63 -5.05
N VAL D 259 -12.61 22.46 -5.99
CA VAL D 259 -11.55 23.44 -6.25
C VAL D 259 -11.88 24.16 -7.55
N GLY D 260 -11.88 25.49 -7.49
CA GLY D 260 -12.01 26.32 -8.68
C GLY D 260 -10.72 27.06 -8.96
N VAL D 261 -10.51 27.42 -10.22
CA VAL D 261 -9.33 28.16 -10.64
C VAL D 261 -9.79 29.40 -11.41
N ALA D 262 -9.19 30.54 -11.09
CA ALA D 262 -9.56 31.81 -11.69
C ALA D 262 -8.30 32.66 -11.80
N PRO D 263 -8.32 33.70 -12.64
CA PRO D 263 -7.22 34.65 -12.63
C PRO D 263 -7.14 35.38 -11.30
N LEU D 264 -5.94 35.88 -11.00
CA LEU D 264 -5.76 36.67 -9.79
C LEU D 264 -6.60 37.94 -9.85
N PRO D 265 -7.04 38.47 -8.71
CA PRO D 265 -7.96 39.61 -8.72
C PRO D 265 -7.27 40.87 -9.22
N MET D 266 -8.11 41.81 -9.66
CA MET D 266 -7.63 43.13 -10.05
C MET D 266 -7.33 43.97 -8.83
N GLY D 267 -6.48 44.97 -9.01
CA GLY D 267 -6.12 45.86 -7.93
C GLY D 267 -6.53 47.30 -8.21
N PRO D 268 -6.20 48.21 -7.29
CA PRO D 268 -6.56 49.62 -7.50
C PRO D 268 -5.99 50.23 -8.76
N GLY D 269 -4.98 49.61 -9.37
CA GLY D 269 -4.47 50.10 -10.64
C GLY D 269 -5.38 49.85 -11.83
N GLY D 270 -6.53 49.25 -11.63
CA GLY D 270 -7.43 48.97 -12.73
C GLY D 270 -6.99 47.84 -13.63
N ARG D 271 -6.06 47.02 -13.17
CA ARG D 271 -5.49 45.96 -14.00
C ARG D 271 -5.16 44.78 -13.10
N ARG D 272 -5.27 43.57 -13.67
CA ARG D 272 -4.79 42.37 -13.02
C ARG D 272 -3.49 41.91 -13.67
N ALA D 273 -2.72 41.12 -12.93
CA ALA D 273 -1.42 40.70 -13.40
C ALA D 273 -1.07 39.33 -12.83
N ALA D 274 -0.25 38.60 -13.58
CA ALA D 274 0.28 37.32 -13.15
C ALA D 274 1.75 37.28 -13.54
N THR D 275 2.58 36.79 -12.63
CA THR D 275 4.01 36.71 -12.89
C THR D 275 4.31 35.56 -13.84
N LEU D 276 5.06 35.84 -14.90
CA LEU D 276 5.48 34.79 -15.82
C LEU D 276 6.54 33.92 -15.16
N GLY D 277 6.30 32.61 -15.19
CA GLY D 277 7.29 31.66 -14.71
C GLY D 277 7.58 30.61 -15.76
N GLY D 278 8.21 29.51 -15.35
CA GLY D 278 8.50 28.42 -16.26
C GLY D 278 9.93 27.94 -16.10
N TRP D 279 10.17 26.75 -16.65
CA TRP D 279 11.48 26.12 -16.59
C TRP D 279 11.86 25.62 -17.97
N VAL D 280 13.15 25.72 -18.28
CA VAL D 280 13.69 25.39 -19.58
C VAL D 280 14.87 24.44 -19.41
N LEU D 281 15.22 23.75 -20.49
CA LEU D 281 16.25 22.73 -20.48
C LEU D 281 17.47 23.23 -21.24
N GLY D 282 18.61 23.30 -20.54
CA GLY D 282 19.87 23.68 -21.15
C GLY D 282 20.90 22.56 -21.03
N ILE D 283 21.98 22.71 -21.79
CA ILE D 283 23.04 21.72 -21.85
C ILE D 283 24.33 22.34 -21.33
N ASN D 284 24.99 21.64 -20.40
CA ASN D 284 26.27 22.09 -19.88
C ASN D 284 27.30 22.18 -21.00
N LYS D 285 27.93 23.36 -21.13
CA LYS D 285 28.94 23.55 -22.16
C LYS D 285 30.20 22.76 -21.87
N PHE D 286 30.48 22.45 -20.61
CA PHE D 286 31.68 21.72 -20.24
C PHE D 286 31.53 20.21 -20.45
N SER D 287 30.38 19.74 -20.90
CA SER D 287 30.19 18.32 -21.16
C SER D 287 30.92 17.92 -22.43
N SER D 288 31.21 16.62 -22.54
CA SER D 288 31.87 16.09 -23.72
C SER D 288 30.91 16.14 -24.92
N PRO D 289 31.45 16.19 -26.15
CA PRO D 289 30.57 16.24 -27.33
C PRO D 289 29.62 15.06 -27.45
N GLU D 290 30.02 13.87 -26.99
CA GLU D 290 29.09 12.75 -27.02
C GLU D 290 28.02 12.89 -25.94
N GLU D 291 28.35 13.53 -24.82
CA GLU D 291 27.31 13.85 -23.83
C GLU D 291 26.33 14.88 -24.36
N LYS D 292 26.84 15.89 -25.08
CA LYS D 292 25.97 16.92 -25.63
C LYS D 292 25.03 16.35 -26.69
N GLU D 293 25.53 15.45 -27.53
CA GLU D 293 24.66 14.80 -28.52
C GLU D 293 23.57 14.00 -27.84
N ALA D 294 23.92 13.28 -26.77
CA ALA D 294 22.91 12.55 -26.01
C ALA D 294 21.92 13.50 -25.33
N ALA D 295 22.42 14.64 -24.84
CA ALA D 295 21.54 15.62 -24.19
C ALA D 295 20.52 16.18 -25.17
N LYS D 296 20.93 16.44 -26.41
CA LYS D 296 20.00 16.98 -27.41
C LYS D 296 18.87 15.99 -27.69
N LYS D 297 19.17 14.70 -27.71
CA LYS D 297 18.12 13.71 -27.95
C LYS D 297 17.15 13.64 -26.78
N LEU D 298 17.67 13.76 -25.56
CA LEU D 298 16.81 13.75 -24.38
C LEU D 298 15.89 14.97 -24.35
N ILE D 299 16.44 16.16 -24.61
CA ILE D 299 15.63 17.37 -24.58
C ILE D 299 14.56 17.35 -25.65
N LYS D 300 14.92 16.91 -26.87
CA LYS D 300 13.93 16.79 -27.93
C LYS D 300 12.82 15.82 -27.55
N PHE D 301 13.18 14.70 -26.91
CA PHE D 301 12.17 13.74 -26.49
C PHE D 301 11.24 14.34 -25.44
N LEU D 302 11.81 15.00 -24.43
CA LEU D 302 10.99 15.52 -23.34
C LEU D 302 10.09 16.66 -23.79
N THR D 303 10.51 17.43 -24.79
CA THR D 303 9.73 18.56 -25.29
C THR D 303 8.91 18.20 -26.53
N SER D 304 8.78 16.92 -26.84
CA SER D 304 7.93 16.50 -27.94
C SER D 304 6.45 16.61 -27.55
N TYR D 305 5.59 16.49 -28.56
CA TYR D 305 4.15 16.66 -28.32
C TYR D 305 3.64 15.68 -27.28
N ASP D 306 3.93 14.38 -27.45
CA ASP D 306 3.37 13.37 -26.57
C ASP D 306 3.89 13.51 -25.14
N GLN D 307 5.16 13.87 -24.98
CA GLN D 307 5.72 13.99 -23.63
C GLN D 307 5.23 15.25 -22.93
N GLN D 308 5.08 16.36 -23.65
CA GLN D 308 4.53 17.56 -23.05
C GLN D 308 3.09 17.33 -22.59
N LEU D 309 2.30 16.61 -23.38
CA LEU D 309 0.95 16.28 -22.97
C LEU D 309 0.95 15.38 -21.74
N TYR D 310 1.87 14.40 -21.71
CA TYR D 310 1.97 13.50 -20.55
C TYR D 310 2.30 14.28 -19.29
N LYS D 311 3.27 15.19 -19.38
CA LYS D 311 3.66 15.98 -18.21
C LYS D 311 2.54 16.90 -17.76
N ALA D 312 1.80 17.48 -18.72
CA ALA D 312 0.70 18.37 -18.36
C ALA D 312 -0.42 17.62 -17.64
N ILE D 313 -0.78 16.44 -18.14
CA ILE D 313 -1.89 15.69 -17.55
C ILE D 313 -1.53 15.19 -16.15
N ASN D 314 -0.29 14.71 -15.97
CA ASN D 314 0.09 14.03 -14.75
C ASN D 314 0.78 14.92 -13.73
N ALA D 315 1.45 15.99 -14.14
CA ALA D 315 2.11 16.89 -13.22
C ALA D 315 1.51 18.28 -13.20
N GLY D 316 0.54 18.57 -14.06
CA GLY D 316 -0.13 19.86 -14.04
C GLY D 316 0.73 21.03 -14.48
N GLN D 317 1.65 20.81 -15.41
CA GLN D 317 2.58 21.84 -15.84
C GLN D 317 2.34 22.17 -17.32
N ASN D 318 2.24 23.47 -17.61
CA ASN D 318 1.67 23.93 -18.88
C ASN D 318 2.57 23.60 -20.05
N PRO D 319 2.03 23.07 -21.15
CA PRO D 319 2.85 22.82 -22.34
C PRO D 319 3.39 24.11 -22.94
N THR D 320 4.55 24.01 -23.58
CA THR D 320 5.11 25.10 -24.36
C THR D 320 4.84 24.95 -25.86
N ARG D 321 4.41 23.78 -26.30
CA ARG D 321 4.00 23.60 -27.68
C ARG D 321 2.57 24.10 -27.86
N LYS D 322 2.35 24.90 -28.90
CA LYS D 322 1.03 25.49 -29.13
C LYS D 322 -0.03 24.43 -29.34
N ALA D 323 0.28 23.40 -30.14
CA ALA D 323 -0.74 22.44 -30.58
C ALA D 323 -1.27 21.58 -29.44
N VAL D 324 -0.55 21.45 -28.32
CA VAL D 324 -1.03 20.62 -27.24
C VAL D 324 -2.33 21.18 -26.64
N TYR D 325 -2.54 22.49 -26.75
CA TYR D 325 -3.71 23.11 -26.14
C TYR D 325 -5.02 22.83 -26.88
N LYS D 326 -4.97 22.29 -28.10
CA LYS D 326 -6.18 21.85 -28.78
C LYS D 326 -6.49 20.37 -28.53
N ASP D 327 -5.64 19.67 -27.79
CA ASP D 327 -5.86 18.27 -27.51
C ASP D 327 -6.99 18.11 -26.50
N PRO D 328 -8.02 17.31 -26.79
CA PRO D 328 -9.13 17.18 -25.84
C PRO D 328 -8.75 16.57 -24.50
N LYS D 329 -7.74 15.71 -24.43
CA LYS D 329 -7.35 15.17 -23.12
C LYS D 329 -6.78 16.25 -22.21
N LEU D 330 -6.14 17.28 -22.75
CA LEU D 330 -5.65 18.35 -21.90
C LEU D 330 -6.79 19.08 -21.21
N LYS D 331 -7.83 19.43 -21.97
CA LYS D 331 -8.98 20.11 -21.39
C LYS D 331 -9.73 19.21 -20.41
N GLU D 332 -9.69 17.90 -20.62
CA GLU D 332 -10.35 16.98 -19.71
C GLU D 332 -9.59 16.92 -18.37
N ALA D 333 -8.26 16.89 -18.43
CA ALA D 333 -7.45 16.76 -17.22
C ALA D 333 -7.34 18.08 -16.47
N ALA D 334 -7.09 19.18 -17.19
CA ALA D 334 -6.88 20.49 -16.58
C ALA D 334 -7.57 21.56 -17.41
N PRO D 335 -8.88 21.76 -17.21
CA PRO D 335 -9.62 22.71 -18.06
C PRO D 335 -9.08 24.12 -18.02
N PHE D 336 -8.55 24.57 -16.88
CA PHE D 336 -8.06 25.95 -16.78
C PHE D 336 -6.87 26.20 -17.68
N MET D 337 -6.09 25.17 -18.00
CA MET D 337 -4.95 25.36 -18.90
C MET D 337 -5.40 25.82 -20.28
N VAL D 338 -6.56 25.40 -20.73
CA VAL D 338 -7.08 25.81 -22.02
C VAL D 338 -7.93 27.08 -21.91
N GLU D 339 -8.86 27.10 -20.95
CA GLU D 339 -9.77 28.23 -20.83
C GLU D 339 -9.06 29.51 -20.40
N LEU D 340 -8.01 29.40 -19.59
CA LEU D 340 -7.26 30.56 -19.12
C LEU D 340 -5.95 30.74 -19.87
N LEU D 341 -5.90 30.30 -21.13
CA LEU D 341 -4.69 30.47 -21.93
C LEU D 341 -4.29 31.93 -22.05
N GLY D 342 -5.29 32.84 -22.05
CA GLY D 342 -4.98 34.26 -22.10
C GLY D 342 -4.15 34.74 -20.93
N VAL D 343 -4.31 34.11 -19.77
CA VAL D 343 -3.48 34.45 -18.61
C VAL D 343 -2.01 34.16 -18.90
N PHE D 344 -1.71 33.01 -19.51
CA PHE D 344 -0.33 32.59 -19.67
C PHE D 344 0.39 33.40 -20.75
N ILE D 345 -0.31 33.71 -21.85
CA ILE D 345 0.33 34.52 -22.88
C ILE D 345 0.53 35.96 -22.44
N ASN D 346 -0.28 36.45 -21.50
CA ASN D 346 -0.21 37.83 -21.03
C ASN D 346 0.60 37.96 -19.75
N ALA D 347 1.10 36.87 -19.19
CA ALA D 347 1.87 36.91 -17.95
C ALA D 347 3.07 37.83 -18.08
N LEU D 348 3.32 38.68 -17.02
CA LEU D 348 4.35 39.69 -17.07
C LEU D 348 5.69 39.14 -16.57
N PRO D 349 6.77 39.45 -17.28
CA PRO D 349 8.08 38.89 -16.91
C PRO D 349 8.77 39.68 -15.83
N ARG D 350 9.57 38.98 -15.04
CA ARG D 350 10.53 39.62 -14.16
C ARG D 350 11.60 40.32 -15.00
N PRO D 351 12.26 41.34 -14.43
CA PRO D 351 13.25 42.12 -15.21
C PRO D 351 14.31 41.25 -15.88
N ARG D 352 14.57 41.55 -17.15
CA ARG D 352 15.51 40.80 -17.98
C ARG D 352 16.90 41.40 -17.85
N VAL D 353 17.64 40.98 -16.83
CA VAL D 353 19.01 41.42 -16.64
C VAL D 353 19.90 40.22 -16.29
N ALA D 354 21.18 40.33 -16.66
CA ALA D 354 22.14 39.28 -16.35
C ALA D 354 22.39 39.13 -14.85
N ASN D 355 22.04 40.15 -14.07
CA ASN D 355 22.20 40.14 -12.62
C ASN D 355 20.85 40.18 -11.90
N TYR D 356 19.85 39.50 -12.46
CA TYR D 356 18.52 39.53 -11.86
C TYR D 356 18.54 38.98 -10.44
N THR D 357 19.30 37.90 -10.21
CA THR D 357 19.34 37.31 -8.88
C THR D 357 19.83 38.30 -7.83
N GLU D 358 20.69 39.24 -8.24
CA GLU D 358 21.10 40.30 -7.32
C GLU D 358 19.98 41.30 -7.09
N VAL D 359 19.25 41.65 -8.16
CA VAL D 359 18.06 42.49 -8.03
C VAL D 359 17.02 41.79 -7.16
N SER D 360 16.80 40.50 -7.40
CA SER D 360 15.81 39.75 -6.63
C SER D 360 16.19 39.70 -5.16
N ASP D 361 17.49 39.57 -4.85
CA ASP D 361 17.92 39.52 -3.47
C ASP D 361 17.54 40.79 -2.72
N VAL D 362 17.66 41.95 -3.37
CA VAL D 362 17.29 43.21 -2.74
C VAL D 362 15.81 43.23 -2.44
N ILE D 363 14.98 42.82 -3.39
CA ILE D 363 13.54 42.79 -3.19
C ILE D 363 13.17 41.80 -2.09
N GLN D 364 13.81 40.64 -2.09
CA GLN D 364 13.54 39.63 -1.06
C GLN D 364 13.81 40.18 0.33
N ARG D 365 14.94 40.86 0.50
CA ARG D 365 15.35 41.31 1.83
C ARG D 365 14.35 42.27 2.45
N TYR D 366 13.97 43.32 1.72
CA TYR D 366 13.15 44.37 2.30
C TYR D 366 11.67 44.02 2.34
N VAL D 367 11.17 43.29 1.34
CA VAL D 367 9.78 42.84 1.39
C VAL D 367 9.56 41.88 2.55
N HIS D 368 10.46 40.90 2.71
CA HIS D 368 10.34 39.97 3.82
C HIS D 368 10.51 40.68 5.15
N ALA D 369 11.38 41.69 5.21
CA ALA D 369 11.53 42.46 6.43
C ALA D 369 10.25 43.16 6.83
N ALA D 370 9.52 43.69 5.83
CA ALA D 370 8.23 44.32 6.12
C ALA D 370 7.21 43.28 6.57
N LEU D 371 7.26 42.08 6.00
CA LEU D 371 6.30 41.04 6.37
C LEU D 371 6.53 40.52 7.79
N THR D 372 7.78 40.59 8.29
CA THR D 372 8.11 40.14 9.63
C THR D 372 8.23 41.28 10.63
N ARG D 373 7.64 42.44 10.33
CA ARG D 373 7.61 43.58 11.26
C ARG D 373 9.01 44.06 11.64
N GLN D 374 9.96 43.98 10.71
CA GLN D 374 11.29 44.54 10.96
C GLN D 374 11.45 45.93 10.37
N THR D 375 10.56 46.33 9.47
CA THR D 375 10.57 47.67 8.90
C THR D 375 9.16 47.99 8.40
N THR D 376 8.97 49.25 8.03
CA THR D 376 7.69 49.68 7.49
C THR D 376 7.67 49.52 5.97
N SER D 377 6.47 49.58 5.39
CA SER D 377 6.34 49.48 3.95
C SER D 377 7.05 50.64 3.23
N GLU D 378 6.99 51.84 3.80
CA GLU D 378 7.65 52.97 3.16
C GLU D 378 9.16 52.82 3.16
N ASP D 379 9.73 52.44 4.30
CA ASP D 379 11.19 52.28 4.37
C ASP D 379 11.66 51.14 3.49
N ALA D 380 10.89 50.06 3.43
CA ALA D 380 11.25 48.94 2.57
C ALA D 380 11.29 49.36 1.11
N ILE D 381 10.21 49.98 0.62
CA ILE D 381 10.17 50.45 -0.76
C ILE D 381 11.26 51.48 -1.02
N LYS D 382 11.48 52.39 -0.06
CA LYS D 382 12.52 53.40 -0.22
C LYS D 382 13.90 52.78 -0.30
N ASN D 383 14.15 51.73 0.49
CA ASN D 383 15.46 51.09 0.48
C ASN D 383 15.67 50.27 -0.79
N ILE D 384 14.60 49.64 -1.30
CA ILE D 384 14.71 48.86 -2.54
C ILE D 384 15.09 49.75 -3.70
N ALA D 385 14.40 50.88 -3.86
CA ALA D 385 14.73 51.77 -4.97
C ALA D 385 16.20 52.15 -4.93
N LYS D 386 16.66 52.59 -3.76
CA LYS D 386 18.02 53.07 -3.57
C LYS D 386 19.08 52.07 -4.04
N GLU D 387 19.02 50.84 -3.54
CA GLU D 387 20.04 49.84 -3.91
C GLU D 387 19.86 49.35 -5.34
N LEU D 388 18.64 49.42 -5.88
CA LEU D 388 18.42 49.08 -7.28
C LEU D 388 19.01 50.16 -8.19
N LYS D 389 18.98 51.41 -7.75
CA LYS D 389 19.54 52.51 -8.51
C LYS D 389 21.05 52.39 -8.68
N PHE D 390 21.73 51.88 -7.65
CA PHE D 390 23.17 51.67 -7.72
C PHE D 390 23.52 50.41 -8.50
N LEU D 391 22.71 49.36 -8.38
CA LEU D 391 23.00 48.13 -9.11
C LEU D 391 22.94 48.34 -10.62
N LEU D 392 22.04 49.19 -11.08
CA LEU D 392 21.82 49.40 -12.50
C LEU D 392 22.32 50.76 -12.96
C1 GLC E . 13.14 0.71 27.56
C2 GLC E . 13.13 1.97 26.71
C3 GLC E . 12.13 2.98 27.24
C4 GLC E . 10.75 2.33 27.43
C5 GLC E . 10.86 0.98 28.14
C6 GLC E . 9.51 0.26 28.10
O1 GLC E . 13.53 1.05 28.88
O2 GLC E . 14.42 2.54 26.69
O3 GLC E . 12.04 4.04 26.31
O4 GLC E . 9.90 3.16 28.21
O5 GLC E . 11.85 0.15 27.57
O6 GLC E . 9.54 -0.85 28.98
C1 GLC E . 9.19 4.20 27.57
C2 GLC E . 9.11 5.40 28.51
C3 GLC E . 8.10 5.16 29.62
C4 GLC E . 6.76 4.78 29.01
C5 GLC E . 6.94 3.56 28.13
C6 GLC E . 5.61 3.18 27.48
O2 GLC E . 10.37 5.64 29.09
O3 GLC E . 7.95 6.32 30.42
O4 GLC E . 5.83 4.53 30.04
O5 GLC E . 7.91 3.77 27.13
O6 GLC E . 5.78 2.02 26.69
C1 GLC F . -29.13 2.86 -22.78
C2 GLC F . -28.73 1.42 -23.08
C3 GLC F . -28.33 0.69 -21.80
C4 GLC F . -27.30 1.50 -21.01
C5 GLC F . -27.68 2.98 -20.91
C6 GLC F . -26.51 3.80 -20.36
O1 GLC F . -30.26 2.89 -21.95
O2 GLC F . -29.81 0.74 -23.69
O3 GLC F . -27.81 -0.56 -22.17
O4 GLC F . -27.16 0.99 -19.70
O5 GLC F . -28.05 3.53 -22.16
O6 GLC F . -26.94 5.09 -20.01
C1 GLC F . -26.31 -0.12 -19.47
C2 GLC F . -26.91 -1.03 -18.40
C3 GLC F . -26.75 -0.41 -17.01
C4 GLC F . -25.28 -0.09 -16.79
C5 GLC F . -24.79 0.85 -17.89
C6 GLC F . -23.30 1.13 -17.69
O2 GLC F . -28.28 -1.24 -18.65
O3 GLC F . -27.19 -1.32 -16.03
O4 GLC F . -25.11 0.49 -15.52
O5 GLC F . -24.99 0.29 -19.17
O6 GLC F . -22.85 2.03 -18.68
C1 GLC G . 5.55 -29.12 4.61
C2 GLC G . 6.56 -29.36 3.48
C3 GLC G . 7.21 -30.73 3.62
C4 GLC G . 7.76 -30.95 5.04
C5 GLC G . 6.76 -30.52 6.10
C6 GLC G . 7.44 -30.51 7.47
O1 GLC G . 4.49 -30.04 4.50
O2 GLC G . 5.92 -29.26 2.24
O3 GLC G . 8.25 -30.82 2.69
O4 GLC G . 8.07 -32.32 5.25
O5 GLC G . 6.20 -29.24 5.86
O6 GLC G . 6.47 -30.39 8.49
C1 GLC G . 9.31 -32.82 4.80
C2 GLC G . 9.14 -34.25 4.30
C3 GLC G . 8.95 -35.23 5.46
C4 GLC G . 10.13 -35.06 6.41
C5 GLC G . 10.22 -33.63 6.90
C6 GLC G . 11.42 -33.46 7.81
O2 GLC G . 8.00 -34.32 3.45
O3 GLC G . 8.90 -36.54 4.98
O4 GLC G . 9.99 -35.95 7.50
O5 GLC G . 10.32 -32.73 5.81
O6 GLC G . 11.51 -32.14 8.28
C1 GLC H . 7.62 23.26 -9.85
C2 GLC H . 6.40 24.12 -10.20
C3 GLC H . 6.84 25.51 -10.65
C4 GLC H . 7.79 26.14 -9.64
C5 GLC H . 8.88 25.16 -9.21
C6 GLC H . 9.67 25.74 -8.03
O1 GLC H . 8.42 23.07 -10.99
O2 GLC H . 5.68 23.49 -11.23
O3 GLC H . 5.67 26.28 -10.79
O4 GLC H . 8.42 27.28 -10.22
O5 GLC H . 8.36 23.90 -8.84
O6 GLC H . 10.84 24.97 -7.82
C1 GLC H . 7.74 28.52 -10.19
C2 GLC H . 8.03 29.29 -11.48
C3 GLC H . 9.45 29.86 -11.46
C4 GLC H . 9.62 30.69 -10.21
C5 GLC H . 9.34 29.83 -8.98
C6 GLC H . 9.48 30.67 -7.70
O2 GLC H . 7.88 28.44 -12.60
O3 GLC H . 9.67 30.66 -12.59
O4 GLC H . 10.93 31.22 -10.15
O5 GLC H . 8.04 29.27 -9.03
O6 GLC H . 9.25 29.86 -6.57
MG MG I . 16.42 -8.02 49.54
MG MG J . -43.81 17.06 -10.75
MG MG K . -14.20 -37.12 15.28
MG MG L . 28.35 14.24 -17.56
#